data_9B7W
#
_entry.id   9B7W
#
_cell.length_a   1.00
_cell.length_b   1.00
_cell.length_c   1.00
_cell.angle_alpha   90.00
_cell.angle_beta   90.00
_cell.angle_gamma   90.00
#
_symmetry.space_group_name_H-M   'P 1'
#
loop_
_entity.id
_entity.type
_entity.pdbx_description
1 polymer 'Capsid protein VP1'
2 polymer 'Fab3-6 heavy chain'
3 polymer 'Fab3-6 light chain'
#
loop_
_entity_poly.entity_id
_entity_poly.type
_entity_poly.pdbx_seq_one_letter_code
_entity_poly.pdbx_strand_id
1 'polypeptide(L)'
;MAADGYLPDWLEDNLSEGIREWWALKPGAPQPKANQQHQDNARGLVLPGYKYLGPGNGLDKGEPVNAADAAALEHDKAYD
QQLKAGDNPYLKYNHADAEFQERLKEDTSFGGNLGRAVFQAKKRLLEPLGLVEEAAKTAPGKKRPVEQSPQEPDSSAGIG
KSGAQPAKKRLNFGQTGDTESVPDPQPIGEPPAAPSGVGSLTMASGGGAPVADNNEGADGVGSSSGNWHCDSQWLGDRVI
TTSTRTWALPTYNNHLYKQISNSTSGGSSNDNAYFGYSTPWGYFDFNRFHCHFSPRDWQRLINNNWGFRPKRLNFKLFNI
QVKEVTDNNGVKTIANNLTSTVQVFTDSDYQLPYVLGSAHEGCLPPFPADVFMIPQYGYLTLNDGSQAVGRSSFYCLEYF
PSQMLRTGNNFQFSYEFENVPFHSSYAHSQSLDRLMNPLIDQYLYYLSKTINGSGQNQQTLKFSVAGPSNMAVQGRNYIP
GPSYRQQRVSTTVTQNNNSEFAWPGASSWALNGRNSLMNPGPAMASHKEGEDRFFPLSGSLIFGKQGTGRDNVDADKVMI
TNEEEIKTTNPVATESYGQVATNHQSAQAQAQTGWVQNQGILPGMVWQDRDVYLQGPIWAKIPHTDGNFHPSPLMGGFGM
KHPPPQILIKNTPVPADPPTAFNKDKLNSFITQYSTGQVSVEIEWELQKENSKRWNPEIQYTSNYYKSNNVEFAVNTEGV
YSEPRPIGTRYLTRNL
;
A,B,C,D,E,F
2 'polypeptide(L)'
;EVQLVESGGGLVQPGGSLRLSCSASGFHFSSYEMNWVRQAPGKGLEWVSYISSSGTYIDYADSVKGRFTISRDNPANSLY
LQMYSLRAEDTAVYYCARRLWFGELPYSYYYGMDVWGQGTTVTVSSA
;
H
3 'polypeptide(L)'
;ALTQPASVSGSPGQSITISCTGTSSDIGGYNYVSWYQQHPGKAPELLIFDVSNRPSGVSNRFSGSKSGNTASLTISGLQA
EDEADYHCCSYTRTSTVIFGGGTKLTVL
;
L
#
# COMPACT_ATOMS: atom_id res chain seq x y z
N LEU A 249 -12.76 41.69 3.16
CA LEU A 249 -12.14 40.50 2.62
C LEU A 249 -11.00 40.83 1.65
N PRO A 250 -9.80 40.96 2.19
CA PRO A 250 -8.63 41.16 1.34
C PRO A 250 -8.28 39.90 0.57
N THR A 251 -7.25 39.98 -0.27
CA THR A 251 -6.75 38.84 -1.03
C THR A 251 -5.50 38.32 -0.36
N TYR A 252 -5.57 37.09 0.16
CA TYR A 252 -4.51 36.51 0.97
C TYR A 252 -3.58 35.67 0.13
N ASN A 253 -2.28 35.75 0.45
CA ASN A 253 -1.27 34.87 -0.11
C ASN A 253 -1.18 34.98 -1.64
N ASN A 254 -1.72 36.05 -2.21
CA ASN A 254 -1.72 36.24 -3.66
C ASN A 254 -2.23 35.00 -4.40
N HIS A 255 -3.39 34.49 -4.00
CA HIS A 255 -4.03 33.33 -4.63
C HIS A 255 -3.17 32.08 -4.54
N LEU A 256 -2.63 31.79 -3.36
CA LEU A 256 -1.74 30.65 -3.20
C LEU A 256 -2.01 29.92 -1.90
N TYR A 257 -1.94 28.59 -1.98
CA TYR A 257 -1.81 27.74 -0.80
C TYR A 257 -0.34 27.70 -0.44
N LYS A 258 -0.02 27.95 0.81
CA LYS A 258 1.37 27.97 1.21
C LYS A 258 1.59 27.15 2.46
N GLN A 259 2.49 26.20 2.36
CA GLN A 259 3.04 25.53 3.52
C GLN A 259 3.67 26.53 4.46
N ILE A 260 3.34 26.40 5.74
CA ILE A 260 3.96 27.20 6.79
C ILE A 260 4.41 26.19 7.83
N SER A 261 5.38 26.57 8.65
CA SER A 261 5.89 25.66 9.65
C SER A 261 6.48 26.44 10.81
N ASN A 262 7.16 25.72 11.70
CA ASN A 262 7.82 26.37 12.82
C ASN A 262 9.04 27.13 12.36
N SER A 263 9.87 26.53 11.51
CA SER A 263 11.07 27.22 11.03
C SER A 263 10.70 28.37 10.12
N THR A 264 9.48 28.37 9.58
CA THR A 264 9.04 29.49 8.76
C THR A 264 8.54 30.63 9.64
N SER A 265 8.35 30.35 10.93
CA SER A 265 8.21 31.44 11.91
C SER A 265 9.54 31.72 12.60
N GLY A 266 10.57 30.93 12.29
CA GLY A 266 11.86 31.02 12.95
C GLY A 266 12.03 30.00 14.06
N GLY A 267 10.92 29.54 14.63
CA GLY A 267 10.91 28.41 15.56
C GLY A 267 11.79 28.50 16.79
N SER A 268 12.68 27.52 16.93
CA SER A 268 13.76 27.41 17.92
C SER A 268 13.34 26.79 19.26
N SER A 269 12.07 26.46 19.47
CA SER A 269 11.70 25.67 20.64
C SER A 269 10.97 24.43 20.17
N ASN A 270 11.21 23.30 20.86
CA ASN A 270 10.63 22.05 20.42
C ASN A 270 9.17 21.94 20.83
N ASP A 271 8.84 22.41 22.04
CA ASP A 271 7.46 22.41 22.49
C ASP A 271 6.58 23.34 21.67
N ASN A 272 7.18 24.26 20.91
CA ASN A 272 6.45 25.18 20.06
C ASN A 272 6.41 24.77 18.60
N ALA A 273 7.06 23.67 18.23
CA ALA A 273 7.19 23.32 16.82
C ALA A 273 5.85 22.94 16.22
N TYR A 274 5.64 23.32 14.97
CA TYR A 274 4.39 23.04 14.29
C TYR A 274 4.64 23.03 12.79
N PHE A 275 3.68 22.45 12.07
CA PHE A 275 3.71 22.32 10.63
C PHE A 275 2.28 22.34 10.14
N GLY A 276 2.05 22.89 8.95
CA GLY A 276 0.70 23.02 8.45
C GLY A 276 0.68 23.84 7.19
N TYR A 277 -0.49 24.37 6.86
CA TYR A 277 -0.64 25.13 5.64
C TYR A 277 -1.42 26.41 5.90
N SER A 278 -1.41 27.30 4.92
CA SER A 278 -2.22 28.51 4.92
C SER A 278 -2.91 28.64 3.57
N THR A 279 -4.14 29.12 3.58
CA THR A 279 -4.97 29.09 2.39
C THR A 279 -5.39 30.50 1.97
N PRO A 280 -5.65 30.70 0.67
CA PRO A 280 -6.12 32.02 0.22
C PRO A 280 -7.53 32.35 0.68
N TRP A 281 -8.28 31.38 1.17
CA TRP A 281 -9.64 31.59 1.62
C TRP A 281 -9.68 32.25 2.99
N GLY A 282 -10.73 33.04 3.22
CA GLY A 282 -11.08 33.50 4.55
C GLY A 282 -12.31 32.79 5.07
N TYR A 283 -12.55 32.94 6.36
CA TYR A 283 -13.72 32.30 6.95
C TYR A 283 -14.56 33.25 7.78
N ARG A 312 -31.57 26.74 15.96
CA ARG A 312 -31.47 27.17 14.56
C ARG A 312 -30.40 28.22 14.37
N LEU A 313 -29.74 28.14 13.22
CA LEU A 313 -28.75 29.12 12.80
C LEU A 313 -29.02 29.46 11.35
N ASN A 314 -29.39 30.71 11.10
CA ASN A 314 -29.64 31.17 9.74
C ASN A 314 -28.54 32.14 9.37
N PHE A 315 -28.23 32.22 8.08
CA PHE A 315 -27.09 32.97 7.61
C PHE A 315 -27.39 33.47 6.22
N LYS A 316 -27.01 34.71 5.93
CA LYS A 316 -27.18 35.28 4.60
C LYS A 316 -26.01 36.19 4.28
N LEU A 317 -25.61 36.14 3.01
CA LEU A 317 -24.52 36.97 2.51
C LEU A 317 -25.04 37.68 1.26
N PHE A 318 -25.17 39.00 1.33
CA PHE A 318 -25.91 39.73 0.31
C PHE A 318 -25.26 41.08 0.04
N ASN A 319 -25.61 41.65 -1.10
CA ASN A 319 -25.13 42.97 -1.52
C ASN A 319 -23.61 43.01 -1.63
N ILE A 320 -23.08 42.10 -2.46
CA ILE A 320 -21.64 41.95 -2.59
C ILE A 320 -21.06 43.08 -3.44
N GLN A 321 -19.82 43.44 -3.15
CA GLN A 321 -19.12 44.51 -3.86
C GLN A 321 -17.70 44.03 -4.17
N VAL A 322 -17.20 44.37 -5.35
CA VAL A 322 -15.85 44.02 -5.78
C VAL A 322 -15.09 45.32 -6.04
N LYS A 323 -14.10 45.61 -5.20
CA LYS A 323 -13.37 46.86 -5.27
C LYS A 323 -11.96 46.62 -5.78
N GLU A 324 -11.70 47.02 -7.02
CA GLU A 324 -10.42 46.81 -7.67
C GLU A 324 -9.53 48.02 -7.47
N VAL A 325 -8.24 47.79 -7.31
CA VAL A 325 -7.33 48.85 -6.92
C VAL A 325 -6.24 49.01 -7.97
N THR A 326 -6.18 50.18 -8.59
CA THR A 326 -5.05 50.52 -9.43
C THR A 326 -4.22 51.60 -8.75
N ASP A 327 -2.92 51.59 -9.00
CA ASP A 327 -2.03 52.62 -8.49
C ASP A 327 -1.31 53.29 -9.66
N ASN A 328 -1.69 54.53 -9.95
CA ASN A 328 -1.01 55.35 -10.95
C ASN A 328 0.01 56.19 -10.22
N ASN A 329 1.29 55.95 -10.50
CA ASN A 329 2.38 56.48 -9.69
C ASN A 329 2.11 56.01 -8.26
N GLY A 330 1.86 56.90 -7.31
CA GLY A 330 1.54 56.50 -5.96
C GLY A 330 0.12 56.74 -5.49
N VAL A 331 -0.81 57.13 -6.36
CA VAL A 331 -2.18 57.40 -5.95
C VAL A 331 -3.01 56.15 -6.21
N LYS A 332 -3.77 55.73 -5.20
CA LYS A 332 -4.59 54.55 -5.35
C LYS A 332 -5.98 54.92 -5.87
N THR A 333 -6.54 54.04 -6.69
CA THR A 333 -7.83 54.27 -7.33
C THR A 333 -8.73 53.07 -7.07
N ILE A 334 -9.80 53.28 -6.30
CA ILE A 334 -10.77 52.24 -6.02
C ILE A 334 -11.86 52.33 -7.07
N ALA A 335 -12.07 51.23 -7.80
CA ALA A 335 -12.96 51.23 -8.95
C ALA A 335 -14.00 50.13 -8.82
N ASN A 336 -15.24 50.48 -9.15
CA ASN A 336 -16.28 49.46 -9.23
C ASN A 336 -15.94 48.47 -10.32
N ASN A 337 -15.92 47.19 -9.97
CA ASN A 337 -15.89 46.13 -10.95
C ASN A 337 -17.20 45.36 -10.80
N LEU A 338 -18.10 45.54 -11.77
CA LEU A 338 -19.39 44.88 -11.72
C LEU A 338 -19.33 43.43 -12.19
N THR A 339 -18.40 43.12 -13.08
CA THR A 339 -18.37 41.83 -13.77
C THR A 339 -17.83 40.70 -12.90
N SER A 340 -16.98 41.00 -11.94
CA SER A 340 -16.24 40.03 -11.16
C SER A 340 -17.16 39.22 -10.26
N THR A 341 -16.63 38.10 -9.78
CA THR A 341 -17.34 37.13 -8.97
C THR A 341 -16.65 36.97 -7.63
N VAL A 342 -17.37 36.35 -6.70
CA VAL A 342 -16.85 35.98 -5.38
C VAL A 342 -17.36 34.57 -5.08
N GLN A 343 -16.55 33.78 -4.40
CA GLN A 343 -16.83 32.38 -4.12
C GLN A 343 -17.16 32.15 -2.65
N VAL A 344 -18.05 31.21 -2.40
CA VAL A 344 -18.32 30.73 -1.05
C VAL A 344 -18.83 29.30 -1.15
N PHE A 345 -18.51 28.50 -0.13
CA PHE A 345 -19.21 27.26 0.15
C PHE A 345 -19.29 27.12 1.66
N THR A 346 -20.15 26.23 2.12
CA THR A 346 -20.13 25.81 3.52
C THR A 346 -19.76 24.35 3.60
N ASP A 347 -19.03 24.00 4.64
CA ASP A 347 -18.65 22.62 4.88
C ASP A 347 -19.61 22.08 5.94
N SER A 348 -20.58 21.32 5.49
CA SER A 348 -21.52 20.64 6.37
C SER A 348 -21.10 19.22 6.67
N ASP A 349 -20.10 18.69 5.96
CA ASP A 349 -19.61 17.36 6.20
C ASP A 349 -18.36 17.34 7.07
N TYR A 350 -17.86 18.51 7.48
CA TYR A 350 -16.75 18.60 8.42
C TYR A 350 -15.52 17.93 7.85
N GLN A 351 -15.42 17.95 6.53
CA GLN A 351 -14.32 17.37 5.80
C GLN A 351 -13.04 18.18 5.91
N LEU A 352 -13.14 19.46 6.17
CA LEU A 352 -12.03 20.37 6.38
C LEU A 352 -11.64 20.43 7.84
N PRO A 353 -10.41 20.82 8.14
CA PRO A 353 -10.04 21.04 9.54
C PRO A 353 -10.84 22.19 10.12
N TYR A 354 -10.98 22.18 11.45
CA TYR A 354 -11.90 23.08 12.15
C TYR A 354 -11.13 23.86 13.20
N VAL A 355 -11.00 25.17 12.98
CA VAL A 355 -10.27 26.06 13.88
C VAL A 355 -11.17 26.88 14.79
N LEU A 356 -12.49 26.79 14.66
CA LEU A 356 -13.36 27.79 15.29
C LEU A 356 -13.47 27.64 16.81
N GLY A 357 -12.88 26.62 17.41
CA GLY A 357 -13.05 26.47 18.84
C GLY A 357 -11.86 26.95 19.65
N SER A 358 -10.93 27.65 19.00
CA SER A 358 -9.66 28.00 19.63
C SER A 358 -9.61 29.43 20.16
N ALA A 359 -10.72 30.17 20.16
CA ALA A 359 -10.77 31.55 20.65
C ALA A 359 -9.92 32.49 19.80
N HIS A 360 -10.15 32.49 18.48
CA HIS A 360 -9.39 33.36 17.60
C HIS A 360 -10.09 34.69 17.35
N GLU A 361 -9.27 35.72 17.19
CA GLU A 361 -9.72 37.05 16.82
C GLU A 361 -10.16 37.07 15.36
N GLY A 362 -11.03 38.01 15.02
CA GLY A 362 -11.61 38.02 13.70
C GLY A 362 -13.08 37.68 13.62
N CYS A 363 -13.73 37.43 14.75
CA CYS A 363 -15.17 37.28 14.78
C CYS A 363 -15.86 38.61 14.48
N LEU A 364 -17.15 38.52 14.19
CA LEU A 364 -18.02 39.68 14.16
C LEU A 364 -17.81 40.52 15.41
N PRO A 365 -17.63 41.84 15.27
CA PRO A 365 -17.11 42.63 16.38
C PRO A 365 -18.17 42.83 17.45
N PRO A 366 -17.79 43.29 18.63
CA PRO A 366 -18.81 43.59 19.65
C PRO A 366 -19.70 44.76 19.28
N PHE A 367 -19.15 45.80 18.61
CA PHE A 367 -19.88 47.04 18.38
C PHE A 367 -20.57 47.00 17.03
N PRO A 368 -21.90 47.18 17.00
CA PRO A 368 -22.66 46.85 15.79
C PRO A 368 -22.37 47.71 14.59
N ALA A 369 -21.73 48.86 14.74
CA ALA A 369 -21.41 49.67 13.58
C ALA A 369 -19.97 49.47 13.10
N ASP A 370 -19.17 48.67 13.79
CA ASP A 370 -17.80 48.40 13.38
C ASP A 370 -17.75 47.62 12.09
N VAL A 371 -16.75 47.92 11.28
CA VAL A 371 -16.46 47.19 10.06
C VAL A 371 -15.20 46.39 10.30
N PHE A 372 -15.23 45.11 9.96
CA PHE A 372 -14.21 44.16 10.35
C PHE A 372 -13.58 43.52 9.12
N MET A 373 -12.43 42.89 9.37
CA MET A 373 -11.65 42.22 8.35
C MET A 373 -11.92 40.73 8.42
N ILE A 374 -12.18 40.11 7.27
CA ILE A 374 -12.39 38.66 7.20
C ILE A 374 -11.05 37.95 7.39
N PRO A 375 -10.91 37.11 8.41
CA PRO A 375 -9.60 36.54 8.75
C PRO A 375 -9.21 35.40 7.82
N GLN A 376 -7.93 35.06 7.87
CA GLN A 376 -7.37 34.05 6.98
C GLN A 376 -7.61 32.64 7.53
N TYR A 377 -7.79 31.69 6.63
CA TYR A 377 -7.94 30.30 7.02
C TYR A 377 -6.72 29.49 6.65
N GLY A 378 -6.29 28.65 7.58
CA GLY A 378 -5.17 27.74 7.40
C GLY A 378 -5.17 26.80 8.58
N TYR A 379 -4.57 25.63 8.37
CA TYR A 379 -4.74 24.57 9.34
C TYR A 379 -3.42 23.86 9.59
N LEU A 380 -3.16 23.60 10.87
CA LEU A 380 -2.03 22.80 11.30
C LEU A 380 -2.32 21.33 11.12
N THR A 381 -1.25 20.56 10.95
CA THR A 381 -1.34 19.12 10.77
C THR A 381 -0.21 18.47 11.54
N LEU A 382 -0.05 17.17 11.37
CA LEU A 382 0.96 16.42 12.12
C LEU A 382 2.36 16.78 11.67
N ASN A 383 3.29 16.75 12.62
CA ASN A 383 4.69 17.03 12.36
C ASN A 383 5.54 16.15 13.26
N ASP A 384 6.83 16.10 12.98
CA ASP A 384 7.84 15.79 13.99
C ASP A 384 8.94 16.83 13.85
N GLY A 385 9.11 17.66 14.86
CA GLY A 385 9.84 18.88 14.61
C GLY A 385 9.07 19.65 13.58
N SER A 386 9.78 20.32 12.66
CA SER A 386 9.14 21.11 11.63
C SER A 386 8.87 20.32 10.36
N GLN A 387 9.27 19.06 10.30
CA GLN A 387 9.01 18.22 9.16
C GLN A 387 7.69 17.49 9.30
N ALA A 388 7.30 16.80 8.26
CA ALA A 388 5.97 16.23 8.17
C ALA A 388 6.02 14.72 7.99
N VAL A 389 5.35 14.02 8.85
CA VAL A 389 5.20 12.59 8.71
C VAL A 389 4.34 12.33 7.47
N GLY A 390 4.41 11.12 6.96
CA GLY A 390 3.65 10.77 5.76
C GLY A 390 2.16 10.80 6.00
N ARG A 391 1.78 11.00 7.26
CA ARG A 391 0.39 11.04 7.67
C ARG A 391 -0.22 12.43 7.59
N SER A 392 0.60 13.47 7.42
CA SER A 392 0.09 14.82 7.25
C SER A 392 -0.82 14.91 6.03
N SER A 393 -1.88 15.69 6.17
CA SER A 393 -2.90 15.82 5.15
C SER A 393 -2.87 17.21 4.54
N PHE A 394 -3.27 17.30 3.28
CA PHE A 394 -3.36 18.56 2.57
C PHE A 394 -4.70 18.65 1.85
N TYR A 395 -5.52 19.62 2.24
CA TYR A 395 -6.85 19.79 1.69
C TYR A 395 -6.86 20.98 0.74
N CYS A 396 -7.37 20.78 -0.47
CA CYS A 396 -7.52 21.85 -1.45
C CYS A 396 -8.98 22.29 -1.48
N LEU A 397 -9.24 23.50 -0.98
CA LEU A 397 -10.61 23.97 -0.88
C LEU A 397 -11.23 24.25 -2.23
N GLU A 398 -10.42 24.49 -3.25
CA GLU A 398 -10.92 24.61 -4.61
C GLU A 398 -11.64 23.36 -5.07
N TYR A 399 -11.50 22.25 -4.34
CA TYR A 399 -11.97 20.95 -4.74
C TYR A 399 -13.35 20.63 -4.16
N PHE A 400 -13.96 21.55 -3.44
CA PHE A 400 -15.39 21.45 -3.20
C PHE A 400 -16.16 22.22 -4.27
N PRO A 401 -17.38 21.84 -4.57
CA PRO A 401 -18.24 22.73 -5.36
C PRO A 401 -18.62 23.94 -4.53
N SER A 402 -18.54 25.12 -5.15
CA SER A 402 -18.80 26.36 -4.45
C SER A 402 -19.71 27.24 -5.30
N GLN A 403 -20.50 28.06 -4.62
CA GLN A 403 -21.43 28.97 -5.25
C GLN A 403 -20.78 30.31 -5.46
N MET A 404 -20.69 30.73 -6.71
CA MET A 404 -19.98 31.96 -7.09
C MET A 404 -20.96 33.11 -7.17
N LEU A 405 -20.69 34.16 -6.39
CA LEU A 405 -21.61 35.28 -6.21
C LEU A 405 -21.07 36.51 -6.95
N ARG A 406 -21.90 37.10 -7.80
CA ARG A 406 -21.67 38.46 -8.26
C ARG A 406 -22.41 39.44 -7.35
N THR A 407 -22.45 40.71 -7.76
CA THR A 407 -23.03 41.75 -6.92
C THR A 407 -24.53 41.56 -6.69
N GLY A 408 -25.24 40.91 -7.61
CA GLY A 408 -26.66 40.71 -7.44
C GLY A 408 -27.04 39.41 -6.80
N ASN A 409 -26.08 38.53 -6.57
CA ASN A 409 -26.33 37.21 -6.03
C ASN A 409 -26.30 37.25 -4.50
N ASN A 410 -27.21 36.49 -3.91
CA ASN A 410 -27.28 36.31 -2.47
C ASN A 410 -27.02 34.84 -2.14
N PHE A 411 -26.51 34.60 -0.93
CA PHE A 411 -26.22 33.27 -0.46
C PHE A 411 -26.82 33.07 0.91
N GLN A 412 -27.56 31.98 1.07
CA GLN A 412 -28.31 31.78 2.31
C GLN A 412 -28.42 30.29 2.60
N PHE A 413 -28.33 29.96 3.88
CA PHE A 413 -28.55 28.59 4.32
C PHE A 413 -28.95 28.66 5.79
N SER A 414 -29.51 27.56 6.27
CA SER A 414 -29.88 27.44 7.67
C SER A 414 -29.13 26.26 8.26
N TYR A 415 -29.06 26.23 9.59
CA TYR A 415 -28.47 25.13 10.33
C TYR A 415 -29.30 24.88 11.57
N GLU A 416 -29.62 23.61 11.81
CA GLU A 416 -30.38 23.19 12.97
C GLU A 416 -29.40 22.66 14.01
N PHE A 417 -29.64 22.99 15.27
CA PHE A 417 -28.73 22.55 16.32
C PHE A 417 -29.16 21.21 16.90
N GLU A 418 -28.18 20.33 17.12
CA GLU A 418 -28.45 19.04 17.74
C GLU A 418 -28.69 19.19 19.24
N ASN A 419 -29.30 18.17 19.82
CA ASN A 419 -29.77 18.26 21.20
C ASN A 419 -28.61 18.49 22.17
N VAL A 420 -28.71 19.58 22.93
CA VAL A 420 -27.63 20.01 23.82
C VAL A 420 -28.24 20.45 25.15
N PRO A 421 -27.50 20.31 26.24
CA PRO A 421 -28.04 20.70 27.55
C PRO A 421 -28.08 22.20 27.74
N PHE A 422 -29.16 22.66 28.38
CA PHE A 422 -29.22 24.04 28.84
C PHE A 422 -28.00 24.34 29.71
N HIS A 423 -27.31 25.43 29.41
CA HIS A 423 -26.19 25.82 30.25
C HIS A 423 -26.69 26.32 31.59
N SER A 424 -25.98 25.94 32.65
CA SER A 424 -26.33 26.36 34.00
C SER A 424 -26.25 27.87 34.13
N GLY A 481 -15.76 16.63 42.96
CA GLY A 481 -15.21 17.17 41.72
C GLY A 481 -13.71 17.01 41.63
N PRO A 482 -13.22 16.68 40.43
CA PRO A 482 -11.80 16.38 40.25
C PRO A 482 -10.94 17.63 40.24
N SER A 483 -9.66 17.43 40.52
CA SER A 483 -8.73 18.54 40.63
C SER A 483 -7.41 18.19 39.98
N TYR A 484 -6.80 19.17 39.33
CA TYR A 484 -5.43 19.08 38.85
C TYR A 484 -4.78 20.37 39.34
N ARG A 485 -3.90 20.30 40.33
CA ARG A 485 -3.59 21.52 41.09
C ARG A 485 -2.83 22.53 40.24
N GLN A 486 -3.26 23.78 40.32
CA GLN A 486 -2.56 24.92 39.74
C GLN A 486 -1.66 25.59 40.76
N GLN A 487 -0.54 26.12 40.28
CA GLN A 487 0.33 26.98 41.08
C GLN A 487 -0.33 28.32 41.37
N ARG A 488 -0.03 28.88 42.54
CA ARG A 488 -0.71 30.07 43.04
C ARG A 488 0.18 31.30 42.88
N VAL A 489 -0.33 32.31 42.18
CA VAL A 489 0.39 33.55 41.94
C VAL A 489 -0.45 34.70 42.44
N SER A 490 0.20 35.70 43.01
CA SER A 490 -0.47 36.83 43.65
C SER A 490 -0.39 38.08 42.78
N THR A 491 -1.44 38.90 42.85
CA THR A 491 -1.42 40.19 42.19
C THR A 491 -0.69 41.24 43.01
N THR A 492 -0.42 40.98 44.28
CA THR A 492 0.49 41.81 45.06
C THR A 492 1.89 41.22 44.97
N VAL A 493 2.77 41.92 44.26
CA VAL A 493 4.03 41.34 43.86
C VAL A 493 4.91 41.02 45.06
N THR A 494 4.91 41.85 46.10
CA THR A 494 5.71 41.55 47.29
C THR A 494 5.32 40.22 47.93
N GLN A 495 4.23 39.62 47.46
CA GLN A 495 3.79 38.34 47.97
C GLN A 495 4.37 37.23 47.10
N ASN A 496 4.64 37.56 45.84
CA ASN A 496 5.20 36.63 44.87
C ASN A 496 6.68 36.32 45.11
N ASN A 497 7.10 35.14 44.65
CA ASN A 497 8.47 34.66 44.77
C ASN A 497 9.44 35.51 43.96
N ASN A 498 10.65 35.74 44.48
CA ASN A 498 11.66 36.50 43.76
C ASN A 498 12.49 35.66 42.79
N SER A 499 11.82 35.07 41.79
CA SER A 499 12.47 34.26 40.78
C SER A 499 11.55 34.13 39.59
N GLU A 500 12.09 33.73 38.43
CA GLU A 500 11.25 33.59 37.24
C GLU A 500 10.62 32.20 37.22
N PHE A 501 9.38 32.11 37.69
CA PHE A 501 8.65 30.86 37.77
C PHE A 501 7.44 30.78 36.85
N ALA A 502 7.36 31.67 35.85
CA ALA A 502 6.24 31.65 34.92
C ALA A 502 6.04 30.27 34.30
N TRP A 503 7.02 29.83 33.51
CA TRP A 503 6.98 28.49 32.91
C TRP A 503 7.40 27.40 33.89
N PRO A 504 8.51 27.53 34.64
CA PRO A 504 8.96 26.40 35.47
C PRO A 504 7.98 25.95 36.52
N GLY A 505 6.99 26.74 36.87
CA GLY A 505 6.15 26.39 38.00
C GLY A 505 4.78 25.87 37.62
N ALA A 506 4.51 25.75 36.34
CA ALA A 506 3.17 25.55 35.84
C ALA A 506 2.83 24.07 35.67
N SER A 507 1.56 23.75 35.91
CA SER A 507 1.06 22.42 35.62
C SER A 507 0.87 22.25 34.12
N SER A 508 1.51 21.23 33.57
CA SER A 508 1.49 21.00 32.14
C SER A 508 1.06 19.58 31.86
N TRP A 509 0.70 19.31 30.61
CA TRP A 509 0.46 17.95 30.16
C TRP A 509 1.26 17.65 28.91
N ALA A 510 2.21 16.74 29.04
CA ALA A 510 3.08 16.33 27.96
C ALA A 510 2.33 15.38 27.04
N LEU A 511 2.39 15.66 25.74
CA LEU A 511 1.74 14.84 24.74
C LEU A 511 2.72 14.61 23.61
N ASN A 512 3.13 13.37 23.40
CA ASN A 512 4.17 13.04 22.43
C ASN A 512 5.48 13.73 22.78
N GLY A 513 5.65 14.05 24.06
CA GLY A 513 6.87 14.63 24.53
C GLY A 513 6.96 16.13 24.40
N ARG A 514 5.90 16.80 23.98
CA ARG A 514 5.85 18.24 23.92
C ARG A 514 5.07 18.77 25.11
N ASN A 515 5.78 19.43 26.02
CA ASN A 515 5.18 20.03 27.20
C ASN A 515 4.09 21.01 26.76
N SER A 516 2.92 20.90 27.36
CA SER A 516 1.79 21.75 27.01
C SER A 516 1.20 22.32 28.29
N LEU A 517 1.29 23.64 28.43
CA LEU A 517 0.67 24.31 29.55
C LEU A 517 -0.79 23.92 29.65
N MET A 518 -1.27 23.72 30.88
CA MET A 518 -2.64 23.27 31.09
C MET A 518 -3.52 24.50 31.20
N ASN A 519 -4.32 24.74 30.16
CA ASN A 519 -5.11 25.94 30.06
C ASN A 519 -6.42 25.65 29.34
N PRO A 520 -7.55 26.17 29.84
CA PRO A 520 -7.85 26.75 31.15
C PRO A 520 -7.92 25.66 32.21
N GLY A 521 -8.07 24.41 31.77
CA GLY A 521 -8.06 23.28 32.67
C GLY A 521 -9.44 22.81 33.02
N PRO A 522 -9.52 21.90 34.00
CA PRO A 522 -10.84 21.52 34.53
C PRO A 522 -11.44 22.64 35.35
N ALA A 523 -12.76 22.61 35.48
CA ALA A 523 -13.46 23.69 36.16
C ALA A 523 -13.22 23.59 37.67
N MET A 524 -12.63 24.64 38.24
CA MET A 524 -12.23 24.63 39.64
C MET A 524 -12.42 26.01 40.21
N ALA A 525 -12.40 26.10 41.54
CA ALA A 525 -12.48 27.39 42.21
C ALA A 525 -11.18 28.15 42.03
N PRO A 536 -4.82 30.01 40.31
CA PRO A 536 -4.98 29.54 38.93
C PRO A 536 -4.00 30.25 38.01
N LEU A 537 -2.73 29.87 38.07
CA LEU A 537 -1.73 30.51 37.26
C LEU A 537 -2.01 30.33 35.78
N SER A 538 -2.40 29.14 35.36
CA SER A 538 -2.71 28.89 33.95
C SER A 538 -4.13 28.44 33.69
N GLY A 539 -4.95 28.40 34.74
CA GLY A 539 -6.32 27.94 34.63
C GLY A 539 -7.45 28.95 34.52
N SER A 540 -7.13 30.23 34.42
CA SER A 540 -8.16 31.27 34.36
C SER A 540 -8.24 32.00 33.04
N LEU A 541 -9.46 32.15 32.52
CA LEU A 541 -9.67 32.88 31.28
C LEU A 541 -9.27 34.32 31.54
N ILE A 542 -8.58 34.94 30.60
CA ILE A 542 -8.14 36.31 30.77
C ILE A 542 -8.41 37.06 29.47
N PHE A 543 -9.12 38.17 29.57
CA PHE A 543 -9.46 38.97 28.42
C PHE A 543 -8.71 40.31 28.49
N GLY A 544 -8.42 40.87 27.33
CA GLY A 544 -7.75 42.16 27.28
C GLY A 544 -8.73 43.32 27.27
N LYS A 545 -8.31 44.41 27.90
CA LYS A 545 -9.09 45.65 27.87
C LYS A 545 -8.89 46.35 26.54
N GLN A 546 -9.85 47.20 26.18
CA GLN A 546 -9.87 47.84 24.86
C GLN A 546 -8.55 48.55 24.58
N GLY A 547 -7.93 48.24 23.45
CA GLY A 547 -6.70 48.87 23.05
C GLY A 547 -5.43 48.26 23.61
N THR A 548 -5.54 47.24 24.46
CA THR A 548 -4.37 46.65 25.11
C THR A 548 -3.36 46.15 24.09
N GLY A 549 -2.08 46.30 24.41
CA GLY A 549 -1.03 45.85 23.51
C GLY A 549 -0.94 44.34 23.43
N ARG A 550 -0.03 43.88 22.56
CA ARG A 550 0.19 42.46 22.33
C ARG A 550 1.10 41.81 23.35
N ASP A 551 2.19 42.45 23.74
CA ASP A 551 3.24 41.77 24.50
C ASP A 551 3.58 42.53 25.78
N ASN A 552 3.84 41.75 26.84
CA ASN A 552 4.45 42.23 28.08
C ASN A 552 3.61 43.32 28.76
N VAL A 553 2.33 43.30 28.45
CA VAL A 553 1.36 44.19 29.08
C VAL A 553 1.34 43.85 30.57
N ASP A 554 0.97 44.83 31.39
CA ASP A 554 0.92 44.55 32.81
C ASP A 554 -0.52 44.28 33.24
N ALA A 555 -0.69 43.98 34.53
CA ALA A 555 -1.97 43.47 35.02
C ALA A 555 -3.13 44.40 34.70
N ASP A 556 -2.90 45.71 34.77
CA ASP A 556 -3.98 46.68 34.57
C ASP A 556 -4.60 46.61 33.18
N LYS A 557 -3.95 45.96 32.22
CA LYS A 557 -4.39 45.98 30.84
C LYS A 557 -5.34 44.85 30.48
N VAL A 558 -5.50 43.86 31.33
CA VAL A 558 -6.27 42.66 31.00
C VAL A 558 -7.23 42.33 32.13
N MET A 559 -8.32 41.66 31.75
CA MET A 559 -9.39 41.29 32.66
C MET A 559 -9.21 39.84 33.05
N ILE A 560 -8.79 39.59 34.29
CA ILE A 560 -8.53 38.25 34.79
C ILE A 560 -9.81 37.74 35.44
N THR A 561 -10.47 36.79 34.79
CA THR A 561 -11.70 36.25 35.32
C THR A 561 -11.39 35.32 36.49
N ASN A 562 -12.41 35.02 37.27
CA ASN A 562 -12.29 34.04 38.33
C ASN A 562 -13.55 33.21 38.42
N GLU A 563 -13.38 31.92 38.75
CA GLU A 563 -14.47 30.97 38.82
C GLU A 563 -14.93 30.65 40.24
N GLU A 564 -14.97 31.66 41.10
CA GLU A 564 -15.42 31.48 42.49
C GLU A 564 -16.91 31.16 42.63
N GLU A 565 -17.71 31.54 41.66
CA GLU A 565 -19.15 31.29 41.69
C GLU A 565 -19.49 29.80 41.73
N ILE A 566 -18.71 28.98 41.03
CA ILE A 566 -18.93 27.54 40.98
C ILE A 566 -18.22 26.77 42.10
N LYS A 567 -17.58 27.50 43.01
CA LYS A 567 -16.82 26.89 44.12
C LYS A 567 -17.62 26.10 45.16
N THR A 568 -18.92 26.30 45.23
CA THR A 568 -19.71 25.57 46.21
C THR A 568 -19.60 24.06 45.99
N THR A 569 -19.67 23.62 44.74
CA THR A 569 -19.58 22.18 44.43
C THR A 569 -18.27 21.78 43.75
N ASN A 570 -17.29 22.66 43.77
CA ASN A 570 -16.01 22.39 43.12
C ASN A 570 -14.82 22.63 44.05
N PRO A 571 -13.68 22.02 43.75
CA PRO A 571 -12.48 22.16 44.60
C PRO A 571 -11.67 23.41 44.33
N VAL A 572 -10.84 23.78 45.29
CA VAL A 572 -9.95 24.94 45.16
C VAL A 572 -8.81 24.59 44.21
N ALA A 573 -8.53 25.49 43.26
CA ALA A 573 -7.47 25.22 42.30
C ALA A 573 -6.10 25.20 42.95
N THR A 574 -5.90 25.98 44.01
CA THR A 574 -4.59 26.07 44.63
C THR A 574 -4.44 25.16 45.84
N GLU A 575 -5.44 24.35 46.15
CA GLU A 575 -5.38 23.47 47.30
C GLU A 575 -5.49 22.01 46.88
N SER A 576 -4.73 21.17 47.57
CA SER A 576 -4.73 19.74 47.31
C SER A 576 -6.10 19.14 47.61
N TYR A 577 -6.51 18.17 46.79
CA TYR A 577 -7.87 17.66 46.86
C TYR A 577 -8.19 17.12 48.24
N GLY A 578 -7.20 16.65 48.97
CA GLY A 578 -7.45 16.01 50.25
C GLY A 578 -6.22 15.32 50.79
N GLN A 579 -6.45 14.32 51.64
CA GLN A 579 -5.38 13.54 52.22
C GLN A 579 -5.69 12.05 52.14
N VAL A 580 -4.64 11.25 52.25
CA VAL A 580 -4.73 9.78 52.21
C VAL A 580 -3.75 9.23 53.23
N ALA A 581 -3.87 7.94 53.50
CA ALA A 581 -2.88 7.26 54.33
C ALA A 581 -1.76 6.73 53.45
N THR A 582 -0.51 6.88 53.92
CA THR A 582 0.62 6.40 53.14
C THR A 582 1.15 5.06 53.61
N ASN A 583 0.62 4.48 54.70
CA ASN A 583 1.22 3.28 55.27
C ASN A 583 0.22 2.60 56.20
N HIS A 584 0.72 1.61 56.93
CA HIS A 584 -0.01 0.95 58.00
C HIS A 584 0.60 1.31 59.34
N GLN A 585 -0.24 1.76 60.26
CA GLN A 585 0.15 1.91 61.65
C GLN A 585 0.45 0.56 62.26
N SER A 586 1.20 0.57 63.36
CA SER A 586 1.51 -0.66 64.07
C SER A 586 1.75 -0.27 65.52
N ALA A 587 2.23 -1.24 66.31
CA ALA A 587 2.77 -0.87 67.61
C ALA A 587 4.02 0.00 67.44
N GLN A 588 4.77 -0.21 66.37
CA GLN A 588 5.99 0.53 66.10
C GLN A 588 5.84 1.65 65.07
N ALA A 589 4.66 1.85 64.49
CA ALA A 589 4.55 2.76 63.36
C ALA A 589 3.44 3.79 63.58
N GLN A 590 3.81 5.06 63.70
CA GLN A 590 2.82 6.12 63.73
C GLN A 590 2.12 6.23 62.39
N ALA A 591 0.87 6.68 62.43
CA ALA A 591 0.13 6.90 61.20
C ALA A 591 0.77 8.02 60.39
N GLN A 592 0.68 7.92 59.07
CA GLN A 592 1.23 8.93 58.17
C GLN A 592 0.22 9.27 57.09
N THR A 593 0.33 10.48 56.55
CA THR A 593 -0.62 10.97 55.55
C THR A 593 0.13 11.58 54.38
N GLY A 594 -0.62 11.84 53.30
CA GLY A 594 -0.07 12.48 52.13
C GLY A 594 -1.13 13.29 51.42
N TRP A 595 -0.68 14.27 50.64
CA TRP A 595 -1.56 15.21 49.97
C TRP A 595 -1.96 14.71 48.59
N VAL A 596 -3.19 15.00 48.19
CA VAL A 596 -3.69 14.63 46.88
C VAL A 596 -3.63 15.85 45.97
N GLN A 597 -2.66 15.85 45.05
CA GLN A 597 -2.49 16.97 44.14
C GLN A 597 -3.46 16.90 42.98
N ASN A 598 -3.85 15.69 42.59
CA ASN A 598 -4.80 15.49 41.52
C ASN A 598 -5.57 14.19 41.74
N GLN A 599 -6.86 14.23 41.39
CA GLN A 599 -7.76 13.10 41.57
C GLN A 599 -8.64 13.00 40.35
N GLY A 600 -8.63 11.84 39.70
CA GLY A 600 -9.53 11.59 38.60
C GLY A 600 -10.95 11.40 39.09
N ILE A 601 -11.84 11.09 38.15
CA ILE A 601 -13.23 10.87 38.48
C ILE A 601 -13.36 9.66 39.38
N LEU A 602 -14.36 9.68 40.24
CA LEU A 602 -14.80 8.60 41.12
C LEU A 602 -16.31 8.50 40.98
N PRO A 603 -16.88 7.31 41.12
CA PRO A 603 -18.33 7.20 40.97
C PRO A 603 -19.04 8.04 42.04
N GLY A 604 -19.99 8.85 41.59
CA GLY A 604 -20.71 9.75 42.46
C GLY A 604 -20.09 11.12 42.66
N MET A 605 -19.32 11.62 41.70
CA MET A 605 -18.86 12.99 41.73
C MET A 605 -19.83 13.92 41.01
N VAL A 606 -20.02 15.10 41.59
CA VAL A 606 -20.80 16.16 40.98
C VAL A 606 -19.87 17.35 40.79
N TRP A 607 -20.09 18.11 39.72
CA TRP A 607 -19.26 19.27 39.44
C TRP A 607 -20.05 20.27 38.61
N GLN A 608 -19.57 21.50 38.61
CA GLN A 608 -20.05 22.55 37.74
C GLN A 608 -19.03 22.81 36.63
N ASP A 609 -19.55 23.16 35.45
CA ASP A 609 -18.71 23.50 34.32
C ASP A 609 -18.31 24.97 34.38
N ARG A 610 -17.51 25.39 33.41
CA ARG A 610 -16.97 26.74 33.40
C ARG A 610 -18.01 27.75 32.97
N ASP A 611 -17.97 28.91 33.62
CA ASP A 611 -18.91 29.98 33.40
C ASP A 611 -18.53 30.75 32.13
N VAL A 612 -19.53 31.04 31.32
CA VAL A 612 -19.32 31.60 30.00
C VAL A 612 -19.67 33.08 30.02
N TYR A 613 -19.00 33.84 29.15
CA TYR A 613 -19.08 35.29 29.11
C TYR A 613 -19.50 35.77 27.73
N LEU A 614 -19.87 37.05 27.64
CA LEU A 614 -20.18 37.61 26.34
C LEU A 614 -18.90 37.93 25.56
N GLN A 615 -17.74 37.85 26.22
CA GLN A 615 -16.49 37.87 25.50
C GLN A 615 -16.13 36.51 24.91
N GLY A 616 -16.57 35.42 25.54
CA GLY A 616 -16.05 34.10 25.27
C GLY A 616 -16.78 33.33 24.19
N PRO A 617 -16.34 32.09 23.96
CA PRO A 617 -16.84 31.30 22.84
C PRO A 617 -18.25 30.76 23.07
N ILE A 618 -18.85 30.30 21.97
CA ILE A 618 -20.14 29.63 22.03
C ILE A 618 -19.97 28.13 21.96
N TRP A 619 -19.54 27.62 20.80
CA TRP A 619 -19.52 26.18 20.56
C TRP A 619 -18.09 25.72 20.27
N ALA A 620 -17.91 24.40 20.33
CA ALA A 620 -16.67 23.75 19.94
C ALA A 620 -17.00 22.48 19.20
N LYS A 621 -16.01 21.90 18.54
CA LYS A 621 -16.21 20.65 17.84
C LYS A 621 -15.55 19.53 18.64
N ILE A 622 -16.31 18.50 18.95
CA ILE A 622 -15.73 17.36 19.67
C ILE A 622 -14.81 16.61 18.72
N PRO A 623 -13.55 16.38 19.09
CA PRO A 623 -12.69 15.58 18.22
C PRO A 623 -13.29 14.20 18.06
N HIS A 624 -13.43 13.77 16.82
CA HIS A 624 -14.07 12.49 16.55
C HIS A 624 -13.14 11.43 17.09
N THR A 625 -13.64 10.63 18.03
CA THR A 625 -12.78 9.74 18.80
C THR A 625 -13.58 8.51 19.22
N ASP A 626 -12.85 7.51 19.69
CA ASP A 626 -13.49 6.34 20.30
C ASP A 626 -14.25 6.73 21.55
N GLY A 627 -13.64 7.49 22.43
CA GLY A 627 -14.33 7.91 23.63
C GLY A 627 -13.84 9.23 24.17
N ASN A 628 -14.73 9.89 24.90
CA ASN A 628 -14.43 11.10 25.64
C ASN A 628 -15.25 11.07 26.93
N PHE A 629 -14.92 11.96 27.86
CA PHE A 629 -15.71 12.07 29.07
C PHE A 629 -16.07 13.52 29.33
N HIS A 630 -17.37 13.76 29.54
CA HIS A 630 -17.95 15.08 29.79
C HIS A 630 -17.50 16.02 28.68
N PRO A 631 -18.10 15.90 27.51
CA PRO A 631 -17.61 16.63 26.32
C PRO A 631 -17.60 18.14 26.44
N SER A 632 -18.21 18.67 27.49
CA SER A 632 -18.30 20.12 27.64
C SER A 632 -16.93 20.76 27.54
N PRO A 633 -16.71 21.66 26.58
CA PRO A 633 -15.36 22.17 26.33
C PRO A 633 -14.83 22.96 27.51
N LEU A 634 -13.57 22.71 27.84
CA LEU A 634 -12.98 23.33 29.01
C LEU A 634 -12.95 24.84 28.93
N MET A 635 -13.17 25.42 27.75
CA MET A 635 -13.33 26.87 27.67
C MET A 635 -14.78 27.32 27.71
N GLY A 636 -15.72 26.42 27.89
CA GLY A 636 -17.10 26.80 28.12
C GLY A 636 -17.91 26.77 26.85
N GLY A 637 -19.22 26.70 27.03
CA GLY A 637 -20.13 26.67 25.90
C GLY A 637 -20.61 25.29 25.55
N PHE A 638 -21.08 25.15 24.32
CA PHE A 638 -21.73 23.94 23.86
C PHE A 638 -20.77 23.15 22.97
N GLY A 639 -20.28 22.02 23.49
CA GLY A 639 -19.55 21.09 22.64
C GLY A 639 -20.53 20.27 21.82
N MET A 640 -20.16 20.00 20.58
CA MET A 640 -21.06 19.35 19.63
C MET A 640 -20.30 18.36 18.76
N LYS A 641 -21.00 17.35 18.27
CA LYS A 641 -20.43 16.48 17.25
C LYS A 641 -20.55 17.09 15.86
N HIS A 642 -21.63 17.79 15.57
CA HIS A 642 -21.80 18.51 14.30
C HIS A 642 -22.02 19.98 14.60
N PRO A 643 -20.96 20.71 14.97
CA PRO A 643 -21.12 22.13 15.25
C PRO A 643 -21.55 22.87 14.01
N PRO A 644 -21.83 24.16 14.08
CA PRO A 644 -22.26 24.89 12.90
C PRO A 644 -21.20 24.85 11.83
N PRO A 645 -21.59 24.77 10.56
CA PRO A 645 -20.61 24.57 9.50
C PRO A 645 -19.59 25.69 9.42
N GLN A 646 -18.49 25.40 8.75
CA GLN A 646 -17.56 26.45 8.38
C GLN A 646 -18.00 27.10 7.09
N ILE A 647 -17.73 28.40 6.95
CA ILE A 647 -18.14 29.15 5.79
C ILE A 647 -16.89 29.82 5.23
N LEU A 648 -16.48 29.38 4.04
CA LEU A 648 -15.22 29.77 3.43
C LEU A 648 -15.48 30.60 2.19
N ILE A 649 -14.67 31.65 2.01
CA ILE A 649 -14.96 32.68 1.02
C ILE A 649 -13.65 33.28 0.52
N LYS A 650 -13.60 33.60 -0.76
CA LYS A 650 -12.43 34.28 -1.31
C LYS A 650 -12.83 35.07 -2.55
N ASN A 651 -11.96 36.01 -2.92
CA ASN A 651 -12.10 36.74 -4.16
C ASN A 651 -11.67 35.85 -5.32
N THR A 652 -12.56 35.63 -6.28
CA THR A 652 -12.18 34.88 -7.46
C THR A 652 -11.06 35.59 -8.21
N PRO A 653 -9.91 34.96 -8.37
CA PRO A 653 -8.79 35.63 -9.05
C PRO A 653 -9.13 35.96 -10.49
N VAL A 654 -8.88 37.23 -10.86
CA VAL A 654 -8.90 37.64 -12.25
C VAL A 654 -7.46 38.01 -12.60
N PRO A 655 -6.87 37.37 -13.60
CA PRO A 655 -5.48 37.68 -13.95
C PRO A 655 -5.33 39.10 -14.48
N ALA A 656 -4.09 39.56 -14.53
CA ALA A 656 -3.74 40.68 -15.37
C ALA A 656 -3.61 40.22 -16.81
N ASP A 657 -3.16 41.11 -17.68
CA ASP A 657 -3.09 40.80 -19.10
C ASP A 657 -2.09 39.68 -19.39
N PRO A 658 -2.54 38.54 -19.88
CA PRO A 658 -1.62 37.44 -20.19
C PRO A 658 -0.78 37.78 -21.41
N PRO A 659 0.33 37.09 -21.61
CA PRO A 659 1.17 37.36 -22.79
C PRO A 659 0.47 36.95 -24.08
N THR A 660 1.13 37.23 -25.19
CA THR A 660 0.55 37.05 -26.52
C THR A 660 0.90 35.72 -27.17
N ALA A 661 1.81 34.95 -26.59
CA ALA A 661 2.12 33.60 -27.02
C ALA A 661 2.05 32.68 -25.81
N PHE A 662 1.65 31.43 -26.03
CA PHE A 662 1.31 30.55 -24.92
C PHE A 662 2.54 30.10 -24.15
N ASN A 663 2.44 30.22 -22.82
CA ASN A 663 3.46 29.74 -21.91
C ASN A 663 2.75 28.94 -20.82
N LYS A 664 3.18 27.68 -20.65
CA LYS A 664 2.48 26.72 -19.82
C LYS A 664 2.49 27.08 -18.33
N ASP A 665 3.38 27.94 -17.90
CA ASP A 665 3.42 28.34 -16.50
C ASP A 665 2.08 28.92 -16.08
N LYS A 666 1.73 28.77 -14.82
CA LYS A 666 0.52 29.43 -14.34
C LYS A 666 0.75 30.93 -14.29
N LEU A 667 -0.36 31.66 -14.23
CA LEU A 667 -0.31 33.13 -14.31
C LEU A 667 -0.15 33.71 -12.92
N ASN A 668 0.97 34.39 -12.68
CA ASN A 668 1.27 34.90 -11.35
C ASN A 668 0.94 36.37 -11.15
N SER A 669 0.45 37.06 -12.19
CA SER A 669 0.16 38.49 -12.09
C SER A 669 -1.34 38.71 -12.09
N PHE A 670 -1.84 39.42 -11.08
CA PHE A 670 -3.26 39.56 -10.85
C PHE A 670 -3.62 40.99 -10.49
N ILE A 671 -4.77 41.43 -11.01
CA ILE A 671 -5.37 42.70 -10.63
C ILE A 671 -5.55 42.74 -9.12
N THR A 672 -5.02 43.80 -8.49
CA THR A 672 -5.26 44.00 -7.08
C THR A 672 -6.76 44.15 -6.83
N GLN A 673 -7.26 43.50 -5.80
CA GLN A 673 -8.70 43.49 -5.58
C GLN A 673 -9.00 43.15 -4.13
N TYR A 674 -10.16 43.59 -3.66
CA TYR A 674 -10.74 43.08 -2.42
C TYR A 674 -12.22 43.41 -2.41
N SER A 675 -12.98 42.68 -1.61
CA SER A 675 -14.42 42.72 -1.70
C SER A 675 -15.04 42.97 -0.34
N THR A 676 -16.28 43.46 -0.35
CA THR A 676 -17.06 43.62 0.86
C THR A 676 -18.55 43.61 0.52
N GLY A 677 -19.35 43.43 1.56
CA GLY A 677 -20.77 43.18 1.36
C GLY A 677 -21.47 43.10 2.70
N GLN A 678 -22.62 42.45 2.71
CA GLN A 678 -23.43 42.38 3.91
C GLN A 678 -23.42 40.97 4.48
N VAL A 679 -23.28 40.89 5.81
CA VAL A 679 -23.12 39.63 6.54
C VAL A 679 -24.09 39.61 7.71
N SER A 680 -25.04 38.68 7.70
CA SER A 680 -26.08 38.64 8.70
C SER A 680 -26.26 37.23 9.25
N VAL A 681 -26.03 37.08 10.56
CA VAL A 681 -26.22 35.81 11.26
C VAL A 681 -27.41 35.93 12.21
N GLU A 682 -28.24 34.90 12.23
CA GLU A 682 -29.46 34.89 13.02
C GLU A 682 -29.55 33.58 13.78
N ILE A 683 -29.53 33.64 15.11
CA ILE A 683 -29.56 32.45 15.95
C ILE A 683 -30.80 32.47 16.82
N GLU A 684 -31.62 31.43 16.73
CA GLU A 684 -32.75 31.22 17.61
C GLU A 684 -32.30 30.46 18.85
N TRP A 685 -32.76 30.89 20.02
CA TRP A 685 -32.26 30.41 21.29
C TRP A 685 -33.38 29.84 22.13
N GLU A 686 -33.03 28.98 23.09
CA GLU A 686 -33.97 28.43 24.03
C GLU A 686 -33.59 28.85 25.44
N LEU A 687 -34.57 28.94 26.32
CA LEU A 687 -34.43 29.66 27.58
C LEU A 687 -34.56 28.74 28.79
N VAL B 420 -34.05 4.09 37.88
CA VAL B 420 -32.96 3.53 38.66
C VAL B 420 -32.82 2.05 38.37
N PRO B 421 -31.58 1.57 38.31
CA PRO B 421 -31.35 0.14 38.06
C PRO B 421 -31.56 -0.68 39.32
N PHE B 422 -31.79 -1.98 39.14
CA PHE B 422 -31.98 -2.90 40.26
C PHE B 422 -30.76 -2.93 41.17
N HIS B 423 -30.98 -2.99 42.48
CA HIS B 423 -29.87 -3.07 43.42
C HIS B 423 -29.21 -4.43 43.22
N SER B 424 -27.88 -4.48 43.27
CA SER B 424 -27.17 -5.75 43.06
C SER B 424 -27.04 -6.55 44.35
N SER B 425 -28.11 -7.23 44.75
CA SER B 425 -28.08 -8.03 45.96
C SER B 425 -27.54 -9.44 45.75
N TYR B 426 -26.27 -9.52 45.38
CA TYR B 426 -25.61 -10.81 45.17
C TYR B 426 -24.10 -10.67 45.26
N ALA B 427 -23.42 -11.80 45.45
CA ALA B 427 -21.97 -11.82 45.53
C ALA B 427 -21.45 -12.61 44.35
N HIS B 428 -20.47 -12.07 43.63
CA HIS B 428 -19.95 -12.74 42.46
C HIS B 428 -19.27 -14.07 42.79
N SER B 429 -19.59 -15.10 42.00
CA SER B 429 -18.99 -16.42 42.15
C SER B 429 -17.50 -16.39 41.86
N GLN B 430 -17.14 -15.63 40.82
CA GLN B 430 -15.74 -15.50 40.39
C GLN B 430 -15.18 -14.14 40.79
N SER B 431 -13.87 -14.01 40.65
CA SER B 431 -13.17 -12.77 40.97
C SER B 431 -12.70 -12.12 39.69
N LEU B 432 -12.55 -10.80 39.76
CA LEU B 432 -12.23 -9.99 38.58
C LEU B 432 -11.04 -10.53 37.80
N ASP B 433 -10.01 -11.00 38.50
CA ASP B 433 -8.78 -11.41 37.84
C ASP B 433 -8.76 -12.88 37.46
N ARG B 434 -9.69 -13.69 37.95
CA ARG B 434 -9.69 -15.13 37.72
C ARG B 434 -10.58 -15.56 36.57
N LEU B 435 -11.09 -14.63 35.76
CA LEU B 435 -12.05 -14.93 34.71
C LEU B 435 -11.51 -15.85 33.61
N MET B 436 -10.24 -16.20 33.64
CA MET B 436 -9.60 -17.02 32.62
C MET B 436 -10.08 -18.47 32.66
N ASN B 437 -9.81 -19.18 31.56
CA ASN B 437 -9.95 -20.65 31.52
C ASN B 437 -8.66 -21.28 32.03
N PRO B 438 -8.71 -22.07 33.11
CA PRO B 438 -7.46 -22.50 33.76
C PRO B 438 -6.68 -23.54 33.00
N LEU B 439 -7.24 -24.22 32.02
CA LEU B 439 -6.54 -25.33 31.40
C LEU B 439 -5.67 -24.92 30.22
N ILE B 440 -5.86 -23.73 29.68
CA ILE B 440 -5.40 -23.39 28.34
C ILE B 440 -4.41 -22.24 28.43
N ASP B 441 -3.42 -22.25 27.55
CA ASP B 441 -2.50 -21.14 27.44
C ASP B 441 -3.12 -19.99 26.64
N GLN B 442 -2.68 -18.79 26.95
CA GLN B 442 -2.92 -17.67 26.05
C GLN B 442 -1.94 -17.68 24.89
N TYR B 443 -2.32 -17.00 23.82
CA TYR B 443 -1.42 -16.75 22.71
C TYR B 443 -0.63 -15.46 22.89
N LEU B 444 -0.72 -14.82 24.04
CA LEU B 444 0.07 -13.63 24.35
C LEU B 444 1.30 -14.01 25.17
N TYR B 445 2.39 -13.29 24.93
CA TYR B 445 3.66 -13.49 25.62
C TYR B 445 3.89 -12.35 26.59
N TYR B 446 4.61 -12.64 27.67
CA TYR B 446 4.94 -11.63 28.66
C TYR B 446 6.44 -11.65 28.86
N LEU B 447 6.97 -10.62 29.52
CA LEU B 447 8.41 -10.46 29.64
C LEU B 447 8.86 -11.12 30.94
N SER B 448 9.56 -12.24 30.82
CA SER B 448 9.85 -13.08 31.98
C SER B 448 11.19 -12.73 32.61
N LYS B 449 12.28 -12.85 31.86
CA LYS B 449 13.63 -12.71 32.40
C LYS B 449 14.40 -11.62 31.67
N THR B 450 14.84 -10.61 32.43
CA THR B 450 15.59 -9.48 31.86
C THR B 450 17.11 -9.53 32.00
N ILE B 451 17.63 -10.31 32.93
CA ILE B 451 19.08 -10.43 33.04
C ILE B 451 19.37 -11.91 32.85
N ASN B 452 20.27 -12.23 31.93
CA ASN B 452 20.57 -13.63 31.65
C ASN B 452 21.17 -14.42 32.81
N GLY B 453 22.15 -13.85 33.49
CA GLY B 453 22.81 -14.52 34.59
C GLY B 453 23.60 -13.52 35.42
N SER B 454 24.10 -13.94 36.58
CA SER B 454 24.89 -13.04 37.40
C SER B 454 26.18 -12.70 36.65
N GLY B 455 26.63 -11.45 36.75
CA GLY B 455 27.82 -11.03 36.05
C GLY B 455 27.76 -9.62 35.51
N GLN B 456 28.49 -9.38 34.44
CA GLN B 456 28.53 -8.06 33.83
C GLN B 456 28.03 -8.18 32.39
N ASN B 457 27.30 -7.16 31.95
CA ASN B 457 26.76 -7.12 30.59
C ASN B 457 25.93 -8.35 30.24
N GLN B 458 25.07 -8.74 31.17
CA GLN B 458 24.21 -9.90 31.02
C GLN B 458 22.75 -9.60 30.67
N GLN B 459 22.41 -8.37 30.35
CA GLN B 459 21.02 -8.07 30.03
C GLN B 459 20.60 -8.86 28.80
N THR B 460 19.44 -9.48 28.85
CA THR B 460 18.95 -10.26 27.71
C THR B 460 17.47 -10.37 27.89
N LEU B 461 16.71 -10.26 26.82
CA LEU B 461 15.26 -10.27 26.91
C LEU B 461 14.70 -11.63 26.50
N LYS B 462 14.11 -12.33 27.46
CA LYS B 462 13.40 -13.56 27.19
C LYS B 462 11.92 -13.29 27.45
N PHE B 463 11.06 -14.02 26.75
CA PHE B 463 9.63 -13.94 26.98
C PHE B 463 9.13 -15.33 27.35
N SER B 464 7.85 -15.43 27.68
CA SER B 464 7.26 -16.71 28.00
C SER B 464 5.76 -16.63 27.82
N VAL B 465 5.13 -17.79 27.62
CA VAL B 465 3.71 -17.80 27.34
C VAL B 465 2.94 -17.59 28.63
N ALA B 466 2.12 -16.55 28.66
CA ALA B 466 1.20 -16.36 29.76
C ALA B 466 0.20 -17.50 29.74
N GLY B 467 -0.06 -18.08 30.91
CA GLY B 467 -0.90 -19.24 31.00
C GLY B 467 -1.16 -19.64 32.43
N PRO B 468 -1.63 -20.87 32.62
CA PRO B 468 -2.01 -21.32 33.97
C PRO B 468 -0.84 -21.39 34.93
N SER B 469 0.35 -21.77 34.45
CA SER B 469 1.48 -21.93 35.34
C SER B 469 1.77 -20.65 36.12
N ASN B 470 1.79 -19.50 35.45
CA ASN B 470 1.85 -18.20 36.12
C ASN B 470 0.63 -17.39 35.68
N MET B 471 -0.33 -17.22 36.58
CA MET B 471 -1.55 -16.51 36.26
C MET B 471 -1.53 -15.06 36.70
N ALA B 472 -0.50 -14.61 37.39
CA ALA B 472 -0.46 -13.22 37.80
C ALA B 472 -0.34 -12.29 36.59
N VAL B 473 0.32 -12.75 35.53
CA VAL B 473 0.74 -11.87 34.45
C VAL B 473 -0.18 -11.89 33.25
N GLN B 474 -1.30 -12.58 33.31
CA GLN B 474 -2.12 -12.67 32.11
C GLN B 474 -2.70 -11.32 31.72
N GLY B 475 -2.82 -11.11 30.41
CA GLY B 475 -3.45 -9.89 29.94
C GLY B 475 -4.95 -9.97 30.11
N ARG B 476 -5.52 -8.88 30.63
CA ARG B 476 -6.91 -8.89 31.06
C ARG B 476 -7.67 -7.73 30.41
N ASN B 477 -8.92 -8.02 30.05
CA ASN B 477 -9.78 -7.04 29.39
C ASN B 477 -10.37 -6.01 30.32
N TYR B 478 -10.41 -6.29 31.62
CA TYR B 478 -11.01 -5.38 32.57
C TYR B 478 -10.16 -5.34 33.82
N ILE B 479 -10.27 -4.26 34.57
CA ILE B 479 -9.39 -4.01 35.70
C ILE B 479 -10.25 -3.65 36.90
N PRO B 480 -9.69 -3.68 38.11
CA PRO B 480 -10.47 -3.31 39.28
C PRO B 480 -10.65 -1.81 39.40
N GLY B 481 -11.80 -1.43 39.94
CA GLY B 481 -12.25 -0.06 39.95
C GLY B 481 -11.45 0.85 40.86
N PRO B 482 -11.97 2.05 41.09
CA PRO B 482 -11.18 3.09 41.73
C PRO B 482 -10.92 2.84 43.22
N SER B 483 -9.97 3.60 43.75
CA SER B 483 -9.48 3.39 45.11
C SER B 483 -9.11 4.73 45.74
N TYR B 484 -9.46 4.89 47.01
CA TYR B 484 -8.99 6.01 47.82
C TYR B 484 -8.59 5.45 49.18
N ARG B 485 -7.29 5.47 49.51
CA ARG B 485 -6.81 4.65 50.62
C ARG B 485 -7.38 5.12 51.95
N GLN B 486 -7.48 4.21 52.91
CA GLN B 486 -7.94 4.46 54.26
C GLN B 486 -6.85 4.08 55.25
N GLN B 487 -7.03 4.48 56.50
CA GLN B 487 -6.16 4.01 57.57
C GLN B 487 -6.59 2.62 58.02
N ARG B 488 -5.63 1.78 58.38
CA ARG B 488 -5.92 0.41 58.75
C ARG B 488 -5.93 0.28 60.28
N ILE B 560 -19.89 -2.35 63.34
CA ILE B 560 -18.95 -2.13 62.25
C ILE B 560 -19.30 -3.03 61.08
N THR B 561 -19.92 -2.46 60.05
CA THR B 561 -20.25 -3.24 58.86
C THR B 561 -19.03 -3.41 57.97
N ASN B 562 -19.06 -4.47 57.16
CA ASN B 562 -17.92 -4.90 56.38
C ASN B 562 -18.34 -5.33 54.98
N GLU B 563 -17.62 -4.84 53.99
CA GLU B 563 -17.97 -4.93 52.57
C GLU B 563 -17.30 -6.09 51.84
N GLU B 564 -16.64 -7.01 52.55
CA GLU B 564 -15.71 -7.94 51.91
C GLU B 564 -16.34 -8.81 50.82
N GLU B 565 -17.66 -8.76 50.63
CA GLU B 565 -18.23 -9.51 49.52
C GLU B 565 -17.81 -8.95 48.18
N ILE B 566 -17.54 -7.65 48.10
CA ILE B 566 -17.21 -6.98 46.84
C ILE B 566 -15.71 -6.93 46.65
N LYS B 567 -14.96 -7.61 47.51
CA LYS B 567 -13.51 -7.68 47.33
C LYS B 567 -13.14 -8.40 46.04
N THR B 568 -14.12 -8.97 45.33
CA THR B 568 -13.82 -9.67 44.09
C THR B 568 -13.56 -8.70 42.95
N THR B 569 -14.42 -7.69 42.78
CA THR B 569 -14.22 -6.64 41.80
C THR B 569 -13.66 -5.34 42.35
N ASN B 570 -13.48 -5.22 43.66
CA ASN B 570 -13.07 -3.90 44.12
C ASN B 570 -11.82 -3.97 44.97
N PRO B 571 -11.01 -2.91 44.98
CA PRO B 571 -9.78 -2.92 45.76
C PRO B 571 -10.08 -2.85 47.25
N VAL B 572 -9.07 -3.17 48.05
CA VAL B 572 -9.23 -3.14 49.49
C VAL B 572 -8.88 -1.75 50.02
N ALA B 573 -9.73 -1.24 50.91
CA ALA B 573 -9.60 0.16 51.34
C ALA B 573 -8.29 0.44 52.06
N THR B 574 -7.78 -0.52 52.83
CA THR B 574 -6.58 -0.29 53.62
C THR B 574 -5.30 -0.60 52.84
N GLU B 575 -5.41 -0.92 51.56
CA GLU B 575 -4.28 -1.35 50.74
C GLU B 575 -4.08 -0.42 49.56
N SER B 576 -2.86 -0.47 49.01
CA SER B 576 -2.51 0.30 47.83
C SER B 576 -3.25 -0.21 46.61
N TYR B 577 -3.45 0.66 45.63
CA TYR B 577 -4.10 0.20 44.40
C TYR B 577 -3.16 -0.67 43.58
N GLY B 578 -1.88 -0.34 43.56
CA GLY B 578 -0.97 -1.00 42.65
C GLY B 578 0.37 -0.30 42.67
N GLN B 579 1.11 -0.45 41.57
CA GLN B 579 2.35 0.31 41.39
C GLN B 579 2.40 0.95 40.03
N VAL B 580 3.32 1.91 39.90
CA VAL B 580 3.61 2.60 38.65
C VAL B 580 5.10 2.83 38.59
N ALA B 581 5.69 2.71 37.41
CA ALA B 581 7.10 3.02 37.26
C ALA B 581 7.33 4.51 37.47
N THR B 582 8.36 4.85 38.24
CA THR B 582 8.64 6.25 38.52
C THR B 582 9.77 6.84 37.69
N ASN B 583 10.42 6.07 36.84
CA ASN B 583 11.51 6.64 36.03
C ASN B 583 11.73 5.78 34.80
N HIS B 584 12.44 6.34 33.83
CA HIS B 584 12.98 5.54 32.76
C HIS B 584 14.18 4.79 33.32
N GLN B 585 14.17 3.48 33.21
CA GLN B 585 15.37 2.73 33.52
C GLN B 585 16.41 2.96 32.45
N SER B 586 17.65 2.64 32.78
CA SER B 586 18.71 2.55 31.79
C SER B 586 19.87 1.82 32.41
N ALA B 587 20.96 1.71 31.66
CA ALA B 587 22.14 1.02 32.16
C ALA B 587 22.65 1.67 33.43
N GLN B 588 22.50 2.99 33.55
CA GLN B 588 23.05 3.67 34.72
C GLN B 588 22.16 3.48 35.94
N ALA B 589 20.86 3.39 35.75
CA ALA B 589 19.91 3.54 36.85
C ALA B 589 18.93 2.38 36.86
N GLN B 590 18.62 1.88 38.06
CA GLN B 590 17.67 0.79 38.18
C GLN B 590 16.25 1.28 38.05
N ALA B 591 15.37 0.38 37.63
CA ALA B 591 13.97 0.68 37.55
C ALA B 591 13.41 0.91 38.94
N GLN B 592 12.44 1.81 39.04
CA GLN B 592 11.82 2.14 40.33
C GLN B 592 10.32 2.19 40.16
N THR B 593 9.61 2.02 41.27
CA THR B 593 8.17 2.06 41.28
C THR B 593 7.69 2.79 42.52
N GLY B 594 6.42 3.11 42.53
CA GLY B 594 5.82 3.78 43.67
C GLY B 594 4.39 3.32 43.83
N TRP B 595 3.84 3.55 45.00
CA TRP B 595 2.51 3.06 45.28
C TRP B 595 1.46 4.04 44.80
N VAL B 596 0.36 3.49 44.29
CA VAL B 596 -0.78 4.30 43.92
C VAL B 596 -1.66 4.39 45.15
N GLN B 597 -1.68 5.54 45.80
CA GLN B 597 -2.45 5.69 47.02
C GLN B 597 -3.91 6.02 46.75
N ASN B 598 -4.16 6.93 45.82
CA ASN B 598 -5.50 7.16 45.32
C ASN B 598 -5.43 6.97 43.81
N GLN B 599 -6.59 6.71 43.20
CA GLN B 599 -6.66 6.43 41.78
C GLN B 599 -8.01 6.89 41.27
N GLY B 600 -8.04 7.40 40.05
CA GLY B 600 -9.27 7.78 39.40
C GLY B 600 -9.70 6.77 38.36
N ILE B 601 -10.89 7.01 37.79
CA ILE B 601 -11.37 6.15 36.73
C ILE B 601 -10.39 6.13 35.58
N LEU B 602 -10.21 4.95 35.01
CA LEU B 602 -9.61 4.67 33.71
C LEU B 602 -10.68 3.90 32.95
N PRO B 603 -10.58 3.79 31.63
CA PRO B 603 -11.50 2.89 30.93
C PRO B 603 -11.29 1.47 31.41
N GLY B 604 -12.29 0.63 31.19
CA GLY B 604 -12.18 -0.77 31.53
C GLY B 604 -12.24 -1.10 33.00
N MET B 605 -12.49 -0.12 33.86
CA MET B 605 -12.75 -0.41 35.26
C MET B 605 -14.19 -0.87 35.46
N VAL B 606 -14.34 -2.00 36.14
CA VAL B 606 -15.61 -2.43 36.70
C VAL B 606 -15.48 -2.36 38.21
N TRP B 607 -16.61 -2.14 38.87
CA TRP B 607 -16.63 -2.01 40.32
C TRP B 607 -18.04 -2.32 40.80
N GLN B 608 -18.15 -2.62 42.10
CA GLN B 608 -19.45 -2.74 42.74
C GLN B 608 -19.76 -1.50 43.56
N SER C 224 -25.69 -36.25 2.87
CA SER C 224 -24.88 -35.41 3.73
C SER C 224 -25.74 -34.45 4.53
N SER C 225 -25.25 -34.05 5.69
CA SER C 225 -25.99 -33.16 6.58
C SER C 225 -25.57 -31.69 6.44
N GLY C 226 -24.66 -31.36 5.54
CA GLY C 226 -24.34 -29.97 5.29
C GLY C 226 -23.26 -29.85 4.24
N ASN C 227 -23.22 -28.67 3.62
CA ASN C 227 -22.29 -28.38 2.54
C ASN C 227 -21.12 -27.57 3.05
N TRP C 228 -20.16 -27.33 2.17
CA TRP C 228 -18.92 -26.65 2.52
C TRP C 228 -19.02 -25.22 2.01
N HIS C 229 -19.12 -24.26 2.94
CA HIS C 229 -19.15 -22.85 2.56
C HIS C 229 -18.00 -22.10 3.21
N CYS C 230 -17.08 -21.62 2.38
CA CYS C 230 -16.11 -20.60 2.77
C CYS C 230 -16.07 -19.58 1.64
N ASP C 231 -16.32 -18.31 1.97
CA ASP C 231 -16.03 -17.18 1.09
C ASP C 231 -16.50 -15.90 1.75
N SER C 232 -16.27 -14.76 1.09
CA SER C 232 -16.76 -13.48 1.57
C SER C 232 -17.44 -12.74 0.42
N GLN C 233 -18.56 -12.12 0.72
CA GLN C 233 -19.31 -11.33 -0.25
C GLN C 233 -19.29 -9.87 0.19
N TRP C 234 -19.01 -8.98 -0.75
CA TRP C 234 -18.90 -7.56 -0.49
C TRP C 234 -20.07 -6.86 -1.15
N LEU C 235 -21.02 -6.40 -0.35
CA LEU C 235 -22.23 -5.78 -0.86
C LEU C 235 -22.39 -4.45 -0.14
N GLY C 236 -22.24 -3.35 -0.87
CA GLY C 236 -22.41 -2.05 -0.28
C GLY C 236 -21.55 -1.88 0.95
N ASP C 237 -22.19 -1.57 2.07
CA ASP C 237 -21.53 -1.41 3.36
C ASP C 237 -21.45 -2.71 4.15
N ARG C 238 -21.86 -3.83 3.58
CA ARG C 238 -21.93 -5.09 4.31
C ARG C 238 -20.84 -6.04 3.86
N VAL C 239 -20.33 -6.82 4.81
CA VAL C 239 -19.38 -7.89 4.54
C VAL C 239 -19.95 -9.16 5.14
N ILE C 240 -19.90 -10.25 4.37
CA ILE C 240 -20.39 -11.54 4.81
C ILE C 240 -19.18 -12.46 4.90
N THR C 241 -18.86 -12.90 6.11
CA THR C 241 -17.68 -13.72 6.32
C THR C 241 -18.08 -15.15 6.63
N THR C 242 -17.79 -16.04 5.69
CA THR C 242 -18.19 -17.44 5.79
C THR C 242 -16.95 -18.31 5.91
N SER C 243 -16.81 -19.00 7.05
CA SER C 243 -15.71 -19.90 7.31
C SER C 243 -16.25 -21.30 7.61
N THR C 244 -15.60 -22.32 7.06
CA THR C 244 -15.94 -23.70 7.35
C THR C 244 -14.68 -24.46 7.77
N ARG C 245 -14.69 -24.97 9.00
CA ARG C 245 -13.53 -25.67 9.55
C ARG C 245 -13.93 -27.07 9.96
N THR C 246 -12.92 -27.92 10.15
CA THR C 246 -13.10 -29.32 10.46
C THR C 246 -12.35 -29.66 11.74
N TRP C 247 -13.08 -30.17 12.73
CA TRP C 247 -12.61 -30.32 14.09
C TRP C 247 -12.52 -31.78 14.48
N ALA C 248 -11.71 -32.06 15.50
CA ALA C 248 -11.61 -33.40 16.06
C ALA C 248 -11.58 -33.31 17.57
N LEU C 249 -12.57 -33.90 18.21
CA LEU C 249 -12.77 -33.77 19.66
C LEU C 249 -12.49 -35.08 20.37
N PRO C 250 -11.55 -35.14 21.30
CA PRO C 250 -11.33 -36.35 22.09
C PRO C 250 -12.17 -36.31 23.36
N THR C 251 -12.02 -37.35 24.17
CA THR C 251 -12.67 -37.38 25.46
C THR C 251 -11.72 -36.85 26.52
N TYR C 252 -12.17 -35.86 27.28
CA TYR C 252 -11.36 -35.23 28.31
C TYR C 252 -11.81 -35.68 29.68
N ASN C 253 -10.85 -35.81 30.60
CA ASN C 253 -11.08 -36.19 31.98
C ASN C 253 -11.64 -37.59 32.13
N ASN C 254 -11.46 -38.45 31.13
CA ASN C 254 -12.05 -39.79 31.14
C ASN C 254 -13.52 -39.74 31.54
N HIS C 255 -14.26 -38.79 30.97
CA HIS C 255 -15.68 -38.59 31.23
C HIS C 255 -15.99 -38.10 32.64
N LEU C 256 -15.18 -37.21 33.22
CA LEU C 256 -15.37 -36.82 34.61
C LEU C 256 -15.25 -35.32 34.83
N TYR C 257 -15.64 -34.89 36.02
CA TYR C 257 -15.32 -33.57 36.55
C TYR C 257 -14.18 -33.71 37.54
N LYS C 258 -13.31 -32.71 37.62
CA LYS C 258 -12.15 -32.80 38.49
C LYS C 258 -11.86 -31.48 39.16
N GLN C 259 -11.65 -31.52 40.47
CA GLN C 259 -10.99 -30.41 41.16
C GLN C 259 -9.61 -30.19 40.57
N ILE C 260 -9.24 -28.91 40.39
CA ILE C 260 -7.90 -28.53 40.02
C ILE C 260 -7.49 -27.35 40.90
N SER C 261 -6.22 -27.34 41.29
CA SER C 261 -5.75 -26.28 42.17
C SER C 261 -4.26 -26.08 41.93
N ASN C 262 -3.69 -25.13 42.66
CA ASN C 262 -2.29 -24.78 42.46
C ASN C 262 -1.36 -25.81 43.06
N SER C 263 -1.82 -26.49 44.12
CA SER C 263 -0.94 -27.32 44.94
C SER C 263 -0.44 -28.54 44.18
N THR C 264 -1.28 -29.12 43.32
CA THR C 264 -0.83 -30.19 42.45
C THR C 264 0.33 -29.75 41.57
N SER C 265 0.14 -28.70 40.79
CA SER C 265 1.22 -28.13 39.99
C SER C 265 2.25 -27.42 40.84
N GLY C 266 1.99 -27.23 42.13
CA GLY C 266 2.97 -26.76 43.09
C GLY C 266 2.74 -25.38 43.68
N GLY C 267 1.90 -24.55 43.06
CA GLY C 267 1.32 -23.39 43.74
C GLY C 267 2.24 -22.55 44.62
N SER C 268 3.41 -22.17 44.11
CA SER C 268 4.40 -21.54 44.98
C SER C 268 4.19 -20.05 45.15
N SER C 269 3.11 -19.51 44.59
CA SER C 269 2.83 -18.08 44.61
C SER C 269 1.44 -17.83 45.19
N ASN C 270 1.32 -16.74 45.97
CA ASN C 270 -0.02 -16.34 46.42
C ASN C 270 -0.78 -15.64 45.31
N ASP C 271 -0.07 -15.08 44.34
CA ASP C 271 -0.74 -14.44 43.21
C ASP C 271 -1.27 -15.46 42.23
N ASN C 272 -0.65 -16.65 42.20
CA ASN C 272 -0.98 -17.72 41.29
C ASN C 272 -1.91 -18.77 41.91
N ALA C 273 -2.42 -18.53 43.12
CA ALA C 273 -3.27 -19.49 43.80
C ALA C 273 -4.66 -19.54 43.20
N TYR C 274 -5.09 -20.76 42.84
CA TYR C 274 -6.40 -20.90 42.19
C TYR C 274 -7.05 -22.20 42.64
N PHE C 275 -8.36 -22.26 42.42
CA PHE C 275 -9.23 -23.40 42.74
C PHE C 275 -10.35 -23.41 41.72
N GLY C 276 -10.74 -24.59 41.26
CA GLY C 276 -11.75 -24.66 40.24
C GLY C 276 -11.84 -26.05 39.66
N TYR C 277 -12.58 -26.18 38.57
CA TYR C 277 -12.95 -27.50 38.05
C TYR C 277 -12.74 -27.55 36.55
N SER C 278 -12.12 -28.64 36.10
CA SER C 278 -12.00 -28.96 34.69
C SER C 278 -13.02 -30.02 34.33
N THR C 279 -13.76 -29.77 33.26
CA THR C 279 -14.94 -30.54 32.89
C THR C 279 -14.61 -31.31 31.62
N PRO C 280 -15.33 -32.40 31.33
CA PRO C 280 -14.96 -33.22 30.17
C PRO C 280 -15.23 -32.54 28.84
N TRP C 281 -16.13 -31.57 28.80
CA TRP C 281 -16.62 -31.00 27.57
C TRP C 281 -15.53 -30.25 26.82
N GLY C 282 -15.76 -30.02 25.54
CA GLY C 282 -15.04 -29.03 24.77
C GLY C 282 -15.93 -27.84 24.49
N TYR C 283 -15.39 -26.89 23.73
CA TYR C 283 -16.18 -25.76 23.28
C TYR C 283 -15.56 -25.18 22.02
N PHE C 284 -16.38 -24.50 21.23
CA PHE C 284 -15.92 -23.81 20.04
C PHE C 284 -15.68 -22.33 20.32
N ASP C 285 -14.57 -21.81 19.80
CA ASP C 285 -14.21 -20.41 19.96
C ASP C 285 -13.75 -19.86 18.62
N PHE C 286 -14.51 -18.91 18.07
CA PHE C 286 -14.13 -18.14 16.87
C PHE C 286 -13.70 -16.70 17.17
N ASN C 287 -13.51 -16.34 18.44
CA ASN C 287 -13.33 -14.96 18.90
C ASN C 287 -12.08 -14.25 18.32
N ARG C 288 -11.21 -14.85 17.54
CA ARG C 288 -10.10 -14.14 16.92
C ARG C 288 -10.40 -13.81 15.46
N PHE C 289 -9.88 -12.66 15.00
CA PHE C 289 -10.21 -12.19 13.65
C PHE C 289 -9.74 -13.12 12.54
N HIS C 290 -8.50 -13.61 12.60
CA HIS C 290 -7.99 -14.37 11.46
C HIS C 290 -8.88 -15.52 11.07
N CYS C 291 -9.77 -15.97 11.95
CA CYS C 291 -10.79 -16.93 11.58
C CYS C 291 -11.63 -16.42 10.40
N HIS C 292 -12.23 -15.25 10.55
CA HIS C 292 -13.28 -14.78 9.66
C HIS C 292 -12.78 -14.08 8.41
N PHE C 293 -11.57 -13.52 8.43
CA PHE C 293 -11.07 -12.69 7.35
C PHE C 293 -9.79 -13.30 6.79
N SER C 294 -9.79 -13.61 5.51
CA SER C 294 -8.55 -13.89 4.83
C SER C 294 -7.64 -12.68 4.91
N PRO C 295 -6.33 -12.89 4.87
CA PRO C 295 -5.43 -11.75 4.85
C PRO C 295 -5.75 -10.74 3.78
N ARG C 296 -6.21 -11.19 2.60
CA ARG C 296 -6.60 -10.23 1.57
C ARG C 296 -7.80 -9.42 2.01
N ASP C 297 -8.88 -10.08 2.41
CA ASP C 297 -10.10 -9.35 2.75
C ASP C 297 -9.87 -8.46 3.97
N TRP C 298 -8.86 -8.78 4.77
CA TRP C 298 -8.46 -7.86 5.81
C TRP C 298 -7.85 -6.60 5.19
N GLN C 299 -6.95 -6.79 4.24
CA GLN C 299 -6.31 -5.66 3.58
C GLN C 299 -7.35 -4.84 2.87
N ARG C 300 -8.30 -5.50 2.23
CA ARG C 300 -9.35 -4.81 1.52
C ARG C 300 -10.16 -3.98 2.49
N LEU C 301 -10.50 -4.56 3.64
CA LEU C 301 -11.26 -3.85 4.63
C LEU C 301 -10.55 -2.65 5.23
N ILE C 302 -9.28 -2.83 5.59
CA ILE C 302 -8.53 -1.74 6.21
C ILE C 302 -8.28 -0.51 5.34
N ASN C 303 -7.90 -0.73 4.10
CA ASN C 303 -7.61 0.34 3.17
C ASN C 303 -8.79 1.21 2.75
N ASN C 304 -9.93 0.58 2.53
CA ASN C 304 -11.12 1.30 2.07
C ASN C 304 -12.19 1.64 3.09
N ASN C 305 -11.99 1.33 4.37
CA ASN C 305 -13.04 1.60 5.35
C ASN C 305 -12.60 2.40 6.57
N TRP C 306 -13.54 3.12 7.16
CA TRP C 306 -13.28 3.92 8.35
C TRP C 306 -13.82 3.29 9.61
N GLY C 307 -14.48 2.14 9.49
CA GLY C 307 -15.00 1.46 10.66
C GLY C 307 -15.82 0.27 10.25
N PHE C 308 -15.99 -0.63 11.20
CA PHE C 308 -16.74 -1.87 10.97
C PHE C 308 -17.25 -2.39 12.29
N ARG C 309 -18.19 -3.33 12.21
CA ARG C 309 -18.82 -3.91 13.39
C ARG C 309 -19.73 -5.06 12.98
N PRO C 310 -19.87 -6.08 13.82
CA PRO C 310 -20.69 -7.24 13.47
C PRO C 310 -22.18 -6.97 13.63
N LYS C 311 -22.97 -7.55 12.73
CA LYS C 311 -24.42 -7.42 12.74
C LYS C 311 -25.12 -8.73 13.10
N ARG C 312 -24.95 -9.76 12.28
CA ARG C 312 -25.62 -11.03 12.47
C ARG C 312 -24.57 -12.12 12.69
N LEU C 313 -25.04 -13.25 13.19
CA LEU C 313 -24.19 -14.42 13.40
C LEU C 313 -24.99 -15.65 13.03
N ASN C 314 -24.37 -16.56 12.29
CA ASN C 314 -25.04 -17.76 11.83
C ASN C 314 -24.06 -18.92 11.95
N PHE C 315 -24.42 -19.91 12.78
CA PHE C 315 -23.54 -21.04 13.06
C PHE C 315 -24.16 -22.41 12.80
N LYS C 316 -23.48 -23.24 12.03
CA LYS C 316 -23.96 -24.57 11.69
C LYS C 316 -22.99 -25.69 12.03
N LEU C 317 -23.50 -26.73 12.67
CA LEU C 317 -22.68 -27.88 13.01
C LEU C 317 -23.22 -29.03 12.17
N PHE C 318 -22.36 -29.69 11.40
CA PHE C 318 -22.80 -30.77 10.52
C PHE C 318 -21.72 -31.79 10.18
N ASN C 319 -22.14 -32.89 9.56
CA ASN C 319 -21.26 -34.01 9.17
C ASN C 319 -20.51 -34.61 10.37
N ILE C 320 -21.23 -34.72 11.48
CA ILE C 320 -20.71 -35.27 12.72
C ILE C 320 -20.34 -36.74 12.57
N GLN C 321 -19.20 -37.13 13.13
CA GLN C 321 -18.74 -38.52 13.11
C GLN C 321 -18.17 -38.87 14.47
N VAL C 322 -18.29 -40.13 14.87
CA VAL C 322 -17.75 -40.58 16.14
C VAL C 322 -16.97 -41.86 15.96
N LYS C 323 -15.66 -41.79 16.20
CA LYS C 323 -14.77 -42.92 16.06
C LYS C 323 -14.49 -43.54 17.42
N GLU C 324 -14.51 -44.87 17.49
CA GLU C 324 -14.18 -45.61 18.70
C GLU C 324 -12.87 -46.34 18.53
N VAL C 325 -12.07 -46.36 19.60
CA VAL C 325 -10.68 -46.81 19.56
C VAL C 325 -10.58 -48.16 20.24
N THR C 326 -9.89 -49.10 19.58
CA THR C 326 -9.58 -50.41 20.15
C THR C 326 -8.10 -50.69 19.88
N ASP C 327 -7.31 -50.81 20.94
CA ASP C 327 -5.88 -51.06 20.82
C ASP C 327 -5.54 -52.37 21.52
N ASN C 328 -5.16 -53.37 20.73
CA ASN C 328 -4.66 -54.65 21.23
C ASN C 328 -3.15 -54.65 21.08
N ASN C 329 -2.45 -54.56 22.21
CA ASN C 329 -0.99 -54.54 22.26
C ASN C 329 -0.53 -53.32 21.45
N GLY C 330 0.25 -53.52 20.37
CA GLY C 330 0.91 -52.38 19.75
C GLY C 330 -0.03 -51.46 18.99
N VAL C 331 -0.78 -51.99 18.03
CA VAL C 331 -1.44 -51.16 17.02
C VAL C 331 -2.93 -51.08 17.32
N LYS C 332 -3.44 -49.86 17.36
CA LYS C 332 -4.86 -49.61 17.49
C LYS C 332 -5.57 -49.67 16.12
N THR C 333 -6.87 -49.93 16.17
CA THR C 333 -7.72 -49.94 14.99
C THR C 333 -8.94 -49.07 15.27
N ILE C 334 -9.16 -48.07 14.41
CA ILE C 334 -10.23 -47.09 14.59
C ILE C 334 -11.31 -47.35 13.55
N ALA C 335 -12.54 -47.61 14.02
CA ALA C 335 -13.64 -47.95 13.14
C ALA C 335 -14.86 -47.10 13.44
N ASN C 336 -15.66 -46.88 12.39
CA ASN C 336 -16.89 -46.10 12.52
C ASN C 336 -17.83 -46.74 13.52
N ASN C 337 -18.26 -45.95 14.49
CA ASN C 337 -19.39 -46.31 15.36
C ASN C 337 -20.55 -45.44 14.93
N LEU C 338 -21.57 -46.06 14.33
CA LEU C 338 -22.64 -45.30 13.71
C LEU C 338 -23.68 -44.80 14.70
N THR C 339 -23.86 -45.50 15.83
CA THR C 339 -24.95 -45.20 16.74
C THR C 339 -24.56 -44.24 17.86
N SER C 340 -23.28 -43.86 17.95
CA SER C 340 -22.86 -42.93 18.98
C SER C 340 -23.53 -41.58 18.78
N THR C 341 -23.63 -40.84 19.88
CA THR C 341 -24.24 -39.52 19.86
C THR C 341 -23.25 -38.48 20.35
N VAL C 342 -23.46 -37.25 19.91
CA VAL C 342 -22.66 -36.10 20.33
C VAL C 342 -23.58 -35.10 21.00
N GLN C 343 -23.19 -34.66 22.20
CA GLN C 343 -23.95 -33.70 23.00
C GLN C 343 -23.40 -32.30 22.79
N VAL C 344 -24.19 -31.44 22.17
CA VAL C 344 -23.74 -30.08 21.90
C VAL C 344 -24.88 -29.09 22.15
N PHE C 345 -24.62 -28.12 23.03
CA PHE C 345 -25.62 -27.10 23.35
C PHE C 345 -24.96 -25.74 23.37
N THR C 346 -25.78 -24.70 23.32
CA THR C 346 -25.33 -23.32 23.40
C THR C 346 -26.02 -22.64 24.57
N ASP C 347 -25.22 -21.94 25.37
CA ASP C 347 -25.74 -21.29 26.56
C ASP C 347 -25.99 -19.84 26.21
N SER C 348 -27.26 -19.50 26.01
CA SER C 348 -27.65 -18.15 25.64
C SER C 348 -28.01 -17.28 26.82
N ASP C 349 -28.19 -17.87 28.00
CA ASP C 349 -28.46 -17.09 29.21
C ASP C 349 -27.21 -16.85 30.02
N TYR C 350 -26.04 -17.31 29.55
CA TYR C 350 -24.76 -17.03 30.19
C TYR C 350 -24.78 -17.46 31.65
N GLN C 351 -25.28 -18.67 31.85
CA GLN C 351 -25.35 -19.31 33.16
C GLN C 351 -24.04 -19.97 33.55
N LEU C 352 -23.27 -20.40 32.60
CA LEU C 352 -21.95 -20.93 32.90
C LEU C 352 -20.94 -19.81 33.05
N PRO C 353 -19.77 -20.11 33.61
CA PRO C 353 -18.63 -19.20 33.46
C PRO C 353 -18.24 -19.07 31.99
N TYR C 354 -17.95 -17.84 31.58
CA TYR C 354 -17.71 -17.49 30.18
C TYR C 354 -16.23 -17.14 30.01
N VAL C 355 -15.47 -18.04 29.39
CA VAL C 355 -14.02 -17.89 29.30
C VAL C 355 -13.55 -17.31 27.98
N LEU C 356 -14.45 -16.89 27.10
CA LEU C 356 -14.02 -16.47 25.77
C LEU C 356 -13.28 -15.14 25.76
N GLY C 357 -13.62 -14.22 26.65
CA GLY C 357 -13.00 -12.91 26.61
C GLY C 357 -11.60 -12.83 27.20
N SER C 358 -10.96 -13.96 27.43
CA SER C 358 -9.64 -13.99 28.05
C SER C 358 -8.51 -14.18 27.05
N ALA C 359 -8.80 -14.32 25.76
CA ALA C 359 -7.77 -14.46 24.73
C ALA C 359 -6.94 -15.73 24.92
N HIS C 360 -7.63 -16.86 24.99
CA HIS C 360 -6.99 -18.14 25.15
C HIS C 360 -6.88 -18.82 23.80
N GLU C 361 -6.10 -19.90 23.77
CA GLU C 361 -5.89 -20.69 22.57
C GLU C 361 -7.06 -21.64 22.31
N GLY C 362 -7.07 -22.29 21.16
CA GLY C 362 -8.14 -23.21 20.84
C GLY C 362 -9.17 -22.72 19.84
N CYS C 363 -8.97 -21.50 19.34
CA CYS C 363 -9.84 -20.92 18.32
C CYS C 363 -9.54 -21.59 16.98
N LEU C 364 -10.49 -21.51 16.04
CA LEU C 364 -10.30 -22.13 14.73
C LEU C 364 -9.07 -21.54 14.08
N PRO C 365 -8.23 -22.42 13.50
CA PRO C 365 -6.97 -22.07 12.85
C PRO C 365 -7.16 -21.05 11.75
N PRO C 366 -6.19 -20.15 11.59
CA PRO C 366 -6.36 -19.12 10.55
C PRO C 366 -6.57 -19.67 9.17
N PHE C 367 -5.95 -20.76 8.86
CA PHE C 367 -5.92 -21.30 7.51
C PHE C 367 -6.90 -22.45 7.41
N PRO C 368 -7.82 -22.44 6.44
CA PRO C 368 -8.93 -23.39 6.45
C PRO C 368 -8.54 -24.85 6.35
N ALA C 369 -7.47 -25.21 5.65
CA ALA C 369 -7.11 -26.61 5.49
C ALA C 369 -6.65 -27.26 6.78
N ASP C 370 -6.30 -26.49 7.79
CA ASP C 370 -5.76 -27.05 9.02
C ASP C 370 -6.89 -27.60 9.89
N VAL C 371 -6.63 -28.73 10.53
CA VAL C 371 -7.58 -29.37 11.43
C VAL C 371 -7.11 -29.12 12.85
N PHE C 372 -8.05 -28.86 13.76
CA PHE C 372 -7.69 -28.45 15.10
C PHE C 372 -8.37 -29.31 16.16
N MET C 373 -7.78 -29.29 17.34
CA MET C 373 -8.26 -30.01 18.50
C MET C 373 -9.06 -29.08 19.38
N ILE C 374 -10.36 -29.36 19.49
CA ILE C 374 -11.27 -28.51 20.25
C ILE C 374 -10.77 -28.39 21.69
N PRO C 375 -10.73 -27.20 22.26
CA PRO C 375 -10.19 -27.02 23.61
C PRO C 375 -11.01 -27.77 24.64
N GLN C 376 -10.44 -27.89 25.84
CA GLN C 376 -11.18 -28.42 26.97
C GLN C 376 -11.68 -27.29 27.85
N TYR C 377 -12.97 -27.33 28.18
CA TYR C 377 -13.57 -26.32 29.03
C TYR C 377 -13.08 -26.49 30.45
N GLY C 378 -13.23 -25.44 31.24
CA GLY C 378 -12.78 -25.41 32.61
C GLY C 378 -13.10 -24.04 33.15
N TYR C 379 -13.10 -23.92 34.46
CA TYR C 379 -13.45 -22.64 35.04
C TYR C 379 -12.81 -22.54 36.41
N LEU C 380 -12.79 -21.32 36.92
CA LEU C 380 -12.17 -21.00 38.19
C LEU C 380 -13.17 -20.26 39.06
N THR C 381 -13.40 -20.78 40.26
CA THR C 381 -14.27 -20.07 41.17
C THR C 381 -13.45 -19.54 42.33
N LEU C 382 -14.11 -18.90 43.30
CA LEU C 382 -13.39 -18.18 44.32
C LEU C 382 -12.58 -19.13 45.19
N ASN C 383 -11.53 -18.59 45.78
CA ASN C 383 -10.60 -19.36 46.58
C ASN C 383 -9.95 -18.44 47.61
N ASP C 384 -9.54 -19.05 48.72
CA ASP C 384 -8.56 -18.46 49.62
C ASP C 384 -7.32 -19.33 49.54
N GLY C 385 -6.26 -18.81 48.93
CA GLY C 385 -5.19 -19.71 48.56
C GLY C 385 -5.79 -20.80 47.70
N SER C 386 -5.31 -22.03 47.89
CA SER C 386 -5.85 -23.18 47.18
C SER C 386 -7.21 -23.62 47.68
N GLN C 387 -7.58 -23.28 48.90
CA GLN C 387 -8.80 -23.76 49.50
C GLN C 387 -10.00 -22.90 49.10
N ALA C 388 -11.15 -23.55 48.98
CA ALA C 388 -12.38 -22.90 48.57
C ALA C 388 -12.93 -22.02 49.68
N VAL C 389 -14.09 -21.40 49.41
CA VAL C 389 -14.90 -20.75 50.43
C VAL C 389 -16.35 -21.08 50.14
N GLY C 390 -17.20 -20.85 51.15
CA GLY C 390 -18.59 -21.25 51.05
C GLY C 390 -19.37 -20.60 49.93
N ARG C 391 -18.89 -19.47 49.43
CA ARG C 391 -19.55 -18.78 48.32
C ARG C 391 -19.02 -19.22 46.96
N SER C 392 -18.13 -20.21 46.92
CA SER C 392 -17.72 -20.80 45.66
C SER C 392 -18.87 -21.54 45.01
N SER C 393 -18.73 -21.82 43.71
CA SER C 393 -19.79 -22.46 42.96
C SER C 393 -19.25 -23.64 42.16
N PHE C 394 -20.15 -24.55 41.81
CA PHE C 394 -19.87 -25.71 40.98
C PHE C 394 -20.95 -25.81 39.92
N TYR C 395 -20.56 -25.73 38.66
CA TYR C 395 -21.50 -25.73 37.55
C TYR C 395 -21.42 -27.05 36.82
N CYS C 396 -22.57 -27.68 36.62
CA CYS C 396 -22.64 -28.97 35.95
C CYS C 396 -23.11 -28.77 34.52
N LEU C 397 -22.20 -28.98 33.57
CA LEU C 397 -22.56 -28.81 32.17
C LEU C 397 -23.55 -29.86 31.70
N GLU C 398 -23.79 -30.88 32.52
CA GLU C 398 -24.80 -31.87 32.21
C GLU C 398 -26.20 -31.38 32.57
N TYR C 399 -26.29 -30.31 33.32
CA TYR C 399 -27.56 -29.82 33.85
C TYR C 399 -28.35 -29.03 32.82
N PHE C 400 -27.73 -28.60 31.79
CA PHE C 400 -28.31 -27.76 30.76
C PHE C 400 -28.80 -28.63 29.59
N PRO C 401 -30.06 -28.46 29.19
CA PRO C 401 -30.58 -29.26 28.08
C PRO C 401 -29.76 -29.05 26.82
N SER C 402 -29.36 -30.17 26.22
CA SER C 402 -28.45 -30.16 25.08
C SER C 402 -28.94 -31.14 24.03
N GLN C 403 -29.16 -30.63 22.83
CA GLN C 403 -29.45 -31.46 21.69
C GLN C 403 -28.37 -32.52 21.52
N MET C 404 -28.78 -33.72 21.14
CA MET C 404 -27.86 -34.82 20.95
C MET C 404 -27.87 -35.21 19.48
N LEU C 405 -26.69 -35.33 18.90
CA LEU C 405 -26.53 -35.44 17.44
C LEU C 405 -25.88 -36.77 17.09
N ARG C 406 -26.46 -37.46 16.11
CA ARG C 406 -25.80 -38.60 15.48
C ARG C 406 -25.29 -38.19 14.11
N THR C 407 -24.69 -39.14 13.40
CA THR C 407 -24.08 -38.85 12.11
C THR C 407 -25.09 -38.41 11.05
N GLY C 408 -26.39 -38.44 11.36
CA GLY C 408 -27.38 -37.83 10.49
C GLY C 408 -27.93 -36.51 10.98
N ASN C 409 -27.36 -35.93 12.03
CA ASN C 409 -27.91 -34.74 12.66
C ASN C 409 -26.99 -33.53 12.43
N ASN C 410 -27.61 -32.35 12.37
CA ASN C 410 -26.88 -31.11 12.21
C ASN C 410 -27.54 -29.99 13.01
N PHE C 411 -26.71 -29.23 13.71
CA PHE C 411 -27.16 -28.23 14.68
C PHE C 411 -26.84 -26.83 14.19
N GLN C 412 -27.86 -26.02 14.02
CA GLN C 412 -27.66 -24.65 13.59
C GLN C 412 -28.41 -23.70 14.52
N PHE C 413 -27.77 -22.58 14.83
CA PHE C 413 -28.49 -21.50 15.47
C PHE C 413 -28.00 -20.21 14.83
N SER C 414 -28.71 -19.12 15.13
CA SER C 414 -28.33 -17.80 14.66
C SER C 414 -28.26 -16.86 15.83
N TYR C 415 -27.65 -15.70 15.60
CA TYR C 415 -27.42 -14.74 16.66
C TYR C 415 -27.38 -13.33 16.07
N GLU C 416 -27.93 -12.39 16.81
CA GLU C 416 -27.95 -10.99 16.42
C GLU C 416 -27.09 -10.21 17.40
N PHE C 417 -26.13 -9.46 16.86
CA PHE C 417 -25.23 -8.67 17.69
C PHE C 417 -25.96 -7.46 18.25
N GLU C 418 -25.68 -7.15 19.52
CA GLU C 418 -26.24 -5.96 20.14
C GLU C 418 -25.50 -4.73 19.65
N ASN C 419 -26.14 -3.57 19.83
CA ASN C 419 -25.57 -2.32 19.33
C ASN C 419 -24.18 -2.09 19.88
N VAL C 420 -23.23 -1.84 18.98
CA VAL C 420 -21.85 -1.57 19.35
C VAL C 420 -21.34 -0.42 18.49
N PRO C 421 -20.37 0.35 19.00
CA PRO C 421 -19.78 1.42 18.18
C PRO C 421 -18.83 0.86 17.14
N PHE C 422 -18.80 1.52 15.98
CA PHE C 422 -17.92 1.14 14.90
C PHE C 422 -16.49 1.23 15.39
N HIS C 423 -15.67 0.24 15.08
CA HIS C 423 -14.28 0.30 15.51
C HIS C 423 -13.65 1.43 14.74
N SER C 424 -12.82 2.22 15.40
CA SER C 424 -12.16 3.31 14.73
C SER C 424 -10.94 2.71 14.07
N SER C 425 -10.85 2.84 12.76
CA SER C 425 -9.74 2.28 12.05
C SER C 425 -9.17 3.36 11.17
N TYR C 426 -8.60 4.37 11.82
CA TYR C 426 -7.98 5.47 11.13
C TYR C 426 -7.03 6.14 12.09
N ALA C 427 -6.06 6.86 11.55
CA ALA C 427 -5.11 7.56 12.38
C ALA C 427 -5.43 9.04 12.24
N HIS C 428 -5.56 9.75 13.35
CA HIS C 428 -5.88 11.15 13.27
C HIS C 428 -4.74 11.90 12.61
N SER C 429 -5.09 12.72 11.62
CA SER C 429 -4.13 13.53 10.88
C SER C 429 -3.47 14.61 11.73
N GLN C 430 -4.26 15.22 12.61
CA GLN C 430 -3.77 16.30 13.47
C GLN C 430 -3.80 15.87 14.92
N SER C 431 -2.82 16.34 15.69
CA SER C 431 -2.74 16.00 17.11
C SER C 431 -3.71 16.79 17.97
N LEU C 432 -3.75 16.47 19.25
CA LEU C 432 -4.69 17.10 20.15
C LEU C 432 -4.30 18.54 20.48
N ASP C 433 -3.02 18.85 20.43
CA ASP C 433 -2.57 20.19 20.82
C ASP C 433 -2.42 21.14 19.64
N ARG C 434 -2.47 20.66 18.40
CA ARG C 434 -2.35 21.49 17.21
C ARG C 434 -3.68 21.84 16.58
N LEU C 435 -4.80 21.62 17.26
CA LEU C 435 -6.11 21.98 16.73
C LEU C 435 -6.23 23.43 16.30
N MET C 436 -5.36 24.32 16.77
CA MET C 436 -5.44 25.76 16.60
C MET C 436 -5.24 26.20 15.15
N ASN C 437 -5.63 27.44 14.87
CA ASN C 437 -5.28 28.06 13.59
C ASN C 437 -3.90 28.70 13.70
N PRO C 438 -2.96 28.33 12.84
CA PRO C 438 -1.59 28.87 12.96
C PRO C 438 -1.46 30.34 12.61
N LEU C 439 -2.45 30.94 11.96
CA LEU C 439 -2.29 32.28 11.41
C LEU C 439 -2.80 33.39 12.31
N ILE C 440 -3.54 33.10 13.37
CA ILE C 440 -4.22 34.13 14.14
C ILE C 440 -3.76 34.04 15.58
N ASP C 441 -3.77 35.17 16.27
CA ASP C 441 -3.63 35.15 17.71
C ASP C 441 -4.96 34.79 18.36
N GLN C 442 -4.88 34.25 19.57
CA GLN C 442 -6.05 34.19 20.42
C GLN C 442 -6.25 35.50 21.17
N TYR C 443 -7.50 35.75 21.54
CA TYR C 443 -7.76 36.88 22.42
C TYR C 443 -7.43 36.59 23.87
N LEU C 444 -7.04 35.37 24.20
CA LEU C 444 -6.71 35.03 25.58
C LEU C 444 -5.28 35.43 25.90
N TYR C 445 -5.01 35.62 27.19
CA TYR C 445 -3.72 36.12 27.67
C TYR C 445 -3.15 35.18 28.73
N TYR C 446 -1.81 35.12 28.79
CA TYR C 446 -1.11 34.24 29.70
C TYR C 446 -0.02 35.02 30.44
N LEU C 447 0.54 34.40 31.48
CA LEU C 447 1.52 35.06 32.33
C LEU C 447 2.93 34.71 31.85
N SER C 448 3.61 35.68 31.24
CA SER C 448 4.92 35.47 30.66
C SER C 448 6.09 35.67 31.64
N LYS C 449 6.05 36.72 32.47
CA LYS C 449 7.22 37.10 33.25
C LYS C 449 6.85 37.32 34.71
N THR C 450 7.58 36.69 35.61
CA THR C 450 7.40 36.98 37.03
C THR C 450 8.46 37.87 37.65
N ILE C 451 9.53 38.24 36.93
CA ILE C 451 10.50 39.21 37.45
C ILE C 451 11.06 40.04 36.30
N ASN C 452 11.53 41.24 36.65
CA ASN C 452 12.07 42.17 35.65
C ASN C 452 13.53 41.89 35.34
N GLY C 453 14.28 41.34 36.28
CA GLY C 453 15.69 41.13 36.05
C GLY C 453 16.41 40.59 37.27
N SER C 454 17.72 40.81 37.28
CA SER C 454 18.57 40.29 38.34
C SER C 454 18.63 41.25 39.52
N GLY C 455 18.25 40.77 40.68
CA GLY C 455 18.45 41.53 41.90
C GLY C 455 17.32 41.26 42.88
N GLN C 456 17.31 42.05 43.93
CA GLN C 456 16.24 42.01 44.92
C GLN C 456 14.96 42.62 44.34
N ASN C 457 13.83 42.20 44.92
CA ASN C 457 12.57 42.91 44.77
C ASN C 457 12.18 43.10 43.32
N GLN C 458 12.35 42.05 42.53
CA GLN C 458 12.00 42.08 41.11
C GLN C 458 10.58 41.63 40.85
N GLN C 459 9.82 41.33 41.91
CA GLN C 459 8.49 40.76 41.77
C GLN C 459 7.61 41.64 40.89
N THR C 460 7.04 41.04 39.86
CA THR C 460 6.21 41.77 38.91
C THR C 460 5.29 40.78 38.19
N LEU C 461 4.27 41.32 37.55
CA LEU C 461 3.31 40.54 36.78
C LEU C 461 3.27 41.06 35.36
N LYS C 462 3.68 40.23 34.41
CA LYS C 462 3.67 40.57 33.01
C LYS C 462 2.79 39.57 32.28
N PHE C 463 2.16 40.02 31.21
CA PHE C 463 1.22 39.17 30.49
C PHE C 463 1.46 39.35 29.00
N SER C 464 0.90 38.45 28.20
CA SER C 464 1.12 38.49 26.77
C SER C 464 -0.01 37.73 26.07
N VAL C 465 -0.17 38.00 24.79
CA VAL C 465 -1.12 37.27 23.96
C VAL C 465 -0.59 35.88 23.68
N ALA C 466 -1.47 34.89 23.72
CA ALA C 466 -1.14 33.55 23.26
C ALA C 466 -1.27 33.50 21.75
N GLY C 467 -0.16 33.21 21.07
CA GLY C 467 -0.12 33.29 19.64
C GLY C 467 0.79 32.26 19.01
N PRO C 468 0.77 32.18 17.69
CA PRO C 468 1.58 31.18 16.98
C PRO C 468 3.05 31.19 17.35
N SER C 469 3.56 32.32 17.85
CA SER C 469 4.91 32.33 18.36
C SER C 469 5.10 31.30 19.47
N ASN C 470 4.30 31.38 20.53
CA ASN C 470 4.33 30.41 21.61
C ASN C 470 3.01 29.67 21.56
N MET C 471 3.02 28.43 21.06
CA MET C 471 1.82 27.62 21.03
C MET C 471 1.70 26.69 22.22
N ALA C 472 2.74 26.56 23.03
CA ALA C 472 2.62 25.73 24.21
C ALA C 472 1.45 26.16 25.06
N VAL C 473 1.20 27.47 25.11
CA VAL C 473 0.35 28.05 26.15
C VAL C 473 -1.06 28.34 25.70
N GLN C 474 -1.40 28.10 24.44
CA GLN C 474 -2.72 28.51 23.98
C GLN C 474 -3.82 27.70 24.66
N GLY C 475 -4.91 28.38 25.00
CA GLY C 475 -6.01 27.72 25.68
C GLY C 475 -6.74 26.75 24.77
N ARG C 476 -6.87 25.51 25.24
CA ARG C 476 -7.42 24.43 24.44
C ARG C 476 -8.65 23.86 25.12
N ASN C 477 -9.66 23.58 24.33
CA ASN C 477 -10.88 22.95 24.81
C ASN C 477 -10.65 21.57 25.41
N TYR C 478 -9.81 20.73 24.77
CA TYR C 478 -9.74 19.32 25.08
C TYR C 478 -8.33 18.94 25.51
N ILE C 479 -8.21 17.85 26.28
CA ILE C 479 -6.94 17.40 26.81
C ILE C 479 -6.82 15.89 26.63
N PRO C 480 -5.61 15.36 26.58
CA PRO C 480 -5.43 13.93 26.31
C PRO C 480 -5.92 13.06 27.45
N GLY C 481 -6.08 11.77 27.13
CA GLY C 481 -6.79 10.83 27.98
C GLY C 481 -6.01 10.39 29.20
N PRO C 482 -6.41 9.26 29.77
CA PRO C 482 -5.75 8.77 30.99
C PRO C 482 -4.39 8.15 30.73
N SER C 483 -3.66 7.94 31.81
CA SER C 483 -2.37 7.28 31.76
C SER C 483 -2.08 6.52 33.05
N TYR C 484 -1.40 5.39 32.91
CA TYR C 484 -0.83 4.65 34.04
C TYR C 484 0.58 4.27 33.59
N ARG C 485 1.62 4.84 34.20
CA ARG C 485 2.92 4.74 33.56
C ARG C 485 3.44 3.31 33.56
N GLN C 486 3.96 2.88 32.42
CA GLN C 486 4.65 1.61 32.26
C GLN C 486 6.16 1.85 32.28
N GLN C 487 6.88 0.86 32.78
CA GLN C 487 8.34 0.93 32.69
C GLN C 487 8.77 0.77 31.25
N ARG C 488 9.98 1.22 30.94
CA ARG C 488 10.44 1.29 29.57
C ARG C 488 11.54 0.27 29.34
N VAL C 489 11.35 -0.58 28.33
CA VAL C 489 12.28 -1.64 27.99
C VAL C 489 12.78 -1.33 26.58
N SER C 490 14.08 -1.52 26.35
CA SER C 490 14.64 -1.32 25.02
C SER C 490 14.86 -2.64 24.31
N THR C 491 14.67 -2.64 22.99
CA THR C 491 14.90 -3.86 22.24
C THR C 491 16.36 -4.02 21.91
N THR C 492 17.18 -3.05 22.30
CA THR C 492 18.63 -3.25 22.32
C THR C 492 19.06 -3.54 23.74
N VAL C 493 19.49 -4.77 23.98
CA VAL C 493 19.51 -5.29 25.33
C VAL C 493 20.59 -4.62 26.16
N THR C 494 21.48 -3.85 25.52
CA THR C 494 22.57 -3.26 26.28
C THR C 494 22.22 -1.86 26.76
N GLN C 495 21.05 -1.37 26.41
CA GLN C 495 20.59 -0.11 26.99
C GLN C 495 19.75 -0.36 28.22
N ASN C 496 19.39 -1.61 28.47
CA ASN C 496 18.60 -1.96 29.64
C ASN C 496 19.53 -2.16 30.84
N ASN C 497 19.00 -1.92 32.03
CA ASN C 497 19.76 -2.05 33.27
C ASN C 497 20.19 -3.49 33.52
N ASN C 498 21.37 -3.68 34.09
CA ASN C 498 21.87 -5.02 34.36
C ASN C 498 21.33 -5.59 35.68
N SER C 499 20.04 -5.89 35.70
CA SER C 499 19.38 -6.44 36.87
C SER C 499 18.10 -7.13 36.46
N GLU C 500 17.55 -7.95 37.35
CA GLU C 500 16.31 -8.65 37.06
C GLU C 500 15.13 -7.77 37.45
N PHE C 501 14.79 -6.84 36.57
CA PHE C 501 13.70 -5.92 36.84
C PHE C 501 12.42 -6.31 36.13
N ALA C 502 12.38 -7.50 35.55
CA ALA C 502 11.20 -7.92 34.80
C ALA C 502 9.95 -7.97 35.64
N TRP C 503 10.02 -8.50 36.86
CA TRP C 503 8.84 -8.55 37.70
C TRP C 503 8.72 -7.37 38.69
N PRO C 504 9.83 -7.04 39.36
CA PRO C 504 9.81 -5.92 40.32
C PRO C 504 9.52 -4.58 39.69
N GLY C 505 10.13 -4.33 38.54
CA GLY C 505 9.95 -3.09 37.80
C GLY C 505 8.59 -2.80 37.21
N ALA C 506 7.93 -3.83 36.69
CA ALA C 506 6.65 -3.68 36.02
C ALA C 506 5.48 -3.22 36.88
N SER C 507 4.58 -2.46 36.26
CA SER C 507 3.38 -1.97 36.92
C SER C 507 2.48 -3.16 37.20
N SER C 508 1.75 -3.11 38.29
CA SER C 508 0.90 -4.24 38.66
C SER C 508 -0.18 -3.75 39.60
N TRP C 509 -1.39 -4.24 39.41
CA TRP C 509 -2.51 -3.90 40.28
C TRP C 509 -2.81 -5.06 41.22
N ALA C 510 -3.27 -4.72 42.42
CA ALA C 510 -3.47 -5.70 43.48
C ALA C 510 -4.96 -5.87 43.76
N LEU C 511 -5.36 -7.12 44.00
CA LEU C 511 -6.76 -7.44 44.27
C LEU C 511 -6.82 -8.50 45.35
N ASN C 512 -7.57 -8.23 46.42
CA ASN C 512 -7.77 -9.15 47.54
C ASN C 512 -6.44 -9.73 48.04
N GLY C 513 -5.42 -8.88 48.09
CA GLY C 513 -4.12 -9.29 48.55
C GLY C 513 -3.26 -9.97 47.51
N ARG C 514 -3.85 -10.46 46.43
CA ARG C 514 -3.10 -11.00 45.30
C ARG C 514 -2.62 -9.86 44.41
N ASN C 515 -1.32 -9.79 44.20
CA ASN C 515 -0.75 -8.94 43.18
C ASN C 515 -1.10 -9.51 41.82
N SER C 516 -1.23 -8.66 40.82
CA SER C 516 -1.44 -9.08 39.46
C SER C 516 -0.84 -8.03 38.54
N LEU C 517 -0.24 -8.46 37.44
CA LEU C 517 0.41 -7.52 36.56
C LEU C 517 -0.63 -6.60 35.94
N MET C 518 -0.21 -5.40 35.53
CA MET C 518 -1.08 -4.56 34.71
C MET C 518 -0.72 -4.88 33.26
N ASN C 519 -1.60 -5.60 32.60
CA ASN C 519 -1.39 -5.97 31.23
C ASN C 519 -2.72 -6.06 30.53
N PRO C 520 -2.83 -5.49 29.33
CA PRO C 520 -1.97 -4.48 28.73
C PRO C 520 -2.11 -3.11 29.38
N GLY C 521 -3.25 -2.84 29.99
CA GLY C 521 -3.46 -1.57 30.65
C GLY C 521 -4.31 -0.63 29.83
N PRO C 522 -4.37 0.64 30.25
CA PRO C 522 -5.11 1.62 29.45
C PRO C 522 -4.44 1.79 28.10
N ALA C 523 -5.22 2.25 27.13
CA ALA C 523 -4.68 2.35 25.78
C ALA C 523 -3.79 3.57 25.69
N MET C 524 -2.52 3.34 25.42
CA MET C 524 -1.54 4.42 25.39
C MET C 524 -0.54 4.15 24.28
N ALA C 525 -0.08 5.24 23.67
CA ALA C 525 0.96 5.17 22.67
C ALA C 525 2.15 4.41 23.21
N SER C 526 2.81 3.66 22.34
CA SER C 526 3.86 2.78 22.80
C SER C 526 5.13 3.55 23.13
N HIS C 527 5.41 4.61 22.40
CA HIS C 527 6.67 5.32 22.54
C HIS C 527 6.50 6.70 21.95
N LYS C 528 7.41 7.61 22.32
CA LYS C 528 7.40 8.92 21.70
C LYS C 528 7.75 8.80 20.22
N GLU C 529 7.43 9.84 19.47
CA GLU C 529 7.73 9.87 18.05
C GLU C 529 9.23 9.78 17.82
N GLY C 530 9.63 8.80 17.03
CA GLY C 530 11.02 8.64 16.68
C GLY C 530 11.81 7.67 17.50
N GLU C 531 11.19 7.07 18.51
CA GLU C 531 11.88 6.12 19.38
C GLU C 531 11.25 4.75 19.27
N ASP C 532 11.75 3.93 18.36
CA ASP C 532 11.18 2.60 18.15
C ASP C 532 11.86 1.43 18.85
N ARG C 533 12.94 1.65 19.59
CA ARG C 533 13.53 0.51 20.27
C ARG C 533 12.94 0.33 21.65
N PHE C 534 12.02 1.21 22.03
CA PHE C 534 11.42 1.14 23.35
C PHE C 534 10.02 0.57 23.25
N PHE C 535 9.67 -0.29 24.19
CA PHE C 535 8.31 -0.75 24.27
C PHE C 535 7.96 -0.82 25.75
N PRO C 536 6.73 -0.48 26.11
CA PRO C 536 6.35 -0.52 27.52
C PRO C 536 6.37 -1.95 28.04
N LEU C 537 6.97 -2.13 29.21
CA LEU C 537 7.30 -3.44 29.73
C LEU C 537 6.13 -4.42 29.65
N SER C 538 5.05 -4.14 30.38
CA SER C 538 3.88 -5.00 30.35
C SER C 538 2.76 -4.49 29.46
N GLY C 539 2.91 -3.33 28.83
CA GLY C 539 1.76 -2.65 28.30
C GLY C 539 1.44 -2.90 26.85
N SER C 540 1.91 -4.01 26.28
CA SER C 540 1.75 -4.27 24.86
C SER C 540 0.95 -5.55 24.66
N LEU C 541 0.41 -5.69 23.45
CA LEU C 541 0.00 -7.01 23.00
C LEU C 541 1.14 -7.64 22.23
N ILE C 542 1.77 -8.64 22.81
CA ILE C 542 2.89 -9.33 22.20
C ILE C 542 2.40 -10.67 21.71
N PHE C 543 2.23 -10.80 20.40
CA PHE C 543 1.90 -12.07 19.78
C PHE C 543 3.18 -12.87 19.65
N GLY C 544 3.12 -13.95 18.90
CA GLY C 544 4.30 -14.76 18.67
C GLY C 544 4.27 -15.39 17.30
N LYS C 545 5.46 -15.64 16.78
CA LYS C 545 5.62 -16.14 15.44
C LYS C 545 5.28 -17.63 15.36
N GLN C 546 4.98 -18.10 14.17
CA GLN C 546 4.73 -19.52 13.97
C GLN C 546 5.94 -20.35 14.37
N GLY C 547 5.71 -21.34 15.23
CA GLY C 547 6.76 -22.20 15.70
C GLY C 547 7.37 -21.80 17.02
N THR C 548 7.01 -20.65 17.56
CA THR C 548 7.62 -20.12 18.76
C THR C 548 7.51 -21.12 19.91
N GLY C 549 8.59 -21.25 20.68
CA GLY C 549 8.56 -22.12 21.83
C GLY C 549 7.58 -21.63 22.87
N ARG C 550 7.41 -22.42 23.93
CA ARG C 550 6.52 -22.00 25.00
C ARG C 550 7.21 -21.09 26.00
N ASP C 551 8.46 -21.37 26.34
CA ASP C 551 9.09 -20.75 27.50
C ASP C 551 10.49 -20.22 27.19
N ASN C 552 10.78 -19.02 27.71
CA ASN C 552 12.06 -18.33 27.55
C ASN C 552 12.52 -18.30 26.09
N VAL C 553 11.64 -17.79 25.23
CA VAL C 553 11.97 -17.63 23.83
C VAL C 553 12.64 -16.27 23.61
N ASP C 554 13.58 -16.23 22.68
CA ASP C 554 14.34 -15.02 22.44
C ASP C 554 13.41 -13.92 21.94
N ALA C 555 13.88 -12.67 22.04
CA ALA C 555 12.99 -11.54 21.82
C ALA C 555 12.54 -11.44 20.37
N ASP C 556 13.29 -12.03 19.44
CA ASP C 556 12.88 -11.96 18.04
C ASP C 556 12.05 -13.16 17.64
N LYS C 557 11.67 -14.00 18.59
CA LYS C 557 10.72 -15.06 18.28
C LYS C 557 9.29 -14.57 18.46
N VAL C 558 9.11 -13.37 18.99
CA VAL C 558 7.79 -12.86 19.33
C VAL C 558 7.53 -11.61 18.51
N MET C 559 6.26 -11.25 18.36
CA MET C 559 5.90 -10.04 17.64
C MET C 559 5.26 -9.06 18.61
N ILE C 560 5.73 -7.82 18.60
CA ILE C 560 5.30 -6.82 19.55
C ILE C 560 4.48 -5.78 18.83
N THR C 561 3.23 -5.62 19.23
CA THR C 561 2.42 -4.59 18.62
C THR C 561 2.73 -3.23 19.24
N ASN C 562 2.52 -2.18 18.45
CA ASN C 562 2.66 -0.82 18.92
C ASN C 562 1.42 -0.01 18.58
N GLU C 563 0.99 0.78 19.53
CA GLU C 563 -0.23 1.56 19.39
C GLU C 563 0.04 2.97 18.91
N GLU C 564 1.25 3.28 18.46
CA GLU C 564 1.65 4.67 18.32
C GLU C 564 0.66 5.51 17.52
N GLU C 565 -0.19 4.91 16.70
CA GLU C 565 -1.10 5.71 15.88
C GLU C 565 -1.97 6.64 16.72
N ILE C 566 -2.13 6.35 18.01
CA ILE C 566 -3.01 7.11 18.89
C ILE C 566 -2.23 8.22 19.58
N LYS C 567 -0.90 8.23 19.39
CA LYS C 567 -0.04 9.11 20.16
C LYS C 567 -0.47 10.56 20.10
N THR C 568 -1.21 10.93 19.06
CA THR C 568 -1.78 12.27 18.99
C THR C 568 -2.69 12.54 20.15
N THR C 569 -3.72 11.71 20.34
CA THR C 569 -4.67 11.89 21.43
C THR C 569 -4.20 11.33 22.77
N ASN C 570 -3.41 10.28 22.78
CA ASN C 570 -3.22 9.64 24.08
C ASN C 570 -1.78 9.80 24.54
N PRO C 571 -1.55 9.93 25.83
CA PRO C 571 -0.19 10.09 26.32
C PRO C 571 0.63 8.87 26.01
N VAL C 572 1.95 9.03 26.04
CA VAL C 572 2.84 7.89 25.86
C VAL C 572 2.86 7.07 27.14
N ALA C 573 2.98 5.74 27.00
CA ALA C 573 2.88 4.87 28.16
C ALA C 573 4.08 4.97 29.07
N THR C 574 5.26 5.29 28.54
CA THR C 574 6.48 5.31 29.34
C THR C 574 6.84 6.70 29.85
N GLU C 575 5.98 7.69 29.67
CA GLU C 575 6.26 9.05 30.06
C GLU C 575 5.22 9.53 31.07
N SER C 576 5.56 10.61 31.78
CA SER C 576 4.61 11.20 32.72
C SER C 576 3.53 12.00 31.99
N TYR C 577 2.31 11.92 32.51
CA TYR C 577 1.20 12.61 31.88
C TYR C 577 1.38 14.11 31.97
N GLY C 578 2.18 14.59 32.92
CA GLY C 578 2.35 16.01 33.10
C GLY C 578 3.00 16.30 34.43
N GLN C 579 2.78 17.51 34.91
CA GLN C 579 3.27 17.92 36.21
C GLN C 579 2.15 18.66 36.94
N VAL C 580 2.28 18.75 38.26
CA VAL C 580 1.40 19.58 39.08
C VAL C 580 2.26 20.28 40.12
N ALA C 581 1.72 21.36 40.67
CA ALA C 581 2.46 22.17 41.62
C ALA C 581 2.22 21.69 43.05
N THR C 582 3.30 21.40 43.77
CA THR C 582 3.17 20.90 45.13
C THR C 582 2.86 21.99 46.16
N ASN C 583 3.64 23.07 46.20
CA ASN C 583 3.54 24.01 47.32
C ASN C 583 2.97 25.32 46.82
N HIS C 584 2.90 26.29 47.73
CA HIS C 584 2.54 27.66 47.42
C HIS C 584 3.78 28.54 47.58
N GLN C 585 4.13 29.24 46.51
CA GLN C 585 5.28 30.12 46.50
C GLN C 585 5.09 31.32 47.42
N SER C 586 6.22 31.81 47.93
CA SER C 586 6.28 33.07 48.65
C SER C 586 7.67 33.63 48.40
N ALA C 587 8.00 34.72 49.10
CA ALA C 587 9.35 35.24 49.02
C ALA C 587 10.36 34.19 49.45
N GLN C 588 9.99 33.33 50.39
CA GLN C 588 10.89 32.32 50.94
C GLN C 588 10.71 30.94 50.32
N ALA C 589 9.80 30.78 49.35
CA ALA C 589 9.55 29.48 48.75
C ALA C 589 9.52 29.63 47.23
N GLN C 590 10.15 28.69 46.54
CA GLN C 590 10.04 28.61 45.10
C GLN C 590 8.82 27.78 44.72
N ALA C 591 8.17 28.18 43.63
CA ALA C 591 7.10 27.36 43.08
C ALA C 591 7.65 25.98 42.76
N GLN C 592 7.04 24.96 43.36
CA GLN C 592 7.52 23.59 43.23
C GLN C 592 6.49 22.74 42.52
N THR C 593 6.97 21.87 41.64
CA THR C 593 6.11 21.01 40.84
C THR C 593 6.58 19.58 41.00
N GLY C 594 5.72 18.65 40.56
CA GLY C 594 6.03 17.24 40.70
C GLY C 594 5.41 16.44 39.57
N TRP C 595 5.95 15.25 39.35
CA TRP C 595 5.56 14.42 38.24
C TRP C 595 4.26 13.69 38.53
N VAL C 596 3.32 13.78 37.61
CA VAL C 596 2.07 13.05 37.72
C VAL C 596 2.26 11.73 37.00
N GLN C 597 2.35 10.64 37.76
CA GLN C 597 2.64 9.33 37.18
C GLN C 597 1.42 8.68 36.58
N ASN C 598 0.30 8.69 37.29
CA ASN C 598 -0.93 8.07 36.83
C ASN C 598 -2.08 9.04 36.97
N GLN C 599 -2.73 9.36 35.85
CA GLN C 599 -3.80 10.34 35.86
C GLN C 599 -5.04 9.77 35.20
N GLY C 600 -6.07 9.55 36.00
CA GLY C 600 -7.32 9.03 35.50
C GLY C 600 -8.24 10.12 34.99
N ILE C 601 -9.41 9.68 34.51
CA ILE C 601 -10.29 10.53 33.74
C ILE C 601 -10.62 11.81 34.49
N LEU C 602 -10.54 12.93 33.77
CA LEU C 602 -10.95 14.29 34.06
C LEU C 602 -11.92 14.72 32.98
N PRO C 603 -12.89 15.56 33.29
CA PRO C 603 -13.84 15.96 32.25
C PRO C 603 -13.13 16.70 31.13
N GLY C 604 -13.55 16.43 29.90
CA GLY C 604 -12.98 17.07 28.74
C GLY C 604 -11.90 16.29 28.02
N MET C 605 -11.57 15.09 28.49
CA MET C 605 -10.58 14.26 27.84
C MET C 605 -11.15 13.57 26.62
N VAL C 606 -10.30 13.34 25.63
CA VAL C 606 -10.61 12.50 24.48
C VAL C 606 -9.48 11.51 24.32
N TRP C 607 -9.81 10.31 23.85
CA TRP C 607 -8.79 9.29 23.65
C TRP C 607 -9.26 8.32 22.59
N GLN C 608 -8.32 7.51 22.11
CA GLN C 608 -8.59 6.39 21.24
C GLN C 608 -8.44 5.08 22.00
N ASP C 609 -9.24 4.10 21.63
CA ASP C 609 -9.08 2.77 22.21
C ASP C 609 -7.88 2.08 21.57
N ARG C 610 -7.58 0.89 22.06
CA ARG C 610 -6.55 0.06 21.47
C ARG C 610 -7.04 -0.54 20.17
N ASP C 611 -6.13 -0.76 19.24
CA ASP C 611 -6.48 -1.25 17.91
C ASP C 611 -6.83 -2.73 17.96
N VAL C 612 -7.51 -3.20 16.92
CA VAL C 612 -7.73 -4.63 16.75
C VAL C 612 -6.86 -5.10 15.60
N TYR C 613 -6.31 -6.29 15.76
CA TYR C 613 -5.35 -6.85 14.82
C TYR C 613 -5.96 -8.09 14.19
N LEU C 614 -5.41 -8.46 13.03
CA LEU C 614 -5.83 -9.70 12.38
C LEU C 614 -5.71 -10.88 13.33
N GLN C 615 -4.73 -10.85 14.23
CA GLN C 615 -4.48 -11.93 15.16
C GLN C 615 -5.10 -11.73 16.53
N GLY C 616 -5.83 -10.66 16.75
CA GLY C 616 -6.29 -10.36 18.08
C GLY C 616 -7.71 -10.82 18.33
N PRO C 617 -8.18 -10.67 19.56
CA PRO C 617 -9.58 -10.97 19.87
C PRO C 617 -10.54 -10.10 19.06
N ILE C 618 -11.79 -10.56 19.00
CA ILE C 618 -12.86 -9.74 18.44
C ILE C 618 -13.61 -9.05 19.57
N TRP C 619 -14.22 -9.83 20.44
CA TRP C 619 -15.07 -9.30 21.50
C TRP C 619 -14.62 -9.83 22.86
N ALA C 620 -15.17 -9.24 23.90
CA ALA C 620 -15.12 -9.81 25.23
C ALA C 620 -16.41 -9.49 25.97
N LYS C 621 -16.71 -10.29 26.98
CA LYS C 621 -17.94 -10.14 27.74
C LYS C 621 -17.75 -9.07 28.81
N ILE C 622 -18.67 -8.12 28.87
CA ILE C 622 -18.60 -7.10 29.91
C ILE C 622 -19.02 -7.71 31.24
N PRO C 623 -18.15 -7.73 32.25
CA PRO C 623 -18.54 -8.33 33.53
C PRO C 623 -19.82 -7.71 34.05
N HIS C 624 -20.65 -8.53 34.67
CA HIS C 624 -21.99 -8.08 35.04
C HIS C 624 -21.88 -7.50 36.44
N THR C 625 -21.93 -6.18 36.54
CA THR C 625 -21.51 -5.47 37.74
C THR C 625 -22.39 -4.24 37.94
N ASP C 626 -22.26 -3.63 39.12
CA ASP C 626 -22.97 -2.39 39.39
C ASP C 626 -22.77 -1.39 38.26
N GLY C 627 -21.53 -1.15 37.87
CA GLY C 627 -21.25 -0.14 36.88
C GLY C 627 -19.88 -0.32 36.27
N ASN C 628 -19.64 0.45 35.21
CA ASN C 628 -18.39 0.41 34.47
C ASN C 628 -18.26 1.72 33.70
N PHE C 629 -17.03 2.04 33.33
CA PHE C 629 -16.82 3.19 32.46
C PHE C 629 -16.04 2.78 31.22
N HIS C 630 -16.54 3.18 30.07
CA HIS C 630 -16.01 2.86 28.76
C HIS C 630 -15.85 1.35 28.67
N PRO C 631 -16.93 0.62 28.49
CA PRO C 631 -16.88 -0.84 28.52
C PRO C 631 -15.95 -1.51 27.52
N SER C 632 -15.41 -0.78 26.56
CA SER C 632 -14.54 -1.36 25.56
C SER C 632 -13.34 -2.04 26.21
N PRO C 633 -13.04 -3.28 25.85
CA PRO C 633 -12.08 -4.07 26.62
C PRO C 633 -10.63 -3.68 26.36
N LEU C 634 -9.82 -3.79 27.41
CA LEU C 634 -8.49 -3.19 27.39
C LEU C 634 -7.52 -3.94 26.49
N MET C 635 -7.87 -5.13 26.02
CA MET C 635 -7.11 -5.72 24.94
C MET C 635 -7.69 -5.37 23.59
N GLY C 636 -8.73 -4.55 23.55
CA GLY C 636 -9.29 -4.08 22.31
C GLY C 636 -10.33 -5.03 21.75
N GLY C 637 -11.13 -4.52 20.84
CA GLY C 637 -12.27 -5.25 20.35
C GLY C 637 -13.58 -4.69 20.86
N PHE C 638 -14.64 -5.42 20.62
CA PHE C 638 -16.00 -4.96 20.88
C PHE C 638 -16.53 -5.59 22.16
N GLY C 639 -16.70 -4.79 23.19
CA GLY C 639 -17.30 -5.29 24.42
C GLY C 639 -18.79 -5.47 24.25
N MET C 640 -19.30 -6.57 24.79
CA MET C 640 -20.71 -6.91 24.66
C MET C 640 -21.21 -7.49 25.97
N LYS C 641 -22.36 -6.99 26.42
CA LYS C 641 -23.01 -7.56 27.59
C LYS C 641 -23.57 -8.94 27.29
N HIS C 642 -24.10 -9.15 26.09
CA HIS C 642 -24.54 -10.45 25.61
C HIS C 642 -23.71 -10.77 24.38
N PRO C 643 -22.45 -11.17 24.56
CA PRO C 643 -21.63 -11.55 23.43
C PRO C 643 -22.16 -12.80 22.76
N PRO C 644 -21.53 -13.28 21.70
CA PRO C 644 -21.90 -14.58 21.17
C PRO C 644 -21.77 -15.66 22.22
N PRO C 645 -22.80 -16.48 22.40
CA PRO C 645 -22.82 -17.41 23.53
C PRO C 645 -21.79 -18.51 23.36
N GLN C 646 -21.50 -19.18 24.46
CA GLN C 646 -20.59 -20.32 24.38
C GLN C 646 -21.30 -21.53 23.82
N ILE C 647 -20.54 -22.33 23.08
CA ILE C 647 -21.05 -23.54 22.45
C ILE C 647 -20.25 -24.70 23.01
N LEU C 648 -20.89 -25.53 23.83
CA LEU C 648 -20.23 -26.63 24.49
C LEU C 648 -20.56 -27.93 23.75
N ILE C 649 -19.60 -28.85 23.71
CA ILE C 649 -19.77 -30.11 22.99
C ILE C 649 -19.00 -31.19 23.73
N LYS C 650 -19.45 -32.45 23.59
CA LYS C 650 -18.68 -33.58 24.10
C LYS C 650 -19.07 -34.84 23.36
N ASN C 651 -18.23 -35.86 23.53
CA ASN C 651 -18.59 -37.23 23.18
C ASN C 651 -19.57 -37.77 24.22
N THR C 652 -20.32 -38.80 23.84
CA THR C 652 -21.24 -39.42 24.79
C THR C 652 -20.46 -40.32 25.74
N PRO C 653 -20.80 -40.35 27.04
CA PRO C 653 -20.14 -41.25 27.98
C PRO C 653 -20.53 -42.71 27.79
N THR C 672 -13.03 -46.10 24.66
CA THR C 672 -12.07 -45.16 24.10
C THR C 672 -12.60 -44.68 22.76
N GLN C 673 -13.05 -43.43 22.69
CA GLN C 673 -13.83 -42.98 21.54
C GLN C 673 -13.64 -41.48 21.37
N TYR C 674 -13.85 -41.00 20.14
CA TYR C 674 -13.76 -39.57 19.86
C TYR C 674 -14.61 -39.24 18.63
N SER C 675 -14.84 -37.94 18.44
CA SER C 675 -15.69 -37.45 17.37
C SER C 675 -14.88 -36.57 16.42
N THR C 676 -15.42 -36.38 15.22
CA THR C 676 -14.90 -35.39 14.28
C THR C 676 -16.05 -34.87 13.43
N GLY C 677 -15.95 -33.61 13.04
CA GLY C 677 -17.03 -33.01 12.29
C GLY C 677 -16.64 -31.68 11.68
N GLN C 678 -17.64 -30.95 11.20
CA GLN C 678 -17.47 -29.71 10.47
C GLN C 678 -18.06 -28.57 11.29
N VAL C 679 -17.63 -27.35 11.00
CA VAL C 679 -18.18 -26.13 11.57
C VAL C 679 -18.27 -25.11 10.45
N SER C 680 -19.40 -24.44 10.33
CA SER C 680 -19.51 -23.27 9.46
C SER C 680 -20.10 -22.12 10.24
N VAL C 681 -19.30 -21.09 10.48
CA VAL C 681 -19.74 -19.92 11.21
C VAL C 681 -19.77 -18.75 10.24
N GLU C 682 -20.74 -17.86 10.44
CA GLU C 682 -20.92 -16.70 9.58
C GLU C 682 -21.20 -15.47 10.43
N ILE C 683 -20.59 -14.35 10.07
CA ILE C 683 -20.87 -13.07 10.69
C ILE C 683 -21.17 -12.08 9.58
N GLU C 684 -22.08 -11.16 9.83
CA GLU C 684 -22.34 -10.08 8.89
C GLU C 684 -21.81 -8.79 9.50
N TRP C 685 -20.94 -8.12 8.76
CA TRP C 685 -20.25 -6.93 9.25
C TRP C 685 -20.75 -5.70 8.49
N GLU C 686 -21.04 -4.63 9.22
CA GLU C 686 -21.41 -3.37 8.63
C GLU C 686 -20.20 -2.44 8.59
N LEU C 687 -20.07 -1.70 7.49
CA LEU C 687 -18.88 -0.91 7.20
C LEU C 687 -19.20 0.58 7.21
N GLN C 688 -18.17 1.38 7.44
CA GLN C 688 -18.27 2.83 7.36
C GLN C 688 -17.36 3.31 6.24
N LYS C 689 -17.94 3.87 5.20
CA LYS C 689 -17.21 4.20 3.99
C LYS C 689 -16.36 5.45 4.19
N GLU C 690 -15.25 5.49 3.46
CA GLU C 690 -14.24 6.53 3.57
C GLU C 690 -14.70 7.78 2.83
N ASN C 691 -14.85 8.90 3.55
CA ASN C 691 -15.46 10.12 3.04
C ASN C 691 -14.46 11.20 2.63
N SER C 692 -13.16 10.97 2.82
CA SER C 692 -12.20 12.06 2.91
C SER C 692 -12.08 12.85 1.61
N LYS C 693 -11.84 14.16 1.75
CA LYS C 693 -11.52 15.06 0.65
C LYS C 693 -10.03 15.26 0.49
N ARG C 694 -9.22 14.60 1.32
CA ARG C 694 -7.78 14.76 1.34
C ARG C 694 -7.18 14.69 -0.05
N TRP C 695 -6.25 15.58 -0.33
CA TRP C 695 -5.71 15.66 -1.69
C TRP C 695 -4.64 14.61 -1.93
N ASN C 696 -3.69 14.48 -1.03
CA ASN C 696 -2.54 13.63 -1.26
C ASN C 696 -2.79 12.21 -0.75
N PRO C 697 -2.18 11.22 -1.39
CA PRO C 697 -2.57 9.83 -1.17
C PRO C 697 -2.29 9.31 0.24
N GLU C 698 -3.06 8.30 0.61
CA GLU C 698 -3.08 7.67 1.92
C GLU C 698 -1.90 6.74 2.13
N ILE C 699 -1.65 6.40 3.37
CA ILE C 699 -0.90 5.18 3.66
C ILE C 699 -1.83 3.98 3.52
N GLN C 700 -1.40 2.99 2.74
CA GLN C 700 -2.15 1.76 2.59
C GLN C 700 -1.32 0.62 3.14
N TYR C 701 -1.99 -0.47 3.49
CA TYR C 701 -1.25 -1.68 3.80
C TYR C 701 -0.86 -2.33 2.48
N THR C 702 0.36 -2.82 2.40
CA THR C 702 0.81 -3.41 1.16
C THR C 702 1.84 -4.49 1.44
N SER C 703 1.91 -5.46 0.54
CA SER C 703 2.95 -6.48 0.63
C SER C 703 4.22 -5.98 -0.04
N ASN C 704 5.32 -6.03 0.69
CA ASN C 704 6.52 -5.35 0.27
C ASN C 704 7.08 -5.98 -1.00
N TYR C 705 7.65 -5.14 -1.86
CA TYR C 705 8.18 -5.61 -3.13
C TYR C 705 9.66 -5.98 -3.15
N TYR C 706 9.97 -7.20 -2.72
CA TYR C 706 11.33 -7.69 -2.76
C TYR C 706 11.26 -9.20 -2.83
N LYS C 707 12.15 -9.81 -3.60
CA LYS C 707 12.14 -11.26 -3.72
C LYS C 707 12.44 -11.91 -2.38
N SER C 708 11.68 -12.95 -2.06
CA SER C 708 11.85 -13.67 -0.81
C SER C 708 11.64 -15.14 -1.07
N ASN C 709 12.12 -15.98 -0.17
CA ASN C 709 11.96 -17.42 -0.33
C ASN C 709 10.51 -17.86 -0.35
N ASN C 710 9.68 -17.28 0.51
CA ASN C 710 8.28 -17.66 0.61
C ASN C 710 7.34 -16.48 0.51
N VAL C 711 6.16 -16.71 -0.05
CA VAL C 711 5.15 -15.67 -0.14
C VAL C 711 4.63 -15.54 1.27
N GLU C 712 4.38 -14.31 1.72
CA GLU C 712 3.92 -14.09 3.07
C GLU C 712 2.43 -14.38 3.20
N PHE C 713 2.02 -14.76 4.40
CA PHE C 713 0.66 -15.21 4.63
C PHE C 713 0.33 -16.38 3.72
N ALA C 714 1.22 -17.37 3.72
CA ALA C 714 1.07 -18.54 2.88
C ALA C 714 1.90 -19.67 3.47
N VAL C 715 1.63 -20.88 2.97
CA VAL C 715 2.33 -22.06 3.44
C VAL C 715 3.79 -21.98 3.03
N ASN C 716 4.65 -22.60 3.82
CA ASN C 716 6.03 -22.85 3.42
C ASN C 716 6.10 -24.10 2.56
N THR C 717 7.31 -24.62 2.36
CA THR C 717 7.44 -25.85 1.57
C THR C 717 6.94 -27.04 2.37
N GLU C 718 7.13 -26.99 3.69
CA GLU C 718 6.75 -28.11 4.53
C GLU C 718 5.24 -28.15 4.77
N GLY C 719 4.54 -27.10 4.40
CA GLY C 719 3.11 -27.03 4.56
C GLY C 719 2.62 -26.16 5.68
N VAL C 720 3.52 -25.59 6.49
CA VAL C 720 3.07 -24.88 7.68
C VAL C 720 2.71 -23.45 7.32
N TYR C 721 1.44 -23.10 7.50
CA TYR C 721 0.95 -21.74 7.31
C TYR C 721 1.61 -20.86 8.36
N SER C 722 1.71 -19.58 8.05
CA SER C 722 2.37 -18.65 8.95
C SER C 722 1.80 -17.26 8.72
N GLU C 723 1.94 -16.42 9.74
CA GLU C 723 1.52 -15.04 9.67
C GLU C 723 2.78 -14.30 10.05
N PRO C 724 3.41 -13.62 9.09
CA PRO C 724 4.68 -12.90 9.28
C PRO C 724 4.65 -11.74 10.27
N ARG C 725 3.60 -10.95 10.29
CA ARG C 725 3.54 -9.82 11.22
C ARG C 725 2.12 -9.50 11.65
N PRO C 726 1.97 -8.76 12.77
CA PRO C 726 0.65 -8.37 13.27
C PRO C 726 0.15 -7.17 12.49
N ILE C 727 -1.00 -7.31 11.83
CA ILE C 727 -1.58 -6.26 11.02
C ILE C 727 -2.71 -5.61 11.79
N GLY C 728 -2.50 -4.39 12.25
CA GLY C 728 -3.54 -3.63 12.94
C GLY C 728 -4.46 -3.03 11.89
N THR C 729 -5.56 -2.45 12.34
CA THR C 729 -6.30 -1.59 11.43
C THR C 729 -6.33 -0.16 11.96
N ARG C 730 -5.29 0.59 11.57
CA ARG C 730 -5.35 2.04 11.43
C ARG C 730 -4.40 2.39 10.30
N TYR C 731 -4.96 2.80 9.20
CA TYR C 731 -4.21 3.21 8.02
C TYR C 731 -4.70 4.52 7.43
N LEU C 732 -5.97 4.61 7.04
CA LEU C 732 -6.47 5.85 6.51
C LEU C 732 -6.47 6.90 7.62
N THR C 733 -6.86 8.11 7.27
CA THR C 733 -6.70 9.22 8.18
C THR C 733 -7.93 10.10 8.14
N ARG C 734 -8.24 10.64 9.30
CA ARG C 734 -9.29 11.63 9.48
C ARG C 734 -8.69 12.83 10.19
N ASN C 735 -9.42 13.94 10.14
CA ASN C 735 -9.08 15.09 10.95
C ASN C 735 -9.48 14.82 12.39
N LEU C 736 -8.89 15.57 13.31
CA LEU C 736 -9.20 15.33 14.70
C LEU C 736 -10.49 16.04 15.08
N LEU D 249 -8.77 -41.72 -7.22
CA LEU D 249 -8.57 -40.56 -6.39
C LEU D 249 -7.86 -40.90 -5.08
N PRO D 250 -6.55 -40.76 -5.07
CA PRO D 250 -5.79 -40.96 -3.83
C PRO D 250 -5.94 -39.76 -2.90
N THR D 251 -5.14 -39.77 -1.84
CA THR D 251 -5.09 -38.66 -0.89
C THR D 251 -3.71 -38.01 -0.95
N TYR D 252 -3.67 -36.79 -1.47
CA TYR D 252 -2.43 -36.12 -1.83
C TYR D 252 -1.90 -35.24 -0.70
N ASN D 253 -0.58 -35.21 -0.57
CA ASN D 253 0.15 -34.28 0.31
C ASN D 253 -0.32 -34.32 1.75
N ASN D 254 -0.86 -35.45 2.21
CA ASN D 254 -1.24 -35.59 3.62
C ASN D 254 -2.21 -34.49 4.05
N HIS D 255 -3.04 -34.05 3.11
CA HIS D 255 -3.99 -32.95 3.27
C HIS D 255 -3.32 -31.60 3.45
N LEU D 256 -2.09 -31.42 2.97
CA LEU D 256 -1.35 -30.19 3.12
C LEU D 256 -1.27 -29.45 1.79
N TYR D 257 -1.31 -28.12 1.86
CA TYR D 257 -0.78 -27.32 0.76
C TYR D 257 0.69 -27.11 1.00
N LYS D 258 1.49 -27.37 -0.03
CA LYS D 258 2.93 -27.24 0.13
C LYS D 258 3.49 -26.42 -1.01
N GLN D 259 4.25 -25.39 -0.66
CA GLN D 259 5.01 -24.63 -1.64
C GLN D 259 5.95 -25.58 -2.38
N ILE D 260 5.91 -25.48 -3.70
CA ILE D 260 6.89 -26.18 -4.51
C ILE D 260 7.59 -25.19 -5.41
N SER D 261 8.88 -25.37 -5.60
CA SER D 261 9.62 -24.46 -6.44
C SER D 261 10.67 -25.20 -7.22
N ASN D 262 11.44 -24.45 -7.98
CA ASN D 262 12.50 -25.00 -8.79
C ASN D 262 13.56 -25.65 -7.88
N SER D 263 13.88 -24.99 -6.78
CA SER D 263 14.87 -25.45 -5.83
C SER D 263 14.49 -26.79 -5.18
N THR D 264 13.21 -26.94 -4.87
CA THR D 264 12.69 -28.16 -4.25
C THR D 264 12.87 -29.38 -5.15
N SER D 265 12.69 -29.18 -6.45
CA SER D 265 12.80 -30.24 -7.44
C SER D 265 14.20 -30.37 -8.02
N GLY D 266 15.17 -29.69 -7.41
CA GLY D 266 16.56 -29.74 -7.85
C GLY D 266 17.15 -28.56 -8.60
N GLY D 267 16.33 -27.62 -9.06
CA GLY D 267 16.86 -26.42 -9.70
C GLY D 267 17.85 -26.54 -10.85
N SER D 268 17.55 -27.32 -11.87
CA SER D 268 18.50 -27.49 -12.96
C SER D 268 18.90 -26.22 -13.72
N SER D 269 17.95 -25.37 -14.09
CA SER D 269 18.29 -24.15 -14.85
C SER D 269 17.26 -23.04 -14.78
N ASN D 270 17.69 -21.84 -15.19
CA ASN D 270 16.82 -20.66 -15.20
C ASN D 270 15.61 -20.75 -16.12
N ASP D 271 15.80 -21.32 -17.31
CA ASP D 271 14.69 -21.44 -18.27
C ASP D 271 13.58 -22.31 -17.73
N ASN D 272 13.95 -23.37 -17.05
CA ASN D 272 13.00 -24.32 -16.48
C ASN D 272 12.56 -23.93 -15.07
N ALA D 273 13.10 -22.82 -14.55
CA ALA D 273 12.76 -22.37 -13.21
C ALA D 273 11.26 -22.09 -13.03
N TYR D 274 10.75 -22.36 -11.83
CA TYR D 274 9.34 -22.16 -11.54
C TYR D 274 9.17 -21.97 -10.05
N PHE D 275 8.01 -21.43 -9.67
CA PHE D 275 7.60 -21.33 -8.29
C PHE D 275 6.09 -21.52 -8.23
N GLY D 276 5.61 -22.34 -7.31
CA GLY D 276 4.20 -22.58 -7.21
C GLY D 276 3.81 -23.31 -5.95
N TYR D 277 2.54 -23.70 -5.89
CA TYR D 277 1.97 -24.41 -4.77
C TYR D 277 1.30 -25.69 -5.25
N SER D 278 1.21 -26.66 -4.35
CA SER D 278 0.52 -27.91 -4.62
C SER D 278 -0.59 -28.10 -3.59
N THR D 279 -1.59 -28.89 -3.96
CA THR D 279 -2.85 -28.98 -3.24
C THR D 279 -3.21 -30.42 -2.91
N PRO D 280 -4.03 -30.64 -1.88
CA PRO D 280 -4.69 -31.95 -1.73
C PRO D 280 -5.79 -32.20 -2.74
N TRP D 281 -6.30 -31.16 -3.39
CA TRP D 281 -7.36 -31.30 -4.39
C TRP D 281 -6.85 -31.99 -5.64
N GLY D 282 -7.71 -32.84 -6.21
CA GLY D 282 -7.57 -33.31 -7.57
C GLY D 282 -8.60 -32.67 -8.48
N TYR D 283 -8.38 -32.84 -9.79
CA TYR D 283 -9.33 -32.30 -10.74
C TYR D 283 -9.79 -33.31 -11.78
N ARG D 312 -22.82 -27.86 -26.24
CA ARG D 312 -23.38 -28.19 -24.94
C ARG D 312 -22.52 -29.22 -24.24
N LEU D 313 -22.67 -29.35 -22.93
CA LEU D 313 -21.88 -30.27 -22.14
C LEU D 313 -22.73 -30.70 -20.95
N ASN D 314 -22.47 -31.88 -20.42
CA ASN D 314 -23.10 -32.31 -19.19
C ASN D 314 -22.13 -33.18 -18.43
N PHE D 315 -22.23 -33.17 -17.10
CA PHE D 315 -21.27 -33.84 -16.24
C PHE D 315 -22.01 -34.39 -15.04
N LYS D 316 -21.71 -35.63 -14.66
CA LYS D 316 -22.32 -36.24 -13.50
C LYS D 316 -21.30 -37.02 -12.70
N LEU D 317 -21.47 -36.99 -11.38
CA LEU D 317 -20.54 -37.62 -10.44
C LEU D 317 -21.37 -38.31 -9.36
N PHE D 318 -21.22 -39.63 -9.23
CA PHE D 318 -22.11 -40.39 -8.37
C PHE D 318 -21.44 -41.68 -7.91
N ASN D 319 -22.22 -42.48 -7.18
CA ASN D 319 -21.78 -43.77 -6.63
C ASN D 319 -20.55 -43.61 -5.75
N ILE D 320 -20.68 -42.75 -4.73
CA ILE D 320 -19.55 -42.47 -3.86
C ILE D 320 -19.29 -43.65 -2.94
N GLN D 321 -18.06 -44.14 -2.95
CA GLN D 321 -17.65 -45.26 -2.13
C GLN D 321 -16.34 -44.88 -1.46
N VAL D 322 -16.36 -44.72 -0.14
CA VAL D 322 -15.22 -44.19 0.60
C VAL D 322 -14.55 -45.34 1.35
N LYS D 323 -13.33 -45.65 0.96
CA LYS D 323 -12.65 -46.87 1.37
C LYS D 323 -11.46 -46.54 2.27
N GLU D 324 -11.55 -46.89 3.55
CA GLU D 324 -10.44 -46.67 4.46
C GLU D 324 -9.46 -47.82 4.34
N VAL D 325 -8.18 -47.51 4.41
CA VAL D 325 -7.11 -48.50 4.40
C VAL D 325 -6.55 -48.55 5.81
N THR D 326 -6.36 -49.76 6.32
CA THR D 326 -5.80 -49.96 7.65
C THR D 326 -4.61 -50.91 7.55
N ASP D 327 -3.48 -50.48 8.09
CA ASP D 327 -2.30 -51.33 8.17
C ASP D 327 -2.08 -51.69 9.63
N ASN D 328 -2.39 -52.94 9.96
CA ASN D 328 -2.12 -53.51 11.27
C ASN D 328 -0.98 -54.50 11.09
N ASN D 329 0.10 -54.27 11.82
CA ASN D 329 1.38 -54.97 11.60
C ASN D 329 1.76 -54.70 10.15
N GLY D 330 2.00 -55.73 9.33
CA GLY D 330 2.56 -55.56 8.01
C GLY D 330 1.63 -55.77 6.83
N VAL D 331 0.34 -56.03 7.07
CA VAL D 331 -0.59 -56.38 6.00
C VAL D 331 -1.62 -55.26 5.88
N LYS D 332 -2.21 -55.14 4.70
CA LYS D 332 -3.16 -54.06 4.46
C LYS D 332 -4.58 -54.62 4.32
N THR D 333 -5.48 -54.07 5.11
CA THR D 333 -6.87 -54.51 5.17
C THR D 333 -7.77 -53.35 4.81
N ILE D 334 -8.45 -53.46 3.67
CA ILE D 334 -9.20 -52.36 3.08
C ILE D 334 -10.67 -52.52 3.42
N ALA D 335 -11.24 -51.49 4.05
CA ALA D 335 -12.64 -51.51 4.45
C ALA D 335 -13.36 -50.32 3.85
N ASN D 336 -14.69 -50.40 3.85
CA ASN D 336 -15.50 -49.23 3.53
C ASN D 336 -15.42 -48.23 4.66
N ASN D 337 -15.79 -46.99 4.35
CA ASN D 337 -16.02 -45.96 5.36
C ASN D 337 -17.36 -45.32 5.01
N LEU D 338 -18.34 -45.46 5.90
CA LEU D 338 -19.69 -45.02 5.61
C LEU D 338 -19.90 -43.53 5.82
N THR D 339 -19.48 -42.98 6.97
CA THR D 339 -19.70 -41.59 7.30
C THR D 339 -18.86 -40.64 6.47
N SER D 340 -17.75 -41.10 5.92
CA SER D 340 -16.76 -40.22 5.35
C SER D 340 -17.24 -39.63 4.03
N THR D 341 -16.59 -38.54 3.65
CA THR D 341 -17.15 -37.59 2.71
C THR D 341 -16.16 -37.26 1.59
N VAL D 342 -16.69 -36.59 0.58
CA VAL D 342 -15.95 -36.14 -0.59
C VAL D 342 -16.51 -34.78 -0.97
N GLN D 343 -15.66 -33.90 -1.51
CA GLN D 343 -16.04 -32.55 -1.84
C GLN D 343 -15.85 -32.29 -3.32
N VAL D 344 -16.63 -31.36 -3.87
CA VAL D 344 -16.53 -30.96 -5.26
C VAL D 344 -16.96 -29.52 -5.38
N PHE D 345 -16.30 -28.78 -6.28
CA PHE D 345 -16.80 -27.47 -6.70
C PHE D 345 -16.38 -27.24 -8.13
N THR D 346 -17.26 -26.60 -8.90
CA THR D 346 -16.90 -26.13 -10.22
C THR D 346 -16.44 -24.68 -10.13
N ASP D 347 -15.44 -24.35 -10.93
CA ASP D 347 -14.95 -22.98 -10.95
C ASP D 347 -15.58 -22.33 -12.16
N SER D 348 -16.66 -21.60 -11.94
CA SER D 348 -17.42 -21.00 -13.02
C SER D 348 -17.14 -19.52 -13.22
N ASP D 349 -16.38 -18.89 -12.31
CA ASP D 349 -15.85 -17.56 -12.53
C ASP D 349 -14.41 -17.59 -12.99
N TYR D 350 -13.81 -18.76 -13.09
CA TYR D 350 -12.47 -18.91 -13.64
C TYR D 350 -11.45 -18.19 -12.77
N GLN D 351 -11.67 -18.23 -11.46
CA GLN D 351 -10.83 -17.54 -10.50
C GLN D 351 -9.53 -18.26 -10.17
N LEU D 352 -9.55 -19.57 -10.15
CA LEU D 352 -8.32 -20.32 -9.97
C LEU D 352 -7.52 -20.35 -11.26
N PRO D 353 -6.22 -20.63 -11.17
CA PRO D 353 -5.44 -20.83 -12.39
C PRO D 353 -6.00 -21.97 -13.23
N TYR D 354 -6.09 -21.74 -14.52
CA TYR D 354 -6.71 -22.68 -15.45
C TYR D 354 -5.61 -23.58 -15.99
N VAL D 355 -5.59 -24.83 -15.54
CA VAL D 355 -4.58 -25.78 -15.98
C VAL D 355 -5.06 -26.71 -17.07
N LEU D 356 -6.34 -26.67 -17.43
CA LEU D 356 -6.88 -27.68 -18.34
C LEU D 356 -6.46 -27.47 -19.79
N GLY D 357 -5.73 -26.40 -20.10
CA GLY D 357 -5.41 -26.12 -21.48
C GLY D 357 -4.02 -26.51 -21.95
N SER D 358 -3.20 -27.03 -21.04
CA SER D 358 -1.78 -27.28 -21.34
C SER D 358 -1.52 -28.67 -21.88
N ALA D 359 -2.57 -29.45 -22.17
CA ALA D 359 -2.43 -30.81 -22.71
C ALA D 359 -1.77 -31.75 -21.70
N HIS D 360 -2.23 -31.69 -20.46
CA HIS D 360 -1.70 -32.55 -19.42
C HIS D 360 -2.20 -33.96 -19.56
N GLU D 361 -1.51 -34.88 -18.89
CA GLU D 361 -1.94 -36.26 -18.84
C GLU D 361 -3.15 -36.38 -17.91
N GLY D 362 -3.70 -37.58 -17.83
CA GLY D 362 -4.83 -37.84 -16.96
C GLY D 362 -6.18 -37.64 -17.58
N CYS D 363 -6.25 -37.43 -18.88
CA CYS D 363 -7.54 -37.32 -19.53
C CYS D 363 -8.26 -38.66 -19.48
N LEU D 364 -9.58 -38.61 -19.64
CA LEU D 364 -10.38 -39.82 -19.65
C LEU D 364 -9.81 -40.82 -20.65
N PRO D 365 -9.85 -42.11 -20.36
CA PRO D 365 -9.19 -43.07 -21.25
C PRO D 365 -10.00 -43.32 -22.50
N PRO D 366 -9.35 -43.64 -23.61
CA PRO D 366 -10.11 -43.92 -24.83
C PRO D 366 -10.89 -45.22 -24.78
N PHE D 367 -10.50 -46.17 -23.92
CA PHE D 367 -11.19 -47.44 -23.90
C PHE D 367 -12.19 -47.45 -22.76
N PRO D 368 -13.48 -47.57 -23.07
CA PRO D 368 -14.52 -47.27 -22.07
C PRO D 368 -14.47 -48.09 -20.79
N ALA D 369 -13.69 -49.17 -20.74
CA ALA D 369 -13.66 -50.02 -19.57
C ALA D 369 -12.55 -49.71 -18.59
N ASP D 370 -11.68 -48.75 -18.88
CA ASP D 370 -10.54 -48.50 -18.01
C ASP D 370 -10.93 -47.69 -16.77
N VAL D 371 -10.21 -47.92 -15.69
CA VAL D 371 -10.42 -47.23 -14.43
C VAL D 371 -9.31 -46.20 -14.25
N PHE D 372 -9.65 -44.92 -14.36
CA PHE D 372 -8.63 -43.88 -14.43
C PHE D 372 -8.47 -43.20 -13.08
N MET D 373 -7.22 -42.82 -12.82
CA MET D 373 -6.80 -42.13 -11.61
C MET D 373 -6.95 -40.63 -11.78
N ILE D 374 -7.33 -39.94 -10.72
CA ILE D 374 -7.57 -38.49 -10.81
C ILE D 374 -6.28 -37.74 -10.49
N PRO D 375 -5.83 -36.86 -11.38
CA PRO D 375 -4.52 -36.21 -11.19
C PRO D 375 -4.61 -35.02 -10.24
N GLN D 376 -3.46 -34.69 -9.66
CA GLN D 376 -3.39 -33.72 -8.59
C GLN D 376 -3.47 -32.30 -9.14
N TYR D 377 -3.93 -31.39 -8.30
CA TYR D 377 -4.01 -29.98 -8.68
C TYR D 377 -2.85 -29.19 -8.08
N GLY D 378 -2.31 -28.28 -8.85
CA GLY D 378 -1.26 -27.40 -8.40
C GLY D 378 -1.04 -26.39 -9.49
N TYR D 379 -0.44 -25.26 -9.12
CA TYR D 379 -0.40 -24.16 -10.06
C TYR D 379 0.88 -23.38 -9.91
N LEU D 380 1.25 -22.68 -10.97
CA LEU D 380 2.41 -21.83 -10.98
C LEU D 380 1.98 -20.37 -10.90
N THR D 381 2.74 -19.61 -10.13
CA THR D 381 2.55 -18.18 -9.98
C THR D 381 3.86 -17.50 -10.30
N LEU D 382 3.91 -16.20 -10.07
CA LEU D 382 5.09 -15.40 -10.40
C LEU D 382 6.33 -15.79 -9.62
N ASN D 383 7.45 -15.95 -10.33
CA ASN D 383 8.70 -16.32 -9.68
C ASN D 383 9.89 -15.61 -10.28
N ASP D 384 10.88 -15.34 -9.45
CA ASP D 384 12.15 -14.76 -9.89
C ASP D 384 13.09 -15.83 -9.43
N GLY D 385 13.85 -16.45 -10.34
CA GLY D 385 14.72 -17.53 -9.96
C GLY D 385 13.83 -18.60 -9.35
N SER D 386 14.15 -19.06 -8.16
CA SER D 386 13.34 -20.05 -7.46
C SER D 386 12.58 -19.32 -6.37
N GLN D 387 12.84 -18.02 -6.26
CA GLN D 387 12.22 -17.13 -5.30
C GLN D 387 10.86 -16.60 -5.73
N ALA D 388 10.11 -16.08 -4.77
CA ALA D 388 8.78 -15.54 -5.03
C ALA D 388 8.74 -14.03 -4.97
N VAL D 389 8.19 -13.41 -6.00
CA VAL D 389 8.07 -11.97 -6.11
C VAL D 389 6.90 -11.43 -5.27
N GLY D 390 6.82 -10.11 -5.17
CA GLY D 390 5.78 -9.46 -4.39
C GLY D 390 4.37 -9.77 -4.85
N ARG D 391 4.18 -9.86 -6.15
CA ARG D 391 2.86 -10.14 -6.71
C ARG D 391 2.52 -11.62 -6.77
N SER D 392 3.44 -12.49 -6.36
CA SER D 392 3.17 -13.92 -6.40
C SER D 392 1.98 -14.19 -5.51
N SER D 393 1.06 -15.00 -6.00
CA SER D 393 -0.15 -15.27 -5.25
C SER D 393 -0.21 -16.66 -4.66
N PHE D 394 -1.18 -16.84 -3.78
CA PHE D 394 -1.44 -18.09 -3.10
C PHE D 394 -2.94 -18.27 -3.01
N TYR D 395 -3.41 -19.44 -3.41
CA TYR D 395 -4.84 -19.74 -3.41
C TYR D 395 -5.11 -20.88 -2.45
N CYS D 396 -6.10 -20.73 -1.61
CA CYS D 396 -6.56 -21.81 -0.75
C CYS D 396 -7.91 -22.29 -1.26
N LEU D 397 -7.93 -23.46 -1.89
CA LEU D 397 -9.16 -23.92 -2.50
C LEU D 397 -10.20 -24.28 -1.47
N GLU D 398 -9.78 -24.43 -0.20
CA GLU D 398 -10.69 -24.50 0.93
C GLU D 398 -11.55 -23.24 1.05
N TYR D 399 -11.20 -22.17 0.36
CA TYR D 399 -11.83 -20.86 0.55
C TYR D 399 -12.93 -20.61 -0.47
N PHE D 400 -13.25 -21.56 -1.26
CA PHE D 400 -14.39 -21.77 -2.14
C PHE D 400 -15.48 -22.53 -1.42
N PRO D 401 -16.75 -22.25 -1.73
CA PRO D 401 -17.82 -23.14 -1.26
C PRO D 401 -17.84 -24.39 -2.10
N SER D 402 -18.19 -25.52 -1.48
CA SER D 402 -18.18 -26.79 -2.21
C SER D 402 -19.20 -27.76 -1.63
N GLN D 403 -19.60 -28.70 -2.46
CA GLN D 403 -20.67 -29.63 -2.14
C GLN D 403 -20.09 -30.90 -1.53
N MET D 404 -20.55 -31.26 -0.34
CA MET D 404 -20.04 -32.41 0.39
C MET D 404 -20.96 -33.60 0.14
N LEU D 405 -20.37 -34.79 0.01
CA LEU D 405 -21.02 -35.97 -0.52
C LEU D 405 -20.70 -37.17 0.36
N ARG D 406 -21.74 -37.81 0.90
CA ARG D 406 -21.60 -39.11 1.52
C ARG D 406 -21.93 -40.21 0.51
N THR D 407 -21.87 -41.46 0.95
CA THR D 407 -21.85 -42.60 0.04
C THR D 407 -22.98 -42.59 -0.98
N GLY D 408 -24.13 -42.00 -0.64
CA GLY D 408 -25.25 -42.03 -1.55
C GLY D 408 -25.47 -40.77 -2.34
N ASN D 409 -24.67 -39.75 -2.09
CA ASN D 409 -24.83 -38.45 -2.73
C ASN D 409 -24.18 -38.42 -4.11
N ASN D 410 -24.75 -37.58 -4.97
CA ASN D 410 -24.30 -37.43 -6.35
C ASN D 410 -24.16 -35.94 -6.66
N PHE D 411 -23.55 -35.65 -7.81
CA PHE D 411 -23.26 -34.30 -8.25
C PHE D 411 -23.38 -34.20 -9.76
N GLN D 412 -23.90 -33.08 -10.25
CA GLN D 412 -23.96 -32.84 -11.69
C GLN D 412 -24.03 -31.35 -11.96
N PHE D 413 -23.72 -30.99 -13.20
CA PHE D 413 -23.97 -29.64 -13.70
C PHE D 413 -24.02 -29.69 -15.21
N SER D 414 -24.65 -28.69 -15.80
CA SER D 414 -24.74 -28.60 -17.25
C SER D 414 -24.03 -27.34 -17.72
N TYR D 415 -23.06 -27.52 -18.59
CA TYR D 415 -22.34 -26.39 -19.16
C TYR D 415 -22.83 -26.13 -20.56
N GLU D 416 -22.88 -24.85 -20.92
CA GLU D 416 -23.27 -24.42 -22.26
C GLU D 416 -22.11 -23.63 -22.86
N PHE D 417 -21.46 -24.19 -23.86
CA PHE D 417 -20.34 -23.52 -24.49
C PHE D 417 -20.78 -22.18 -25.07
N GLU D 418 -19.84 -21.24 -25.14
CA GLU D 418 -20.07 -20.04 -25.94
C GLU D 418 -19.86 -20.37 -27.42
N ASN D 419 -20.40 -19.53 -28.28
CA ASN D 419 -20.48 -19.86 -29.69
C ASN D 419 -19.15 -19.64 -30.39
N VAL D 420 -18.63 -20.71 -30.97
CA VAL D 420 -17.36 -20.71 -31.69
C VAL D 420 -17.61 -21.16 -33.11
N PRO D 421 -16.70 -20.85 -34.03
CA PRO D 421 -16.91 -21.20 -35.43
C PRO D 421 -16.64 -22.67 -35.71
N PHE D 422 -17.22 -23.17 -36.80
CA PHE D 422 -17.03 -24.57 -37.17
C PHE D 422 -15.55 -24.86 -37.39
N HIS D 423 -15.16 -26.11 -37.16
CA HIS D 423 -13.82 -26.52 -37.54
C HIS D 423 -13.75 -26.89 -39.02
N SER D 424 -12.68 -26.45 -39.67
CA SER D 424 -12.42 -26.82 -41.06
C SER D 424 -12.27 -28.33 -41.21
N GLY D 481 -0.36 -17.01 -45.96
CA GLY D 481 -0.47 -16.99 -44.52
C GLY D 481 0.83 -16.75 -43.80
N PRO D 482 0.76 -16.42 -42.51
CA PRO D 482 1.95 -16.07 -41.74
C PRO D 482 2.77 -17.28 -41.34
N SER D 483 4.05 -17.02 -41.07
CA SER D 483 5.01 -18.10 -40.84
C SER D 483 6.07 -17.66 -39.84
N TYR D 484 6.53 -18.62 -39.03
CA TYR D 484 7.69 -18.46 -38.18
C TYR D 484 8.51 -19.73 -38.33
N ARG D 485 9.68 -19.66 -38.96
CA ARG D 485 10.26 -20.86 -39.55
C ARG D 485 10.74 -21.87 -38.49
N GLN D 486 10.64 -23.14 -38.83
CA GLN D 486 11.12 -24.27 -38.04
C GLN D 486 12.30 -24.92 -38.76
N GLN D 487 13.17 -25.56 -37.98
CA GLN D 487 14.22 -26.36 -38.61
C GLN D 487 13.62 -27.62 -39.21
N ARG D 488 14.24 -28.12 -40.28
CA ARG D 488 13.78 -29.32 -40.97
C ARG D 488 14.55 -30.54 -40.44
N VAL D 489 13.80 -31.56 -40.02
CA VAL D 489 14.38 -32.76 -39.43
C VAL D 489 13.86 -33.96 -40.21
N SER D 490 14.71 -34.97 -40.37
CA SER D 490 14.36 -36.13 -41.19
C SER D 490 14.25 -37.39 -40.34
N THR D 491 13.39 -38.31 -40.78
CA THR D 491 13.24 -39.59 -40.09
C THR D 491 14.38 -40.54 -40.40
N THR D 492 14.96 -40.45 -41.59
CA THR D 492 16.21 -41.13 -41.89
C THR D 492 17.31 -40.40 -41.12
N VAL D 493 18.01 -41.11 -40.26
CA VAL D 493 19.05 -40.48 -39.44
C VAL D 493 20.30 -40.03 -40.19
N THR D 494 20.61 -40.66 -41.30
CA THR D 494 21.79 -40.27 -42.06
C THR D 494 21.69 -38.83 -42.59
N GLN D 495 20.49 -38.44 -43.01
CA GLN D 495 20.27 -37.09 -43.54
C GLN D 495 20.52 -35.95 -42.54
N ASN D 496 20.12 -36.14 -41.29
CA ASN D 496 20.30 -35.11 -40.27
C ASN D 496 21.78 -34.86 -40.02
N ASN D 497 22.12 -33.60 -39.75
CA ASN D 497 23.51 -33.25 -39.49
C ASN D 497 23.99 -33.93 -38.21
N ASN D 498 25.25 -34.33 -38.19
CA ASN D 498 25.79 -35.01 -37.01
C ASN D 498 26.27 -34.02 -35.95
N SER D 499 25.29 -33.43 -35.27
CA SER D 499 25.53 -32.48 -34.19
C SER D 499 24.29 -32.44 -33.32
N GLU D 500 24.43 -31.92 -32.11
CA GLU D 500 23.32 -31.83 -31.19
C GLU D 500 22.56 -30.54 -31.42
N PHE D 501 21.55 -30.60 -32.28
CA PHE D 501 20.76 -29.42 -32.61
C PHE D 501 19.36 -29.45 -32.03
N ALA D 502 19.11 -30.32 -31.06
CA ALA D 502 17.77 -30.41 -30.50
C ALA D 502 17.31 -29.11 -29.86
N TRP D 503 18.18 -28.45 -29.09
CA TRP D 503 17.79 -27.19 -28.47
C TRP D 503 18.47 -25.99 -29.12
N PRO D 504 19.68 -26.18 -29.63
CA PRO D 504 20.40 -25.07 -30.26
C PRO D 504 19.67 -24.56 -31.50
N GLY D 505 19.12 -25.46 -32.29
CA GLY D 505 18.40 -25.09 -33.49
C GLY D 505 16.92 -24.88 -33.32
N ALA D 506 16.41 -25.13 -32.11
CA ALA D 506 14.98 -24.98 -31.85
C ALA D 506 14.46 -23.55 -31.90
N SER D 507 13.30 -23.37 -32.52
CA SER D 507 12.68 -22.06 -32.62
C SER D 507 12.18 -21.77 -31.23
N SER D 508 12.29 -20.53 -30.80
CA SER D 508 11.87 -20.19 -29.44
C SER D 508 11.61 -18.70 -29.35
N TRP D 509 10.64 -18.35 -28.52
CA TRP D 509 10.37 -16.95 -28.22
C TRP D 509 10.80 -16.63 -26.79
N ALA D 510 11.41 -15.47 -26.64
CA ALA D 510 12.00 -15.05 -25.38
C ALA D 510 11.04 -14.14 -24.64
N LEU D 511 10.68 -14.53 -23.42
CA LEU D 511 9.72 -13.77 -22.63
C LEU D 511 10.32 -13.52 -21.26
N ASN D 512 10.65 -12.27 -20.97
CA ASN D 512 11.21 -11.86 -19.70
C ASN D 512 12.44 -12.68 -19.32
N GLY D 513 13.33 -12.89 -20.27
CA GLY D 513 14.61 -13.50 -19.99
C GLY D 513 14.61 -15.00 -19.98
N ARG D 514 13.53 -15.64 -20.38
CA ARG D 514 13.46 -17.09 -20.46
C ARG D 514 13.00 -17.53 -21.84
N ASN D 515 13.77 -18.44 -22.43
CA ASN D 515 13.48 -18.97 -23.75
C ASN D 515 12.43 -20.06 -23.62
N SER D 516 11.30 -19.86 -24.27
CA SER D 516 10.29 -20.89 -24.38
C SER D 516 10.31 -21.43 -25.79
N LEU D 517 10.45 -22.73 -25.92
CA LEU D 517 10.44 -23.38 -27.21
C LEU D 517 9.14 -23.03 -27.93
N MET D 518 9.24 -22.89 -29.25
CA MET D 518 8.06 -22.56 -30.05
C MET D 518 7.44 -23.89 -30.41
N ASN D 519 6.33 -24.20 -29.77
CA ASN D 519 5.75 -25.51 -29.88
C ASN D 519 4.25 -25.36 -29.77
N PRO D 520 3.49 -26.02 -30.66
CA PRO D 520 3.98 -26.50 -31.94
C PRO D 520 4.29 -25.36 -32.88
N GLY D 521 3.78 -24.17 -32.55
CA GLY D 521 4.03 -23.00 -33.34
C GLY D 521 2.82 -22.56 -34.13
N PRO D 522 2.97 -21.52 -34.94
CA PRO D 522 1.88 -21.13 -35.83
C PRO D 522 1.64 -22.21 -36.88
N ALA D 523 0.37 -22.41 -37.22
CA ALA D 523 -0.01 -23.53 -38.05
C ALA D 523 0.53 -23.33 -39.46
N MET D 524 1.33 -24.28 -39.91
CA MET D 524 1.90 -24.27 -41.25
C MET D 524 1.90 -25.71 -41.75
N ALA D 525 1.88 -25.88 -43.06
CA ALA D 525 1.91 -27.22 -43.61
C ALA D 525 3.24 -27.89 -43.28
N PRO D 536 9.64 -30.10 -39.62
CA PRO D 536 9.52 -29.13 -38.53
C PRO D 536 9.95 -29.76 -37.21
N LEU D 537 11.04 -29.26 -36.64
CA LEU D 537 11.56 -29.80 -35.39
C LEU D 537 10.57 -29.67 -34.24
N SER D 538 9.92 -28.51 -34.13
CA SER D 538 8.92 -28.31 -33.10
C SER D 538 7.55 -28.03 -33.72
N GLY D 539 7.48 -28.10 -35.03
CA GLY D 539 6.27 -27.82 -35.79
C GLY D 539 5.03 -28.67 -35.64
N SER D 540 5.21 -29.98 -35.55
CA SER D 540 4.08 -30.90 -35.49
C SER D 540 3.92 -31.61 -34.14
N LEU D 541 2.67 -31.77 -33.73
CA LEU D 541 2.35 -32.46 -32.50
C LEU D 541 2.83 -33.90 -32.58
N ILE D 542 3.33 -34.42 -31.47
CA ILE D 542 3.85 -35.79 -31.44
C ILE D 542 3.22 -36.53 -30.27
N PHE D 543 2.38 -37.51 -30.58
CA PHE D 543 1.82 -38.41 -29.58
C PHE D 543 2.71 -39.63 -29.46
N GLY D 544 2.88 -40.11 -28.24
CA GLY D 544 3.56 -41.37 -28.01
C GLY D 544 2.61 -42.54 -28.17
N LYS D 545 3.11 -43.63 -28.74
CA LYS D 545 2.30 -44.82 -28.92
C LYS D 545 2.08 -45.52 -27.59
N GLN D 546 1.07 -46.38 -27.57
CA GLN D 546 0.82 -47.19 -26.38
C GLN D 546 2.06 -47.98 -26.04
N GLY D 547 2.42 -47.96 -24.76
CA GLY D 547 3.65 -48.60 -24.33
C GLY D 547 4.90 -47.74 -24.41
N THR D 548 4.88 -46.67 -25.19
CA THR D 548 6.03 -45.79 -25.31
C THR D 548 6.25 -45.04 -23.99
N GLY D 549 7.50 -45.00 -23.55
CA GLY D 549 7.79 -44.57 -22.19
C GLY D 549 7.92 -43.07 -22.04
N ARG D 550 8.62 -42.69 -20.98
CA ARG D 550 8.83 -41.29 -20.64
C ARG D 550 9.99 -40.63 -21.37
N ASP D 551 11.08 -41.38 -21.63
CA ASP D 551 12.34 -40.77 -22.04
C ASP D 551 12.93 -41.46 -23.27
N ASN D 552 13.41 -40.66 -24.21
CA ASN D 552 14.45 -41.06 -25.17
C ASN D 552 14.01 -42.23 -26.05
N VAL D 553 12.71 -42.34 -26.22
CA VAL D 553 12.14 -43.42 -27.01
C VAL D 553 12.50 -43.21 -28.46
N ASP D 554 12.45 -44.28 -29.25
CA ASP D 554 12.84 -44.17 -30.64
C ASP D 554 11.73 -43.51 -31.45
N ALA D 555 12.00 -43.33 -32.75
CA ALA D 555 11.07 -42.61 -33.60
C ALA D 555 9.84 -43.46 -33.93
N ASP D 556 10.03 -44.76 -34.13
CA ASP D 556 8.91 -45.64 -34.44
C ASP D 556 7.95 -45.83 -33.27
N LYS D 557 8.28 -45.31 -32.08
CA LYS D 557 7.43 -45.45 -30.91
C LYS D 557 6.55 -44.24 -30.65
N VAL D 558 6.57 -43.23 -31.51
CA VAL D 558 5.77 -42.03 -31.34
C VAL D 558 5.05 -41.71 -32.64
N MET D 559 3.81 -41.26 -32.50
CA MET D 559 2.96 -40.94 -33.63
C MET D 559 3.10 -39.47 -33.97
N ILE D 560 3.63 -39.17 -35.14
CA ILE D 560 3.91 -37.80 -35.57
C ILE D 560 2.80 -37.38 -36.52
N THR D 561 1.94 -36.48 -36.07
CA THR D 561 0.91 -35.92 -36.91
C THR D 561 1.55 -35.06 -38.00
N ASN D 562 0.78 -34.80 -39.06
CA ASN D 562 1.19 -33.82 -40.06
C ASN D 562 0.00 -32.99 -40.50
N GLU D 563 0.27 -31.73 -40.80
CA GLU D 563 -0.74 -30.78 -41.24
C GLU D 563 -0.78 -30.57 -42.75
N GLU D 564 0.01 -31.31 -43.52
CA GLU D 564 0.18 -31.00 -44.94
C GLU D 564 -1.13 -30.83 -45.69
N GLU D 565 -2.24 -31.27 -45.11
CA GLU D 565 -3.55 -31.06 -45.69
C GLU D 565 -3.85 -29.57 -45.93
N ILE D 566 -3.14 -28.66 -45.28
CA ILE D 566 -3.38 -27.23 -45.41
C ILE D 566 -2.46 -26.59 -46.45
N LYS D 567 -1.69 -27.40 -47.18
CA LYS D 567 -0.59 -26.85 -47.95
C LYS D 567 -1.04 -26.05 -49.16
N THR D 568 -2.34 -26.01 -49.47
CA THR D 568 -2.79 -25.15 -50.56
C THR D 568 -2.91 -23.69 -50.13
N THR D 569 -3.34 -23.44 -48.89
CA THR D 569 -3.46 -22.07 -48.40
C THR D 569 -2.30 -21.59 -47.52
N ASN D 570 -1.35 -22.44 -47.18
CA ASN D 570 -0.40 -22.00 -46.17
C ASN D 570 1.03 -22.17 -46.64
N PRO D 571 1.95 -21.41 -46.08
CA PRO D 571 3.37 -21.66 -46.33
C PRO D 571 3.83 -22.90 -45.58
N VAL D 572 4.78 -23.60 -46.19
CA VAL D 572 5.36 -24.78 -45.56
C VAL D 572 6.06 -24.35 -44.27
N ALA D 573 6.14 -25.28 -43.31
CA ALA D 573 6.74 -24.98 -42.02
C ALA D 573 8.20 -24.55 -42.14
N THR D 574 9.02 -25.31 -42.86
CA THR D 574 10.45 -25.06 -42.92
C THR D 574 10.86 -24.15 -44.06
N GLU D 575 9.91 -23.56 -44.77
CA GLU D 575 10.22 -22.76 -45.96
C GLU D 575 10.19 -21.28 -45.65
N SER D 576 11.07 -20.55 -46.32
CA SER D 576 11.01 -19.10 -46.33
C SER D 576 9.73 -18.64 -47.01
N TYR D 577 9.08 -17.66 -46.39
CA TYR D 577 7.81 -17.16 -46.92
C TYR D 577 8.01 -16.54 -48.30
N GLY D 578 9.15 -15.90 -48.52
CA GLY D 578 9.38 -15.28 -49.81
C GLY D 578 10.74 -14.59 -49.87
N GLN D 579 10.84 -13.67 -50.81
CA GLN D 579 11.98 -12.76 -50.91
C GLN D 579 11.48 -11.33 -50.83
N VAL D 580 12.40 -10.42 -50.54
CA VAL D 580 12.14 -8.99 -50.55
C VAL D 580 13.34 -8.31 -51.19
N ALA D 581 13.13 -7.10 -51.67
CA ALA D 581 14.21 -6.31 -52.22
C ALA D 581 15.02 -5.71 -51.08
N THR D 582 16.33 -5.88 -51.11
CA THR D 582 17.20 -5.34 -50.07
C THR D 582 17.85 -4.03 -50.46
N ASN D 583 17.65 -3.52 -51.67
CA ASN D 583 18.11 -2.17 -52.00
C ASN D 583 17.42 -1.70 -53.27
N HIS D 584 17.87 -0.55 -53.77
CA HIS D 584 17.38 0.05 -55.01
C HIS D 584 18.29 -0.35 -56.15
N GLN D 585 17.71 -0.59 -57.33
CA GLN D 585 18.56 -0.80 -58.49
C GLN D 585 19.05 0.53 -59.03
N SER D 586 20.18 0.48 -59.71
CA SER D 586 20.66 1.58 -60.54
C SER D 586 21.71 0.97 -61.46
N ALA D 587 22.41 1.83 -62.20
CA ALA D 587 23.43 1.35 -63.11
C ALA D 587 24.44 0.45 -62.40
N GLN D 588 24.95 0.87 -61.25
CA GLN D 588 25.92 0.09 -60.50
C GLN D 588 25.30 -0.73 -59.36
N ALA D 589 23.99 -0.59 -59.13
CA ALA D 589 23.33 -1.34 -58.09
C ALA D 589 22.43 -2.38 -58.73
N GLN D 590 22.76 -3.66 -58.52
CA GLN D 590 21.92 -4.73 -59.00
C GLN D 590 20.65 -4.86 -58.18
N ALA D 591 19.67 -5.56 -58.75
CA ALA D 591 18.53 -6.02 -57.97
C ALA D 591 19.00 -7.06 -56.97
N GLN D 592 18.61 -6.87 -55.71
CA GLN D 592 19.12 -7.69 -54.63
C GLN D 592 17.98 -8.16 -53.75
N THR D 593 18.04 -9.43 -53.38
CA THR D 593 16.96 -10.07 -52.64
C THR D 593 17.52 -10.75 -51.39
N GLY D 594 16.63 -10.94 -50.42
CA GLY D 594 16.99 -11.63 -49.20
C GLY D 594 15.77 -12.37 -48.71
N TRP D 595 16.01 -13.38 -47.89
CA TRP D 595 14.97 -14.36 -47.58
C TRP D 595 14.16 -13.92 -46.39
N VAL D 596 12.86 -14.21 -46.42
CA VAL D 596 11.95 -13.93 -45.32
C VAL D 596 11.91 -15.20 -44.49
N GLN D 597 12.55 -15.17 -43.32
CA GLN D 597 12.59 -16.34 -42.47
C GLN D 597 11.42 -16.34 -41.50
N ASN D 598 10.73 -15.21 -41.36
CA ASN D 598 9.56 -15.08 -40.53
C ASN D 598 8.68 -13.97 -41.07
N GLN D 599 7.37 -14.17 -41.02
CA GLN D 599 6.42 -13.20 -41.51
C GLN D 599 5.28 -13.08 -40.52
N GLY D 600 4.68 -11.91 -40.44
CA GLY D 600 3.47 -11.74 -39.69
C GLY D 600 2.25 -11.69 -40.59
N ILE D 601 1.15 -11.20 -40.02
CA ILE D 601 -0.05 -11.03 -40.81
C ILE D 601 0.19 -9.95 -41.85
N LEU D 602 -0.60 -9.96 -42.92
CA LEU D 602 -0.81 -8.83 -43.80
C LEU D 602 -2.27 -8.79 -44.21
N PRO D 603 -2.80 -7.64 -44.59
CA PRO D 603 -4.09 -7.62 -45.27
C PRO D 603 -3.95 -8.27 -46.64
N GLY D 604 -4.82 -9.21 -46.93
CA GLY D 604 -4.69 -10.01 -48.13
C GLY D 604 -4.19 -11.42 -47.92
N MET D 605 -3.69 -11.75 -46.73
CA MET D 605 -3.33 -13.12 -46.43
C MET D 605 -4.55 -13.95 -46.09
N VAL D 606 -4.43 -15.26 -46.31
CA VAL D 606 -5.38 -16.26 -45.85
C VAL D 606 -4.59 -17.42 -45.28
N TRP D 607 -5.17 -18.11 -44.29
CA TRP D 607 -4.50 -19.24 -43.68
C TRP D 607 -5.54 -20.19 -43.12
N GLN D 608 -5.15 -21.46 -43.01
CA GLN D 608 -5.92 -22.48 -42.34
C GLN D 608 -5.20 -22.92 -41.07
N ASP D 609 -5.97 -23.35 -40.08
CA ASP D 609 -5.40 -23.64 -38.77
C ASP D 609 -4.89 -25.08 -38.71
N ARG D 610 -4.29 -25.42 -37.57
CA ARG D 610 -3.84 -26.78 -37.32
C ARG D 610 -5.04 -27.63 -37.01
N ASP D 611 -4.90 -28.93 -37.23
CA ASP D 611 -6.08 -29.77 -37.26
C ASP D 611 -6.24 -30.51 -35.94
N VAL D 612 -7.49 -30.63 -35.52
CA VAL D 612 -7.86 -31.45 -34.37
C VAL D 612 -7.47 -32.88 -34.68
N TYR D 613 -7.16 -33.64 -33.64
CA TYR D 613 -6.92 -35.07 -33.79
C TYR D 613 -7.70 -35.81 -32.72
N LEU D 614 -7.78 -37.13 -32.90
CA LEU D 614 -8.66 -37.91 -32.04
C LEU D 614 -8.01 -38.17 -30.69
N GLN D 615 -6.68 -38.17 -30.64
CA GLN D 615 -5.99 -38.11 -29.37
C GLN D 615 -5.77 -36.68 -28.89
N GLY D 616 -6.06 -35.69 -29.73
CA GLY D 616 -5.66 -34.32 -29.48
C GLY D 616 -6.67 -33.53 -28.67
N PRO D 617 -6.35 -32.26 -28.41
CA PRO D 617 -7.21 -31.45 -27.54
C PRO D 617 -8.46 -30.95 -28.25
N ILE D 618 -9.45 -30.60 -27.43
CA ILE D 618 -10.73 -30.11 -27.93
C ILE D 618 -10.74 -28.59 -27.87
N TRP D 619 -10.58 -28.04 -26.67
CA TRP D 619 -10.68 -26.61 -26.41
C TRP D 619 -9.41 -26.12 -25.71
N ALA D 620 -9.29 -24.80 -25.63
CA ALA D 620 -8.35 -24.16 -24.73
C ALA D 620 -8.92 -22.81 -24.31
N LYS D 621 -8.37 -22.26 -23.23
CA LYS D 621 -8.83 -20.97 -22.71
C LYS D 621 -8.04 -19.85 -23.36
N ILE D 622 -8.74 -18.77 -23.69
CA ILE D 622 -8.08 -17.57 -24.21
C ILE D 622 -7.64 -16.72 -23.02
N PRO D 623 -6.36 -16.41 -22.87
CA PRO D 623 -5.93 -15.66 -21.68
C PRO D 623 -6.66 -14.33 -21.61
N HIS D 624 -6.70 -13.76 -20.42
CA HIS D 624 -7.43 -12.51 -20.25
C HIS D 624 -6.45 -11.37 -20.48
N THR D 625 -6.61 -10.70 -21.61
CA THR D 625 -5.62 -9.75 -22.10
C THR D 625 -6.36 -8.69 -22.89
N ASP D 626 -5.76 -7.50 -22.95
CA ASP D 626 -6.40 -6.40 -23.64
C ASP D 626 -6.54 -6.67 -25.13
N GLY D 627 -5.62 -7.43 -25.70
CA GLY D 627 -5.73 -7.76 -27.11
C GLY D 627 -5.10 -9.09 -27.45
N ASN D 628 -5.61 -9.68 -28.52
CA ASN D 628 -5.14 -10.95 -29.06
C ASN D 628 -5.52 -11.01 -30.52
N PHE D 629 -4.94 -11.96 -31.25
CA PHE D 629 -5.29 -12.13 -32.65
C PHE D 629 -5.44 -13.60 -32.98
N HIS D 630 -6.58 -13.92 -33.58
CA HIS D 630 -6.95 -15.26 -33.99
C HIS D 630 -6.80 -16.15 -32.76
N PRO D 631 -7.73 -16.05 -31.84
CA PRO D 631 -7.60 -16.70 -30.54
C PRO D 631 -7.53 -18.22 -30.58
N SER D 632 -7.80 -18.82 -31.74
CA SER D 632 -7.83 -20.27 -31.83
C SER D 632 -6.50 -20.85 -31.33
N PRO D 633 -6.54 -21.76 -30.35
CA PRO D 633 -5.31 -22.19 -29.68
C PRO D 633 -4.37 -22.93 -30.62
N LEU D 634 -3.10 -22.97 -30.24
CA LEU D 634 -2.08 -23.42 -31.19
C LEU D 634 -1.82 -24.91 -31.16
N MET D 635 -2.37 -25.65 -30.20
CA MET D 635 -2.32 -27.10 -30.28
C MET D 635 -3.52 -27.69 -31.01
N GLY D 636 -4.37 -26.87 -31.59
CA GLY D 636 -5.54 -27.35 -32.29
C GLY D 636 -6.79 -27.19 -31.46
N GLY D 637 -7.91 -27.04 -32.15
CA GLY D 637 -9.20 -26.98 -31.48
C GLY D 637 -9.75 -25.58 -31.36
N PHE D 638 -10.77 -25.48 -30.52
CA PHE D 638 -11.59 -24.29 -30.39
C PHE D 638 -11.10 -23.48 -29.20
N GLY D 639 -10.97 -22.17 -29.37
CA GLY D 639 -10.65 -21.30 -28.26
C GLY D 639 -11.92 -20.77 -27.61
N MET D 640 -11.81 -20.47 -26.32
CA MET D 640 -12.95 -19.96 -25.56
C MET D 640 -12.48 -18.99 -24.48
N LYS D 641 -13.27 -17.93 -24.25
CA LYS D 641 -13.00 -17.01 -23.15
C LYS D 641 -13.75 -17.41 -21.89
N HIS D 642 -14.63 -18.38 -21.97
CA HIS D 642 -15.26 -19.01 -20.82
C HIS D 642 -15.35 -20.50 -21.15
N PRO D 643 -14.23 -21.21 -21.07
CA PRO D 643 -14.21 -22.60 -21.49
C PRO D 643 -14.94 -23.48 -20.50
N PRO D 644 -15.00 -24.80 -20.74
CA PRO D 644 -15.56 -25.69 -19.74
C PRO D 644 -14.87 -25.49 -18.41
N PRO D 645 -15.63 -25.31 -17.34
CA PRO D 645 -15.00 -25.00 -16.05
C PRO D 645 -14.26 -26.20 -15.51
N GLN D 646 -13.28 -25.91 -14.65
CA GLN D 646 -12.61 -26.98 -13.94
C GLN D 646 -13.52 -27.56 -12.87
N ILE D 647 -13.24 -28.81 -12.50
CA ILE D 647 -13.97 -29.52 -11.46
C ILE D 647 -12.92 -30.01 -10.48
N LEU D 648 -13.06 -29.65 -9.21
CA LEU D 648 -12.04 -29.95 -8.22
C LEU D 648 -12.63 -30.79 -7.10
N ILE D 649 -11.89 -31.81 -6.70
CA ILE D 649 -12.42 -32.85 -5.83
C ILE D 649 -11.31 -33.36 -4.90
N LYS D 650 -11.66 -33.57 -3.64
CA LYS D 650 -10.72 -34.09 -2.67
C LYS D 650 -11.45 -35.02 -1.73
N ASN D 651 -10.70 -35.86 -1.03
CA ASN D 651 -11.31 -36.74 -0.07
C ASN D 651 -11.16 -35.97 1.21
N THR D 652 -12.26 -35.57 1.83
CA THR D 652 -12.17 -34.80 3.07
C THR D 652 -11.44 -35.65 4.08
N PRO D 653 -10.47 -35.05 4.77
CA PRO D 653 -9.66 -35.79 5.75
C PRO D 653 -10.46 -36.23 6.96
N VAL D 654 -10.18 -37.43 7.43
CA VAL D 654 -10.83 -37.92 8.62
C VAL D 654 -9.72 -37.94 9.66
N PRO D 655 -9.88 -37.16 10.73
CA PRO D 655 -8.84 -37.14 11.76
C PRO D 655 -8.69 -38.44 12.51
N ALA D 656 -7.45 -38.76 12.86
CA ALA D 656 -7.11 -39.94 13.65
C ALA D 656 -7.29 -39.61 15.14
N ASP D 657 -7.19 -40.60 16.00
CA ASP D 657 -7.37 -40.36 17.42
C ASP D 657 -6.34 -39.33 17.91
N PRO D 658 -6.79 -38.37 18.73
CA PRO D 658 -6.01 -37.29 19.30
C PRO D 658 -5.78 -37.51 20.79
N PRO D 659 -4.74 -36.87 21.35
CA PRO D 659 -4.41 -36.99 22.78
C PRO D 659 -5.48 -36.35 23.66
N THR D 660 -5.62 -36.85 24.88
CA THR D 660 -6.62 -36.38 25.82
C THR D 660 -6.41 -34.98 26.44
N ALA D 661 -5.21 -34.42 26.32
CA ALA D 661 -4.93 -33.10 26.88
C ALA D 661 -4.70 -32.12 25.75
N PHE D 662 -5.36 -30.96 25.81
CA PHE D 662 -5.37 -30.03 24.69
C PHE D 662 -3.96 -29.64 24.26
N ASN D 663 -3.80 -29.47 22.94
CA ASN D 663 -2.54 -29.09 22.32
C ASN D 663 -2.86 -28.15 21.17
N LYS D 664 -2.18 -27.01 21.11
CA LYS D 664 -2.58 -25.95 20.20
C LYS D 664 -2.18 -26.18 18.76
N ASP D 665 -1.39 -27.21 18.47
CA ASP D 665 -0.92 -27.46 17.12
C ASP D 665 -2.04 -28.02 16.25
N LYS D 666 -1.85 -27.93 14.94
CA LYS D 666 -2.74 -28.61 14.02
C LYS D 666 -2.52 -30.11 14.10
N LEU D 667 -3.50 -30.88 13.64
CA LEU D 667 -3.42 -32.32 13.70
C LEU D 667 -2.75 -32.86 12.45
N ASN D 668 -1.67 -33.62 12.62
CA ASN D 668 -0.94 -34.19 11.50
C ASN D 668 -1.24 -35.66 11.22
N SER D 669 -2.04 -36.33 12.04
CA SER D 669 -2.22 -37.77 11.97
C SER D 669 -3.62 -38.08 11.46
N PHE D 670 -3.70 -38.79 10.34
CA PHE D 670 -4.98 -38.99 9.67
C PHE D 670 -5.10 -40.43 9.15
N ILE D 671 -6.35 -40.89 9.11
CA ILE D 671 -6.65 -42.25 8.69
C ILE D 671 -6.38 -42.39 7.20
N THR D 672 -5.56 -43.38 6.83
CA THR D 672 -5.31 -43.64 5.43
C THR D 672 -6.63 -43.99 4.76
N GLN D 673 -6.90 -43.35 3.63
CA GLN D 673 -8.25 -43.34 3.08
C GLN D 673 -8.18 -43.11 1.59
N TYR D 674 -9.20 -43.56 0.87
CA TYR D 674 -9.39 -43.15 -0.52
C TYR D 674 -10.86 -43.35 -0.85
N SER D 675 -11.20 -43.09 -2.11
CA SER D 675 -12.57 -43.25 -2.55
C SER D 675 -12.62 -43.39 -4.06
N THR D 676 -13.75 -43.89 -4.55
CA THR D 676 -13.96 -44.01 -5.98
C THR D 676 -15.45 -44.02 -6.28
N GLY D 677 -15.75 -44.31 -7.54
CA GLY D 677 -17.10 -44.13 -8.02
C GLY D 677 -17.10 -44.11 -9.52
N GLN D 678 -18.09 -43.43 -10.10
CA GLN D 678 -18.27 -43.38 -11.54
C GLN D 678 -18.19 -41.95 -12.01
N VAL D 679 -17.88 -41.77 -13.30
CA VAL D 679 -17.85 -40.47 -13.94
C VAL D 679 -18.51 -40.58 -15.31
N SER D 680 -19.58 -39.82 -15.51
CA SER D 680 -20.27 -39.78 -16.80
C SER D 680 -20.33 -38.35 -17.30
N VAL D 681 -20.07 -38.17 -18.59
CA VAL D 681 -20.04 -36.86 -19.23
C VAL D 681 -20.72 -36.96 -20.58
N GLU D 682 -21.38 -35.88 -21.00
CA GLU D 682 -22.09 -35.85 -22.27
C GLU D 682 -21.71 -34.59 -23.03
N ILE D 683 -21.08 -34.77 -24.20
CA ILE D 683 -20.66 -33.67 -25.05
C ILE D 683 -21.44 -33.76 -26.36
N GLU D 684 -22.37 -32.84 -26.57
CA GLU D 684 -23.07 -32.74 -27.84
C GLU D 684 -22.12 -32.18 -28.88
N TRP D 685 -22.46 -32.34 -30.16
CA TRP D 685 -21.70 -31.79 -31.26
C TRP D 685 -22.65 -31.35 -32.36
N GLU D 686 -22.23 -30.36 -33.15
CA GLU D 686 -23.01 -29.87 -34.28
C GLU D 686 -22.18 -29.83 -35.55
N LEU D 687 -22.77 -30.31 -36.64
CA LEU D 687 -22.02 -30.47 -37.89
C LEU D 687 -22.33 -29.41 -38.92
N VAL E 420 -19.93 -4.65 -47.36
CA VAL E 420 -18.52 -4.29 -47.55
C VAL E 420 -18.37 -2.79 -47.44
N PRO E 421 -17.18 -2.34 -47.05
CA PRO E 421 -16.99 -0.91 -46.78
C PRO E 421 -16.97 -0.06 -48.04
N PHE E 422 -17.35 1.20 -47.89
CA PHE E 422 -17.31 2.14 -49.00
C PHE E 422 -15.88 2.36 -49.47
N HIS E 423 -15.66 2.18 -50.76
CA HIS E 423 -14.34 2.45 -51.31
C HIS E 423 -14.04 3.93 -51.21
N SER E 424 -12.77 4.26 -50.99
CA SER E 424 -12.35 5.63 -50.81
C SER E 424 -11.89 6.20 -52.14
N SER E 425 -12.69 7.10 -52.71
CA SER E 425 -12.22 7.94 -53.80
C SER E 425 -12.03 9.32 -53.19
N TYR E 426 -10.80 9.55 -52.71
CA TYR E 426 -10.31 10.79 -52.09
C TYR E 426 -8.83 10.64 -51.76
N ALA E 427 -8.21 11.74 -51.39
CA ALA E 427 -6.81 11.74 -50.99
C ALA E 427 -6.72 12.42 -49.64
N HIS E 428 -5.93 11.84 -48.74
CA HIS E 428 -5.78 12.40 -47.40
C HIS E 428 -5.11 13.76 -47.43
N SER E 429 -5.65 14.69 -46.64
CA SER E 429 -5.09 16.02 -46.54
C SER E 429 -3.69 16.06 -45.94
N GLN E 430 -3.48 15.27 -44.88
CA GLN E 430 -2.20 15.24 -44.18
C GLN E 430 -1.67 13.83 -43.95
N SER E 431 -0.36 13.75 -43.76
CA SER E 431 0.31 12.48 -43.45
C SER E 431 0.08 12.17 -41.98
N LEU E 432 0.28 10.93 -41.58
CA LEU E 432 0.07 10.58 -40.18
C LEU E 432 0.95 11.37 -39.20
N ASP E 433 2.21 11.61 -39.58
CA ASP E 433 3.14 12.34 -38.72
C ASP E 433 2.91 13.85 -38.64
N ARG E 434 2.11 14.40 -39.54
CA ARG E 434 1.84 15.83 -39.57
C ARG E 434 0.61 16.22 -38.74
N LEU E 435 0.04 15.24 -38.05
CA LEU E 435 -1.13 15.46 -37.20
C LEU E 435 -0.86 16.39 -36.01
N MET E 436 0.37 16.38 -35.51
CA MET E 436 0.78 17.18 -34.37
C MET E 436 0.57 18.66 -34.57
N ASN E 437 0.17 19.34 -33.50
CA ASN E 437 -0.06 20.78 -33.53
C ASN E 437 1.28 21.48 -33.55
N PRO E 438 1.50 22.34 -34.56
CA PRO E 438 2.75 23.07 -34.76
C PRO E 438 3.10 24.08 -33.66
N LEU E 439 2.10 24.78 -33.17
CA LEU E 439 2.27 25.81 -32.15
C LEU E 439 2.77 25.45 -30.74
N ILE E 440 2.29 24.35 -30.16
CA ILE E 440 2.66 24.02 -28.78
C ILE E 440 3.59 22.82 -28.54
N ASP E 441 4.23 22.84 -27.37
CA ASP E 441 5.12 21.79 -26.91
C ASP E 441 4.34 20.65 -26.26
N GLN E 442 4.80 19.42 -26.51
CA GLN E 442 4.35 18.27 -25.74
C GLN E 442 4.85 18.38 -24.31
N TYR E 443 4.21 17.63 -23.42
CA TYR E 443 4.73 17.48 -22.06
C TYR E 443 5.69 16.32 -21.93
N LEU E 444 5.88 15.54 -22.98
CA LEU E 444 6.86 14.46 -22.98
C LEU E 444 8.25 14.98 -23.25
N TYR E 445 9.24 14.22 -22.83
CA TYR E 445 10.64 14.48 -23.07
C TYR E 445 11.21 13.33 -23.89
N TYR E 446 12.37 13.54 -24.48
CA TYR E 446 13.04 12.50 -25.24
C TYR E 446 14.53 12.63 -24.98
N LEU E 447 15.24 11.51 -25.04
CA LEU E 447 16.68 11.51 -24.88
C LEU E 447 17.30 12.35 -25.98
N SER E 448 18.22 13.25 -25.65
CA SER E 448 18.80 14.15 -26.65
C SER E 448 20.30 13.97 -26.80
N LYS E 449 21.07 14.41 -25.82
CA LYS E 449 22.51 14.22 -25.81
C LYS E 449 22.85 12.99 -24.97
N THR E 450 23.70 12.13 -25.51
CA THR E 450 24.28 11.05 -24.73
C THR E 450 25.70 11.32 -24.26
N ILE E 451 26.32 12.42 -24.67
CA ILE E 451 27.66 12.79 -24.22
C ILE E 451 27.74 14.30 -24.11
N ASN E 452 28.39 14.79 -23.06
CA ASN E 452 28.61 16.22 -22.93
C ASN E 452 29.38 16.76 -24.12
N GLY E 453 30.57 16.23 -24.37
CA GLY E 453 31.42 16.76 -25.42
C GLY E 453 32.30 15.67 -25.98
N SER E 454 33.16 16.06 -26.91
CA SER E 454 34.05 15.10 -27.54
C SER E 454 35.22 14.79 -26.62
N GLY E 455 35.47 13.51 -26.42
CA GLY E 455 36.61 13.07 -25.66
C GLY E 455 36.28 11.81 -24.90
N GLN E 456 37.21 11.40 -24.05
CA GLN E 456 37.05 10.17 -23.30
C GLN E 456 36.18 10.41 -22.08
N ASN E 457 35.32 9.44 -21.78
CA ASN E 457 34.57 9.40 -20.52
C ASN E 457 33.66 10.62 -20.39
N GLN E 458 33.00 10.97 -21.48
CA GLN E 458 32.11 12.12 -21.51
C GLN E 458 30.64 11.77 -21.33
N GLN E 459 30.31 10.51 -21.06
CA GLN E 459 28.92 10.09 -21.06
C GLN E 459 28.07 10.97 -20.15
N THR E 460 26.86 11.27 -20.60
CA THR E 460 25.86 11.94 -19.77
C THR E 460 24.50 11.67 -20.41
N LEU E 461 23.44 11.95 -19.67
CA LEU E 461 22.10 11.82 -20.21
C LEU E 461 21.35 13.13 -20.06
N LYS E 462 21.01 13.74 -21.19
CA LYS E 462 20.30 15.01 -21.23
C LYS E 462 18.96 14.83 -21.92
N PHE E 463 17.88 15.09 -21.21
CA PHE E 463 16.54 14.90 -21.72
C PHE E 463 15.95 16.23 -22.15
N SER E 464 15.45 16.27 -23.37
CA SER E 464 14.88 17.48 -23.93
C SER E 464 13.43 17.23 -24.30
N VAL E 465 12.67 18.32 -24.46
CA VAL E 465 11.26 18.18 -24.80
C VAL E 465 11.11 18.00 -26.29
N ALA E 466 10.22 17.11 -26.69
CA ALA E 466 9.79 17.05 -28.07
C ALA E 466 8.88 18.24 -28.34
N GLY E 467 9.22 19.01 -29.37
CA GLY E 467 8.50 20.21 -29.68
C GLY E 467 8.60 20.55 -31.16
N PRO E 468 7.95 21.63 -31.58
CA PRO E 468 7.90 21.93 -33.02
C PRO E 468 9.26 22.20 -33.63
N SER E 469 10.25 22.58 -32.81
CA SER E 469 11.59 22.78 -33.35
C SER E 469 12.12 21.51 -34.00
N ASN E 470 12.12 20.40 -33.26
CA ASN E 470 12.38 19.09 -33.84
C ASN E 470 11.14 18.23 -33.70
N MET E 471 10.43 18.03 -34.81
CA MET E 471 9.24 17.20 -34.83
C MET E 471 9.51 15.72 -34.99
N ALA E 472 10.67 15.37 -35.54
CA ALA E 472 10.93 13.97 -35.87
C ALA E 472 10.84 13.08 -34.63
N VAL E 473 11.06 13.65 -33.45
CA VAL E 473 11.20 12.88 -32.23
C VAL E 473 9.94 12.83 -31.41
N GLN E 474 8.85 13.40 -31.89
CA GLN E 474 7.71 13.55 -31.00
C GLN E 474 6.94 12.25 -30.84
N GLY E 475 6.29 12.13 -29.68
CA GLY E 475 5.44 10.97 -29.46
C GLY E 475 4.19 11.01 -30.32
N ARG E 476 4.00 9.97 -31.11
CA ARG E 476 2.80 9.85 -31.93
C ARG E 476 2.08 8.57 -31.55
N ASN E 477 0.78 8.56 -31.77
CA ASN E 477 -0.06 7.46 -31.35
C ASN E 477 -0.23 6.38 -32.39
N TYR E 478 0.21 6.59 -33.62
CA TYR E 478 -0.05 5.63 -34.68
C TYR E 478 1.11 5.57 -35.65
N ILE E 479 1.13 4.52 -36.46
CA ILE E 479 2.23 4.24 -37.37
C ILE E 479 1.64 3.87 -38.72
N PRO E 480 2.42 4.01 -39.79
CA PRO E 480 1.92 3.68 -41.13
C PRO E 480 1.73 2.18 -41.31
N GLY E 481 1.00 1.84 -42.38
CA GLY E 481 0.66 0.47 -42.67
C GLY E 481 1.87 -0.41 -42.96
N PRO E 482 1.62 -1.71 -43.14
CA PRO E 482 2.70 -2.66 -43.37
C PRO E 482 3.27 -2.55 -44.78
N SER E 483 4.54 -2.92 -44.89
CA SER E 483 5.30 -2.73 -46.12
C SER E 483 6.03 -4.00 -46.49
N TYR E 484 5.94 -4.37 -47.77
CA TYR E 484 6.72 -5.48 -48.31
C TYR E 484 7.43 -4.95 -49.55
N ARG E 485 8.74 -4.76 -49.46
CA ARG E 485 9.41 -3.84 -50.37
C ARG E 485 9.51 -4.39 -51.78
N GLN E 486 8.99 -3.63 -52.73
CA GLN E 486 9.19 -3.88 -54.15
C GLN E 486 10.55 -3.33 -54.59
N GLN E 487 11.09 -3.88 -55.66
CA GLN E 487 12.22 -3.24 -56.31
C GLN E 487 11.77 -1.92 -56.93
N ARG E 488 12.68 -0.95 -56.97
CA ARG E 488 12.35 0.37 -57.50
C ARG E 488 12.90 0.46 -58.92
N ILE E 560 0.95 3.72 -66.35
CA ILE E 560 0.96 2.88 -65.16
C ILE E 560 0.26 3.61 -64.04
N THR E 561 -0.76 2.96 -63.47
CA THR E 561 -1.44 3.53 -62.33
C THR E 561 -0.49 3.68 -61.15
N ASN E 562 -0.48 4.87 -60.56
CA ASN E 562 0.40 5.14 -59.42
C ASN E 562 -0.43 5.54 -58.20
N GLU E 563 0.04 5.11 -57.04
CA GLU E 563 -0.69 5.18 -55.78
C GLU E 563 -0.37 6.41 -54.96
N GLU E 564 0.33 7.40 -55.50
CA GLU E 564 0.90 8.47 -54.71
C GLU E 564 -0.13 9.20 -53.85
N GLU E 565 -1.42 8.94 -54.06
CA GLU E 565 -2.42 9.46 -53.13
C GLU E 565 -2.15 8.98 -51.72
N ILE E 566 -1.92 7.68 -51.54
CA ILE E 566 -2.03 7.01 -50.25
C ILE E 566 -0.78 7.22 -49.41
N LYS E 567 0.26 7.80 -49.99
CA LYS E 567 1.52 7.89 -49.28
C LYS E 567 1.41 8.70 -47.99
N THR E 568 0.28 9.35 -47.73
CA THR E 568 0.09 9.96 -46.43
C THR E 568 0.23 8.94 -45.30
N THR E 569 -0.57 7.89 -45.32
CA THR E 569 -0.50 6.85 -44.28
C THR E 569 0.25 5.59 -44.69
N ASN E 570 0.71 5.46 -45.93
CA ASN E 570 1.32 4.18 -46.26
C ASN E 570 2.79 4.37 -46.60
N PRO E 571 3.63 3.40 -46.28
CA PRO E 571 5.05 3.53 -46.61
C PRO E 571 5.26 3.46 -48.11
N VAL E 572 6.37 4.05 -48.56
CA VAL E 572 6.73 3.99 -49.96
C VAL E 572 7.15 2.57 -50.33
N ALA E 573 6.48 2.01 -51.34
CA ALA E 573 6.76 0.64 -51.77
C ALA E 573 8.24 0.39 -51.94
N THR E 574 8.97 1.35 -52.48
CA THR E 574 10.36 1.16 -52.85
C THR E 574 11.30 1.48 -51.70
N GLU E 575 10.76 1.74 -50.51
CA GLU E 575 11.56 2.08 -49.34
C GLU E 575 11.33 1.08 -48.22
N SER E 576 12.29 1.04 -47.30
CA SER E 576 12.19 0.21 -46.11
C SER E 576 11.16 0.81 -45.15
N TYR E 577 10.60 -0.04 -44.31
CA TYR E 577 9.65 0.47 -43.33
C TYR E 577 10.36 1.38 -42.33
N GLY E 578 11.53 0.98 -41.87
CA GLY E 578 12.21 1.75 -40.85
C GLY E 578 13.42 1.00 -40.32
N GLN E 579 13.79 1.32 -39.09
CA GLN E 579 14.93 0.69 -38.43
C GLN E 579 14.50 0.05 -37.12
N VAL E 580 15.31 -0.91 -36.69
CA VAL E 580 15.27 -1.46 -35.34
C VAL E 580 16.71 -1.56 -34.86
N ALA E 581 16.91 -1.47 -33.56
CA ALA E 581 18.25 -1.65 -33.04
C ALA E 581 18.52 -3.13 -32.82
N THR E 582 19.70 -3.59 -33.22
CA THR E 582 20.02 -5.00 -33.16
C THR E 582 20.89 -5.41 -31.99
N ASN E 583 21.36 -4.49 -31.16
CA ASN E 583 22.33 -4.88 -30.15
C ASN E 583 22.13 -4.10 -28.87
N HIS E 584 22.76 -4.60 -27.82
CA HIS E 584 22.89 -3.89 -26.55
C HIS E 584 24.15 -3.04 -26.60
N GLN E 585 24.01 -1.74 -26.49
CA GLN E 585 25.18 -0.88 -26.40
C GLN E 585 25.87 -1.09 -25.07
N SER E 586 27.14 -0.75 -25.02
CA SER E 586 27.88 -0.71 -23.77
C SER E 586 29.10 0.17 -24.03
N ALA E 587 29.91 0.37 -23.00
CA ALA E 587 31.13 1.11 -23.23
C ALA E 587 32.02 0.39 -24.24
N GLN E 588 31.80 -0.91 -24.41
CA GLN E 588 32.70 -1.70 -25.26
C GLN E 588 32.12 -1.94 -26.64
N ALA E 589 30.90 -1.49 -26.91
CA ALA E 589 30.23 -1.79 -28.17
C ALA E 589 29.33 -0.66 -28.60
N GLN E 590 29.36 -0.34 -29.90
CA GLN E 590 28.51 0.71 -30.44
C GLN E 590 27.10 0.19 -30.70
N ALA E 591 26.15 1.12 -30.71
CA ALA E 591 24.78 0.78 -31.09
C ALA E 591 24.71 0.44 -32.57
N GLN E 592 23.95 -0.59 -32.90
CA GLN E 592 23.78 -1.03 -34.28
C GLN E 592 22.30 -1.02 -34.62
N THR E 593 22.02 -0.98 -35.92
CA THR E 593 20.66 -0.98 -36.43
C THR E 593 20.61 -1.64 -37.79
N GLY E 594 19.41 -2.00 -38.20
CA GLY E 594 19.19 -2.58 -39.51
C GLY E 594 17.82 -2.16 -40.00
N TRP E 595 17.60 -2.34 -41.30
CA TRP E 595 16.43 -1.79 -41.94
C TRP E 595 15.37 -2.88 -42.10
N VAL E 596 14.11 -2.48 -42.03
CA VAL E 596 12.99 -3.41 -42.14
C VAL E 596 12.58 -3.50 -43.60
N GLN E 597 12.84 -4.64 -44.22
CA GLN E 597 12.45 -4.82 -45.61
C GLN E 597 10.98 -5.21 -45.72
N ASN E 598 10.47 -5.94 -44.73
CA ASN E 598 9.07 -6.35 -44.68
C ASN E 598 8.55 -6.24 -43.27
N GLN E 599 7.44 -5.54 -43.10
CA GLN E 599 6.87 -5.34 -41.78
C GLN E 599 5.43 -5.82 -41.78
N GLY E 600 5.06 -6.61 -40.78
CA GLY E 600 3.72 -7.06 -40.62
C GLY E 600 2.96 -6.20 -39.64
N ILE E 601 1.67 -6.50 -39.51
CA ILE E 601 0.79 -5.67 -38.70
C ILE E 601 1.36 -5.55 -37.30
N LEU E 602 1.24 -4.36 -36.72
CA LEU E 602 1.46 -4.15 -35.29
C LEU E 602 0.25 -3.41 -34.76
N PRO E 603 -0.09 -3.57 -33.49
CA PRO E 603 -1.24 -2.85 -32.95
C PRO E 603 -1.02 -1.35 -33.10
N GLY E 604 -2.02 -0.68 -33.67
CA GLY E 604 -1.93 0.75 -33.89
C GLY E 604 -1.49 1.19 -35.27
N MET E 605 -1.46 0.29 -36.24
CA MET E 605 -1.25 0.69 -37.62
C MET E 605 -2.55 1.18 -38.24
N VAL E 606 -2.42 2.04 -39.24
CA VAL E 606 -3.52 2.52 -40.07
C VAL E 606 -3.01 2.56 -41.50
N TRP E 607 -3.88 2.23 -42.45
CA TRP E 607 -3.48 2.17 -43.85
C TRP E 607 -4.69 2.31 -44.75
N GLN E 608 -4.43 2.56 -46.02
CA GLN E 608 -5.44 2.63 -47.07
C GLN E 608 -5.51 1.32 -47.83
N SER F 224 -23.30 36.03 -12.95
CA SER F 224 -22.85 34.74 -12.44
C SER F 224 -23.75 33.66 -13.00
N SER F 225 -23.48 33.28 -14.24
CA SER F 225 -24.34 32.35 -14.95
C SER F 225 -24.12 30.90 -14.55
N GLY F 226 -23.02 30.60 -13.88
CA GLY F 226 -22.78 29.24 -13.43
C GLY F 226 -21.97 29.25 -12.15
N ASN F 227 -21.92 28.08 -11.52
CA ASN F 227 -21.21 27.91 -10.27
C ASN F 227 -19.98 27.04 -10.46
N TRP F 228 -19.24 26.87 -9.38
CA TRP F 228 -18.00 26.10 -9.36
C TRP F 228 -18.20 24.66 -8.90
N HIS F 229 -17.95 23.71 -9.79
CA HIS F 229 -18.09 22.28 -9.48
C HIS F 229 -16.76 21.55 -9.61
N CYS F 230 -16.29 20.93 -8.53
CA CYS F 230 -15.02 20.18 -8.58
C CYS F 230 -14.96 18.73 -8.11
N ASP F 231 -15.54 18.43 -6.94
CA ASP F 231 -15.42 17.09 -6.36
C ASP F 231 -16.04 15.93 -7.14
N SER F 232 -15.43 14.76 -6.98
CA SER F 232 -15.86 13.53 -7.64
C SER F 232 -16.50 12.58 -6.65
N GLN F 233 -17.62 11.98 -7.05
CA GLN F 233 -18.33 11.02 -6.22
C GLN F 233 -18.23 9.62 -6.82
N TRP F 234 -18.18 8.61 -5.96
CA TRP F 234 -18.04 7.23 -6.37
C TRP F 234 -19.35 6.54 -6.05
N LEU F 235 -20.03 6.05 -7.08
CA LEU F 235 -21.28 5.35 -6.86
C LEU F 235 -21.27 4.03 -7.59
N GLY F 236 -21.30 2.92 -6.86
CA GLY F 236 -21.32 1.62 -7.49
C GLY F 236 -20.21 1.41 -8.48
N ASP F 237 -20.60 1.00 -9.68
CA ASP F 237 -19.69 0.74 -10.78
C ASP F 237 -19.45 1.99 -11.63
N ARG F 238 -19.68 3.17 -11.05
CA ARG F 238 -19.49 4.40 -11.79
C ARG F 238 -18.67 5.39 -10.99
N VAL F 239 -17.91 6.22 -11.70
CA VAL F 239 -17.23 7.35 -11.10
C VAL F 239 -17.64 8.59 -11.90
N ILE F 240 -18.07 9.62 -11.19
CA ILE F 240 -18.37 10.90 -11.82
C ILE F 240 -17.45 11.94 -11.20
N THR F 241 -16.50 12.42 -11.98
CA THR F 241 -15.55 13.41 -11.51
C THR F 241 -15.80 14.73 -12.20
N THR F 242 -15.55 15.82 -11.48
CA THR F 242 -15.74 17.15 -12.03
C THR F 242 -14.56 18.02 -11.64
N SER F 243 -14.05 18.79 -12.61
CA SER F 243 -13.04 19.80 -12.37
C SER F 243 -13.46 21.09 -13.02
N THR F 244 -13.25 22.21 -12.33
CA THR F 244 -13.54 23.53 -12.88
C THR F 244 -12.28 24.38 -12.80
N ARG F 245 -11.98 25.08 -13.90
CA ARG F 245 -10.75 25.83 -13.98
C ARG F 245 -11.01 27.27 -14.41
N THR F 246 -10.17 28.17 -13.92
CA THR F 246 -10.19 29.58 -14.28
C THR F 246 -9.19 29.81 -15.39
N TRP F 247 -9.64 30.43 -16.49
CA TRP F 247 -8.81 30.59 -17.67
C TRP F 247 -8.67 32.05 -18.06
N ALA F 248 -7.69 32.29 -18.92
CA ALA F 248 -7.47 33.59 -19.55
C ALA F 248 -7.04 33.38 -20.98
N LEU F 249 -7.66 34.09 -21.92
CA LEU F 249 -7.36 33.94 -23.33
C LEU F 249 -6.74 35.21 -23.90
N PRO F 250 -5.56 35.15 -24.50
CA PRO F 250 -4.97 36.32 -25.17
C PRO F 250 -5.47 36.49 -26.60
N THR F 251 -4.82 37.40 -27.31
CA THR F 251 -5.07 37.64 -28.73
C THR F 251 -3.86 37.17 -29.54
N TYR F 252 -4.04 36.12 -30.31
CA TYR F 252 -2.92 35.49 -31.02
C TYR F 252 -2.85 35.97 -32.46
N ASN F 253 -1.60 36.09 -32.95
CA ASN F 253 -1.29 36.44 -34.34
C ASN F 253 -1.89 37.76 -34.77
N ASN F 254 -2.13 38.66 -33.82
CA ASN F 254 -2.72 39.96 -34.13
C ASN F 254 -4.02 39.80 -34.91
N HIS F 255 -4.91 38.98 -34.39
CA HIS F 255 -6.23 38.70 -34.96
C HIS F 255 -6.15 38.13 -36.36
N LEU F 256 -5.03 37.51 -36.74
CA LEU F 256 -4.81 37.08 -38.11
C LEU F 256 -4.57 35.59 -38.21
N TYR F 257 -4.81 35.05 -39.40
CA TYR F 257 -4.22 33.79 -39.82
C TYR F 257 -2.84 34.06 -40.40
N LYS F 258 -1.90 33.18 -40.11
CA LYS F 258 -0.58 33.28 -40.73
C LYS F 258 -0.06 31.90 -41.11
N GLN F 259 0.17 31.70 -42.40
CA GLN F 259 0.86 30.51 -42.88
C GLN F 259 2.22 30.36 -42.21
N ILE F 260 2.47 29.18 -41.64
CA ILE F 260 3.75 28.85 -41.03
C ILE F 260 4.39 27.68 -41.77
N SER F 261 5.67 27.85 -42.08
CA SER F 261 6.49 26.79 -42.65
C SER F 261 7.76 26.73 -41.81
N ASN F 262 8.65 25.81 -42.17
CA ASN F 262 9.86 25.70 -41.37
C ASN F 262 10.85 26.80 -41.74
N SER F 263 10.83 27.24 -43.01
CA SER F 263 11.80 28.20 -43.50
C SER F 263 11.82 29.48 -42.66
N THR F 264 10.71 29.77 -41.96
CA THR F 264 10.71 30.85 -40.99
C THR F 264 11.52 30.49 -39.75
N SER F 265 11.45 29.23 -39.32
CA SER F 265 12.28 28.73 -38.22
C SER F 265 13.59 28.13 -38.72
N GLY F 266 13.74 27.95 -40.04
CA GLY F 266 14.95 27.45 -40.66
C GLY F 266 14.90 25.99 -41.10
N GLY F 267 14.08 25.16 -40.45
CA GLY F 267 13.77 23.83 -40.93
C GLY F 267 14.94 22.99 -41.42
N SER F 268 16.05 23.00 -40.69
CA SER F 268 17.34 22.65 -41.27
C SER F 268 17.43 21.19 -41.73
N SER F 269 16.41 20.37 -41.48
CA SER F 269 16.41 18.97 -41.92
C SER F 269 15.08 18.67 -42.61
N ASN F 270 15.07 17.60 -43.41
CA ASN F 270 13.87 17.24 -44.14
C ASN F 270 12.86 16.47 -43.29
N ASP F 271 13.32 15.75 -42.26
CA ASP F 271 12.38 15.14 -41.33
C ASP F 271 11.58 16.20 -40.61
N ASN F 272 12.15 17.38 -40.46
CA ASN F 272 11.59 18.44 -39.64
C ASN F 272 10.75 19.42 -40.43
N ALA F 273 10.57 19.19 -41.73
CA ALA F 273 9.82 20.11 -42.57
C ALA F 273 8.33 20.01 -42.30
N TYR F 274 7.63 21.13 -42.45
CA TYR F 274 6.20 21.17 -42.20
C TYR F 274 5.57 22.33 -42.95
N PHE F 275 4.24 22.27 -43.09
CA PHE F 275 3.44 23.33 -43.68
C PHE F 275 2.14 23.45 -42.92
N GLY F 276 1.82 24.64 -42.44
CA GLY F 276 0.61 24.80 -41.66
C GLY F 276 0.21 26.25 -41.45
N TYR F 277 -0.85 26.42 -40.67
CA TYR F 277 -1.46 27.73 -40.46
C TYR F 277 -1.71 27.96 -38.99
N SER F 278 -1.05 28.99 -38.44
CA SER F 278 -1.27 29.44 -37.08
C SER F 278 -2.44 30.41 -37.05
N THR F 279 -3.47 30.08 -36.30
CA THR F 279 -4.74 30.78 -36.38
C THR F 279 -4.99 31.57 -35.10
N PRO F 280 -5.80 32.63 -35.17
CA PRO F 280 -6.08 33.42 -33.96
C PRO F 280 -6.85 32.66 -32.88
N TRP F 281 -7.43 31.53 -33.21
CA TRP F 281 -8.32 30.84 -32.30
C TRP F 281 -7.57 30.12 -31.18
N GLY F 282 -8.24 30.00 -30.03
CA GLY F 282 -7.78 29.15 -28.95
C GLY F 282 -8.64 27.90 -28.85
N TYR F 283 -8.19 26.97 -27.99
CA TYR F 283 -8.95 25.75 -27.74
C TYR F 283 -8.63 25.21 -26.36
N PHE F 284 -9.55 24.41 -25.84
CA PHE F 284 -9.37 23.74 -24.55
C PHE F 284 -8.92 22.29 -24.78
N ASP F 285 -7.98 21.84 -23.95
CA ASP F 285 -7.56 20.44 -23.93
C ASP F 285 -7.56 19.93 -22.48
N PHE F 286 -8.51 19.05 -22.17
CA PHE F 286 -8.56 18.35 -20.89
C PHE F 286 -8.08 16.90 -20.96
N ASN F 287 -7.47 16.50 -22.07
CA ASN F 287 -7.15 15.11 -22.38
C ASN F 287 -6.28 14.41 -21.34
N ARG F 288 -5.64 15.07 -20.38
CA ARG F 288 -4.77 14.40 -19.42
C ARG F 288 -5.54 14.02 -18.16
N PHE F 289 -5.14 12.90 -17.53
CA PHE F 289 -5.91 12.36 -16.41
C PHE F 289 -5.97 13.29 -15.21
N HIS F 290 -4.83 13.78 -14.71
CA HIS F 290 -4.91 14.49 -13.43
C HIS F 290 -5.80 15.70 -13.47
N CYS F 291 -6.22 16.14 -14.66
CA CYS F 291 -7.31 17.08 -14.76
C CYS F 291 -8.50 16.62 -13.93
N HIS F 292 -8.93 15.39 -14.14
CA HIS F 292 -10.20 14.91 -13.62
C HIS F 292 -10.10 14.14 -12.30
N PHE F 293 -8.91 13.77 -11.84
CA PHE F 293 -8.73 12.96 -10.64
C PHE F 293 -7.71 13.61 -9.72
N SER F 294 -8.01 13.62 -8.43
CA SER F 294 -7.02 14.00 -7.44
C SER F 294 -6.15 12.82 -7.10
N PRO F 295 -4.89 13.06 -6.74
CA PRO F 295 -3.99 11.94 -6.45
C PRO F 295 -4.49 11.01 -5.37
N ARG F 296 -5.43 11.46 -4.55
CA ARG F 296 -6.09 10.56 -3.64
C ARG F 296 -7.20 9.80 -4.35
N ASP F 297 -7.87 10.42 -5.31
CA ASP F 297 -8.94 9.72 -6.01
C ASP F 297 -8.38 8.91 -7.17
N TRP F 298 -7.12 9.12 -7.52
CA TRP F 298 -6.47 8.17 -8.40
C TRP F 298 -6.11 6.92 -7.63
N GLN F 299 -5.83 7.05 -6.35
CA GLN F 299 -5.52 5.90 -5.52
C GLN F 299 -6.74 5.02 -5.34
N ARG F 300 -7.87 5.60 -4.96
CA ARG F 300 -9.10 4.83 -4.82
C ARG F 300 -9.40 4.04 -6.08
N LEU F 301 -9.08 4.60 -7.23
CA LEU F 301 -9.36 3.90 -8.48
C LEU F 301 -8.43 2.72 -8.66
N ILE F 302 -7.12 2.94 -8.47
CA ILE F 302 -6.14 1.92 -8.87
C ILE F 302 -6.07 0.81 -7.85
N ASN F 303 -6.38 1.08 -6.60
CA ASN F 303 -6.28 0.03 -5.60
C ASN F 303 -7.44 -0.94 -5.69
N ASN F 304 -8.64 -0.45 -5.96
CA ASN F 304 -9.84 -1.26 -5.83
C ASN F 304 -10.43 -1.78 -7.13
N ASN F 305 -9.89 -1.41 -8.28
CA ASN F 305 -10.61 -1.64 -9.53
C ASN F 305 -9.76 -2.35 -10.56
N TRP F 306 -10.36 -3.30 -11.28
CA TRP F 306 -9.71 -3.93 -12.41
C TRP F 306 -9.81 -3.13 -13.69
N GLY F 307 -10.86 -2.34 -13.87
CA GLY F 307 -10.98 -1.62 -15.13
C GLY F 307 -11.82 -0.37 -14.97
N PHE F 308 -11.69 0.49 -15.97
CA PHE F 308 -12.47 1.72 -16.05
C PHE F 308 -12.47 2.17 -17.50
N ARG F 309 -13.37 3.08 -17.82
CA ARG F 309 -13.46 3.63 -19.16
C ARG F 309 -14.48 4.76 -19.17
N PRO F 310 -14.30 5.78 -20.00
CA PRO F 310 -15.22 6.91 -19.97
C PRO F 310 -16.51 6.61 -20.69
N LYS F 311 -17.59 7.18 -20.15
CA LYS F 311 -18.93 6.99 -20.69
C LYS F 311 -19.53 8.30 -21.17
N ARG F 312 -19.79 9.24 -20.26
CA ARG F 312 -20.39 10.52 -20.57
C ARG F 312 -19.41 11.64 -20.27
N LEU F 313 -19.60 12.75 -20.98
CA LEU F 313 -18.80 13.95 -20.81
C LEU F 313 -19.76 15.10 -20.62
N ASN F 314 -19.32 16.11 -19.87
CA ASN F 314 -20.08 17.34 -19.78
C ASN F 314 -19.10 18.49 -19.70
N PHE F 315 -19.34 19.53 -20.48
CA PHE F 315 -18.41 20.64 -20.65
C PHE F 315 -19.17 21.95 -20.49
N LYS F 316 -18.69 22.80 -19.61
CA LYS F 316 -19.29 24.11 -19.40
C LYS F 316 -18.25 25.19 -19.59
N LEU F 317 -18.67 26.30 -20.17
CA LEU F 317 -17.87 27.51 -20.27
C LEU F 317 -18.74 28.66 -19.82
N PHE F 318 -18.39 29.32 -18.73
CA PHE F 318 -19.29 30.32 -18.17
C PHE F 318 -18.51 31.43 -17.50
N ASN F 319 -19.25 32.43 -17.05
CA ASN F 319 -18.71 33.67 -16.49
C ASN F 319 -17.65 34.29 -17.38
N ILE F 320 -18.00 34.48 -18.65
CA ILE F 320 -17.08 35.07 -19.62
C ILE F 320 -16.96 36.56 -19.35
N GLN F 321 -15.76 37.02 -19.04
CA GLN F 321 -15.55 38.40 -18.62
C GLN F 321 -14.43 38.99 -19.46
N VAL F 322 -14.76 39.95 -20.31
CA VAL F 322 -13.83 40.52 -21.27
C VAL F 322 -13.33 41.85 -20.73
N LYS F 323 -12.01 42.02 -20.69
CA LYS F 323 -11.39 43.20 -20.13
C LYS F 323 -10.67 43.97 -21.23
N GLU F 324 -10.54 45.28 -21.04
CA GLU F 324 -9.79 46.15 -21.93
C GLU F 324 -8.57 46.68 -21.20
N VAL F 325 -7.42 46.62 -21.85
CA VAL F 325 -6.15 47.02 -21.24
C VAL F 325 -5.80 48.42 -21.74
N THR F 326 -5.81 49.39 -20.83
CA THR F 326 -5.49 50.77 -21.16
C THR F 326 -4.02 51.00 -20.86
N ASP F 327 -3.31 51.57 -21.82
CA ASP F 327 -1.89 51.89 -21.67
C ASP F 327 -1.71 53.40 -21.69
N ASN F 328 -1.34 53.96 -20.55
CA ASN F 328 -1.05 55.39 -20.44
C ASN F 328 0.39 55.54 -19.98
N ASN F 329 1.23 56.08 -20.86
CA ASN F 329 2.67 56.16 -20.64
C ASN F 329 3.18 54.72 -20.46
N GLY F 330 4.06 54.45 -19.50
CA GLY F 330 4.50 53.10 -19.23
C GLY F 330 3.56 52.28 -18.40
N VAL F 331 2.85 52.91 -17.46
CA VAL F 331 1.92 52.23 -16.58
C VAL F 331 0.69 51.86 -17.40
N LYS F 332 -0.08 50.90 -16.91
CA LYS F 332 -1.29 50.46 -17.58
C LYS F 332 -2.39 50.23 -16.57
N THR F 333 -3.60 50.59 -16.95
CA THR F 333 -4.81 50.28 -16.20
C THR F 333 -5.65 49.39 -17.11
N ILE F 334 -6.48 48.56 -16.53
CA ILE F 334 -7.31 47.65 -17.30
C ILE F 334 -8.75 47.81 -16.84
N ALA F 335 -9.68 47.74 -17.78
CA ALA F 335 -11.08 48.04 -17.47
C ALA F 335 -11.98 47.00 -18.10
N ASN F 336 -13.25 47.05 -17.69
CA ASN F 336 -14.26 46.11 -18.16
C ASN F 336 -14.87 46.62 -19.47
N ASN F 337 -14.98 45.73 -20.45
CA ASN F 337 -15.58 46.02 -21.74
C ASN F 337 -16.85 45.19 -21.86
N LEU F 338 -18.00 45.85 -21.79
CA LEU F 338 -19.26 45.15 -21.63
C LEU F 338 -19.81 44.61 -22.94
N THR F 339 -19.78 45.38 -24.02
CA THR F 339 -20.37 44.96 -25.29
C THR F 339 -19.63 43.82 -25.96
N SER F 340 -18.35 43.64 -25.65
CA SER F 340 -17.52 42.63 -26.28
C SER F 340 -18.12 41.24 -26.09
N THR F 341 -17.92 40.42 -27.10
CA THR F 341 -18.35 39.04 -27.10
C THR F 341 -17.15 38.12 -27.27
N VAL F 342 -17.32 36.88 -26.82
CA VAL F 342 -16.39 35.79 -27.09
C VAL F 342 -17.13 34.75 -27.91
N GLN F 343 -16.45 34.20 -28.91
CA GLN F 343 -17.03 33.15 -29.75
C GLN F 343 -16.44 31.80 -29.39
N VAL F 344 -17.32 30.79 -29.33
CA VAL F 344 -16.95 29.43 -29.00
C VAL F 344 -17.70 28.47 -29.91
N PHE F 345 -16.98 27.63 -30.65
CA PHE F 345 -17.63 26.62 -31.47
C PHE F 345 -16.90 25.30 -31.31
N THR F 346 -17.69 24.24 -31.26
CA THR F 346 -17.19 22.88 -31.08
C THR F 346 -17.56 22.06 -32.31
N ASP F 347 -16.65 21.19 -32.71
CA ASP F 347 -16.75 20.49 -34.00
C ASP F 347 -17.29 19.08 -33.78
N SER F 348 -18.57 18.89 -34.09
CA SER F 348 -19.20 17.58 -34.01
C SER F 348 -19.31 16.86 -35.34
N ASP F 349 -18.95 17.49 -36.45
CA ASP F 349 -18.83 16.79 -37.73
C ASP F 349 -17.39 16.44 -38.06
N TYR F 350 -16.43 16.86 -37.24
CA TYR F 350 -15.02 16.50 -37.39
C TYR F 350 -14.49 16.91 -38.76
N GLN F 351 -14.82 18.14 -39.17
CA GLN F 351 -14.35 18.68 -40.44
C GLN F 351 -13.06 19.47 -40.32
N LEU F 352 -12.57 19.71 -39.11
CA LEU F 352 -11.25 20.28 -38.88
C LEU F 352 -10.21 19.21 -38.68
N PRO F 353 -8.94 19.57 -38.83
CA PRO F 353 -7.86 18.72 -38.32
C PRO F 353 -7.89 18.66 -36.80
N TYR F 354 -7.76 17.44 -36.27
CA TYR F 354 -7.95 17.17 -34.85
C TYR F 354 -6.58 17.06 -34.18
N VAL F 355 -6.25 18.06 -33.36
CA VAL F 355 -4.93 18.18 -32.75
C VAL F 355 -4.87 17.71 -31.31
N LEU F 356 -5.97 17.21 -30.74
CA LEU F 356 -5.89 16.81 -29.34
C LEU F 356 -5.12 15.51 -29.12
N GLY F 357 -4.70 14.82 -30.17
CA GLY F 357 -4.14 13.49 -30.00
C GLY F 357 -2.64 13.38 -29.88
N SER F 358 -1.93 14.49 -29.85
CA SER F 358 -0.48 14.47 -29.78
C SER F 358 0.08 14.73 -28.39
N ALA F 359 -0.80 14.70 -27.39
CA ALA F 359 -0.44 14.91 -25.98
C ALA F 359 0.33 16.20 -25.79
N HIS F 360 -0.25 17.27 -26.32
CA HIS F 360 0.33 18.60 -26.25
C HIS F 360 0.18 19.22 -24.89
N GLU F 361 0.95 20.28 -24.69
CA GLU F 361 0.94 21.08 -23.48
C GLU F 361 -0.26 22.03 -23.54
N GLY F 362 -0.58 22.67 -22.42
CA GLY F 362 -1.71 23.58 -22.42
C GLY F 362 -3.02 23.02 -21.93
N CYS F 363 -2.99 21.82 -21.36
CA CYS F 363 -4.18 21.20 -20.78
C CYS F 363 -4.51 21.86 -19.43
N LEU F 364 -5.74 21.67 -18.93
CA LEU F 364 -6.11 22.27 -17.66
C LEU F 364 -5.18 21.73 -16.59
N PRO F 365 -4.69 22.63 -15.73
CA PRO F 365 -3.72 22.30 -14.69
C PRO F 365 -4.17 21.22 -13.71
N PRO F 366 -3.22 20.45 -13.19
CA PRO F 366 -3.57 19.39 -12.22
C PRO F 366 -4.10 19.92 -10.90
N PHE F 367 -3.70 21.09 -10.50
CA PHE F 367 -4.14 21.58 -9.22
C PHE F 367 -5.15 22.69 -9.40
N PRO F 368 -6.38 22.51 -8.95
CA PRO F 368 -7.47 23.40 -9.37
C PRO F 368 -7.23 24.87 -9.05
N ALA F 369 -6.47 25.18 -8.01
CA ALA F 369 -6.25 26.56 -7.60
C ALA F 369 -5.35 27.34 -8.54
N ASP F 370 -4.75 26.70 -9.52
CA ASP F 370 -4.02 27.42 -10.55
C ASP F 370 -4.94 27.93 -11.64
N VAL F 371 -4.47 28.96 -12.34
CA VAL F 371 -5.20 29.62 -13.42
C VAL F 371 -4.34 29.51 -14.67
N PHE F 372 -4.94 29.13 -15.80
CA PHE F 372 -4.15 28.76 -16.96
C PHE F 372 -4.52 29.59 -18.18
N MET F 373 -3.60 29.58 -19.14
CA MET F 373 -3.68 30.36 -20.36
C MET F 373 -3.98 29.46 -21.55
N ILE F 374 -5.08 29.73 -22.22
CA ILE F 374 -5.55 28.84 -23.29
C ILE F 374 -4.50 28.78 -24.39
N PRO F 375 -4.21 27.61 -24.95
CA PRO F 375 -3.24 27.53 -26.04
C PRO F 375 -3.80 28.01 -27.37
N GLN F 376 -2.89 28.54 -28.19
CA GLN F 376 -3.21 29.00 -29.53
C GLN F 376 -3.45 27.81 -30.46
N TYR F 377 -4.50 27.91 -31.27
CA TYR F 377 -4.85 26.83 -32.18
C TYR F 377 -3.96 26.87 -33.41
N GLY F 378 -3.77 25.71 -34.03
CA GLY F 378 -3.02 25.61 -35.26
C GLY F 378 -3.18 24.23 -35.84
N TYR F 379 -2.72 24.07 -37.08
CA TYR F 379 -2.76 22.79 -37.74
C TYR F 379 -1.70 22.74 -38.83
N LEU F 380 -1.45 21.54 -39.32
CA LEU F 380 -0.51 21.28 -40.41
C LEU F 380 -1.22 20.55 -41.54
N THR F 381 -0.59 20.55 -42.71
CA THR F 381 -1.09 19.80 -43.86
C THR F 381 0.06 19.54 -44.83
N LEU F 382 -0.24 19.04 -46.03
CA LEU F 382 0.80 18.46 -46.88
C LEU F 382 1.87 19.48 -47.25
N ASN F 383 3.05 18.97 -47.60
CA ASN F 383 4.13 19.80 -48.10
C ASN F 383 5.06 18.98 -48.97
N ASP F 384 5.78 19.68 -49.85
CA ASP F 384 6.93 19.15 -50.57
C ASP F 384 8.12 19.97 -50.12
N GLY F 385 9.05 19.35 -49.41
CA GLY F 385 10.02 20.14 -48.68
C GLY F 385 9.27 21.03 -47.71
N SER F 386 9.61 22.32 -47.70
CA SER F 386 8.86 23.29 -46.92
C SER F 386 7.76 23.98 -47.73
N GLN F 387 7.76 23.82 -49.05
CA GLN F 387 6.73 24.40 -49.91
C GLN F 387 5.48 23.53 -49.93
N ALA F 388 4.36 24.17 -50.26
CA ALA F 388 3.07 23.50 -50.33
C ALA F 388 2.95 22.70 -51.62
N VAL F 389 1.80 22.05 -51.80
CA VAL F 389 1.51 21.23 -52.97
C VAL F 389 0.07 21.47 -53.38
N GLY F 390 -0.29 20.94 -54.55
CA GLY F 390 -1.62 21.14 -55.09
C GLY F 390 -2.73 20.53 -54.25
N ARG F 391 -2.41 19.54 -53.42
CA ARG F 391 -3.39 18.95 -52.52
C ARG F 391 -3.38 19.59 -51.14
N SER F 392 -2.47 20.53 -50.89
CA SER F 392 -2.42 21.15 -49.58
C SER F 392 -3.76 21.83 -49.30
N SER F 393 -4.03 22.07 -48.03
CA SER F 393 -5.34 22.57 -47.62
C SER F 393 -5.19 23.90 -46.90
N PHE F 394 -6.30 24.60 -46.75
CA PHE F 394 -6.41 25.79 -45.94
C PHE F 394 -7.77 25.77 -45.26
N TYR F 395 -7.79 26.02 -43.96
CA TYR F 395 -9.02 25.99 -43.18
C TYR F 395 -9.19 27.32 -42.48
N CYS F 396 -10.36 27.91 -42.64
CA CYS F 396 -10.75 29.11 -41.92
C CYS F 396 -11.85 28.72 -40.95
N LEU F 397 -11.51 28.67 -39.67
CA LEU F 397 -12.47 28.29 -38.66
C LEU F 397 -13.60 29.29 -38.56
N GLU F 398 -13.41 30.50 -39.10
CA GLU F 398 -14.46 31.50 -39.19
C GLU F 398 -15.67 31.01 -39.98
N TYR F 399 -15.49 30.02 -40.85
CA TYR F 399 -16.52 29.58 -41.77
C TYR F 399 -17.46 28.57 -41.15
N PHE F 400 -17.23 28.20 -39.95
CA PHE F 400 -18.13 27.41 -39.12
C PHE F 400 -19.06 28.33 -38.36
N PRO F 401 -20.28 27.90 -38.07
CA PRO F 401 -21.14 28.66 -37.16
C PRO F 401 -20.67 28.51 -35.72
N SER F 402 -20.76 29.60 -34.96
CA SER F 402 -20.32 29.63 -33.58
C SER F 402 -21.31 30.44 -32.75
N GLN F 403 -21.13 30.38 -31.44
CA GLN F 403 -21.96 31.13 -30.51
C GLN F 403 -21.18 32.31 -29.95
N MET F 404 -21.89 33.39 -29.65
CA MET F 404 -21.28 34.61 -29.14
C MET F 404 -21.83 34.88 -27.74
N LEU F 405 -20.95 35.26 -26.81
CA LEU F 405 -21.30 35.36 -25.39
C LEU F 405 -20.81 36.67 -24.81
N ARG F 406 -21.71 37.41 -24.15
CA ARG F 406 -21.33 38.58 -23.40
C ARG F 406 -21.19 38.21 -21.92
N THR F 407 -21.02 39.21 -21.05
CA THR F 407 -20.75 38.94 -19.65
C THR F 407 -21.91 38.24 -18.95
N GLY F 408 -23.04 38.09 -19.61
CA GLY F 408 -24.17 37.38 -19.04
C GLY F 408 -24.46 36.04 -19.65
N ASN F 409 -23.57 35.53 -20.50
CA ASN F 409 -23.86 34.30 -21.22
C ASN F 409 -22.88 33.19 -20.83
N ASN F 410 -23.42 31.97 -20.77
CA ASN F 410 -22.68 30.76 -20.48
C ASN F 410 -22.83 29.79 -21.64
N PHE F 411 -21.91 28.86 -21.75
CA PHE F 411 -21.93 27.88 -22.83
C PHE F 411 -21.74 26.49 -22.25
N GLN F 412 -22.48 25.52 -22.80
CA GLN F 412 -22.29 24.14 -22.42
C GLN F 412 -22.72 23.22 -23.54
N PHE F 413 -22.17 22.02 -23.53
CA PHE F 413 -22.72 20.94 -24.34
C PHE F 413 -22.31 19.62 -23.70
N SER F 414 -23.07 18.59 -23.98
CA SER F 414 -22.88 17.27 -23.39
C SER F 414 -22.42 16.31 -24.46
N TYR F 415 -21.75 15.25 -24.03
CA TYR F 415 -21.12 14.33 -24.96
C TYR F 415 -21.42 12.90 -24.52
N GLU F 416 -21.26 11.96 -25.46
CA GLU F 416 -21.34 10.54 -25.18
C GLU F 416 -20.17 9.81 -25.83
N PHE F 417 -19.29 9.25 -25.00
CA PHE F 417 -18.20 8.44 -25.51
C PHE F 417 -18.74 7.22 -26.24
N GLU F 418 -18.07 6.82 -27.32
CA GLU F 418 -18.46 5.61 -28.01
C GLU F 418 -17.87 4.38 -27.33
N ASN F 419 -18.53 3.25 -27.54
CA ASN F 419 -18.24 2.04 -26.79
C ASN F 419 -16.77 1.66 -26.93
N VAL F 420 -16.07 1.56 -25.80
CA VAL F 420 -14.65 1.25 -25.75
C VAL F 420 -14.43 0.11 -24.77
N PRO F 421 -13.31 -0.59 -24.87
CA PRO F 421 -13.03 -1.65 -23.91
C PRO F 421 -12.52 -1.08 -22.60
N PHE F 422 -12.79 -1.80 -21.52
CA PHE F 422 -12.22 -1.43 -20.24
C PHE F 422 -10.71 -1.38 -20.32
N HIS F 423 -10.11 -0.36 -19.72
CA HIS F 423 -8.67 -0.29 -19.71
C HIS F 423 -8.24 -1.11 -18.52
N SER F 424 -7.48 -2.18 -18.77
CA SER F 424 -7.04 -3.04 -17.69
C SER F 424 -6.13 -2.30 -16.73
N SER F 425 -6.37 -2.47 -15.44
CA SER F 425 -5.53 -1.85 -14.44
C SER F 425 -5.19 -2.92 -13.42
N TYR F 426 -4.46 -3.92 -13.87
CA TYR F 426 -4.07 -5.03 -13.03
C TYR F 426 -2.83 -5.68 -13.60
N ALA F 427 -2.13 -6.45 -12.78
CA ALA F 427 -0.93 -7.14 -13.21
C ALA F 427 -1.24 -8.62 -13.11
N HIS F 428 -0.90 -9.38 -14.14
CA HIS F 428 -1.19 -10.81 -14.13
C HIS F 428 -0.45 -11.52 -13.01
N SER F 429 -1.12 -12.48 -12.39
CA SER F 429 -0.51 -13.22 -11.30
C SER F 429 0.19 -14.46 -11.82
N GLN F 430 0.31 -14.54 -13.15
CA GLN F 430 1.01 -15.61 -13.83
C GLN F 430 1.72 -15.05 -15.03
N SER F 431 2.68 -15.81 -15.54
CA SER F 431 3.35 -15.44 -16.78
C SER F 431 2.95 -16.43 -17.86
N LEU F 432 2.95 -15.95 -19.10
CA LEU F 432 2.41 -16.73 -20.20
C LEU F 432 3.05 -18.09 -20.30
N ASP F 433 4.36 -18.17 -20.10
CA ASP F 433 5.11 -19.39 -20.27
C ASP F 433 4.96 -20.37 -19.11
N ARG F 434 4.37 -19.94 -18.00
CA ARG F 434 4.17 -20.81 -16.83
C ARG F 434 2.76 -21.30 -16.63
N LEU F 435 1.83 -21.07 -17.56
CA LEU F 435 0.43 -21.44 -17.36
C LEU F 435 0.22 -22.90 -16.96
N MET F 436 1.20 -23.75 -17.16
CA MET F 436 1.10 -25.20 -17.01
C MET F 436 0.85 -25.61 -15.57
N ASN F 437 0.43 -26.86 -15.41
CA ASN F 437 0.32 -27.52 -14.11
C ASN F 437 1.67 -28.11 -13.73
N PRO F 438 2.23 -27.74 -12.57
CA PRO F 438 3.54 -28.28 -12.19
C PRO F 438 3.56 -29.76 -11.83
N LEU F 439 2.41 -30.39 -11.66
CA LEU F 439 2.37 -31.74 -11.15
C LEU F 439 2.26 -32.84 -12.20
N ILE F 440 1.96 -32.52 -13.46
CA ILE F 440 1.53 -33.53 -14.41
C ILE F 440 2.27 -33.39 -15.73
N ASP F 441 2.79 -34.51 -16.23
CA ASP F 441 3.40 -34.59 -17.55
C ASP F 441 2.39 -34.25 -18.63
N GLN F 442 2.87 -33.61 -19.69
CA GLN F 442 2.07 -33.53 -20.90
C GLN F 442 2.05 -34.88 -21.58
N TYR F 443 1.09 -35.07 -22.49
CA TYR F 443 1.14 -36.25 -23.34
C TYR F 443 1.79 -36.00 -24.68
N LEU F 444 2.26 -34.78 -24.94
CA LEU F 444 3.03 -34.54 -26.14
C LEU F 444 4.48 -34.94 -25.89
N TYR F 445 5.16 -35.31 -26.98
CA TYR F 445 6.58 -35.62 -26.97
C TYR F 445 7.32 -34.59 -27.80
N TYR F 446 8.55 -34.33 -27.39
CA TYR F 446 9.41 -33.38 -28.08
C TYR F 446 10.70 -34.09 -28.46
N LEU F 447 11.35 -33.58 -29.50
CA LEU F 447 12.65 -34.08 -29.91
C LEU F 447 13.67 -33.75 -28.83
N SER F 448 14.42 -34.74 -28.37
CA SER F 448 15.43 -34.46 -27.35
C SER F 448 16.85 -34.78 -27.81
N LYS F 449 17.23 -36.05 -27.89
CA LYS F 449 18.55 -36.40 -28.39
C LYS F 449 18.49 -36.61 -29.89
N THR F 450 19.25 -35.82 -30.63
CA THR F 450 19.53 -36.09 -32.03
C THR F 450 20.88 -36.76 -32.25
N ILE F 451 21.64 -36.99 -31.18
CA ILE F 451 22.88 -37.75 -31.26
C ILE F 451 22.90 -38.76 -30.14
N ASN F 452 23.58 -39.88 -30.39
CA ASN F 452 23.74 -40.89 -29.37
C ASN F 452 25.01 -40.65 -28.57
N GLY F 453 25.83 -39.70 -29.01
CA GLY F 453 27.09 -39.45 -28.36
C GLY F 453 28.12 -38.96 -29.35
N SER F 454 29.37 -39.00 -28.91
CA SER F 454 30.47 -38.53 -29.73
C SER F 454 30.93 -39.60 -30.71
N GLY F 455 31.14 -39.20 -31.96
CA GLY F 455 31.64 -40.12 -32.96
C GLY F 455 31.19 -39.72 -34.34
N GLN F 456 31.25 -40.69 -35.24
CA GLN F 456 30.95 -40.48 -36.65
C GLN F 456 29.68 -41.24 -37.04
N ASN F 457 28.86 -40.60 -37.87
CA ASN F 457 27.55 -41.14 -38.27
C ASN F 457 26.75 -41.60 -37.06
N GLN F 458 26.65 -40.73 -36.06
CA GLN F 458 25.97 -41.03 -34.80
C GLN F 458 24.52 -40.57 -34.76
N GLN F 459 23.97 -40.06 -35.86
CA GLN F 459 22.67 -39.42 -35.81
C GLN F 459 21.61 -40.33 -35.23
N THR F 460 20.64 -39.74 -34.55
CA THR F 460 19.53 -40.47 -33.94
C THR F 460 18.35 -39.53 -33.79
N LEU F 461 17.20 -40.11 -33.48
CA LEU F 461 16.02 -39.35 -33.10
C LEU F 461 15.50 -39.92 -31.79
N LYS F 462 15.58 -39.14 -30.72
CA LYS F 462 15.07 -39.54 -29.43
C LYS F 462 14.00 -38.55 -29.00
N PHE F 463 13.07 -39.03 -28.19
CA PHE F 463 11.88 -38.28 -27.86
C PHE F 463 11.58 -38.44 -26.38
N SER F 464 11.16 -37.35 -25.76
CA SER F 464 10.89 -37.34 -24.34
C SER F 464 9.54 -36.70 -24.09
N VAL F 465 9.07 -36.85 -22.86
CA VAL F 465 7.80 -36.27 -22.46
C VAL F 465 8.02 -34.83 -22.03
N ALA F 466 7.07 -33.98 -22.34
CA ALA F 466 7.07 -32.65 -21.78
C ALA F 466 6.55 -32.72 -20.36
N GLY F 467 7.40 -32.36 -19.41
CA GLY F 467 7.06 -32.50 -18.02
C GLY F 467 7.65 -31.40 -17.16
N PRO F 468 7.14 -31.27 -15.95
CA PRO F 468 7.54 -30.15 -15.10
C PRO F 468 9.01 -30.09 -14.74
N SER F 469 9.76 -31.18 -14.88
CA SER F 469 11.20 -31.03 -14.72
C SER F 469 11.79 -30.13 -15.80
N ASN F 470 11.40 -30.34 -17.05
CA ASN F 470 11.81 -29.46 -18.14
C ASN F 470 10.57 -28.76 -18.68
N MET F 471 10.39 -27.49 -18.30
CA MET F 471 9.20 -26.74 -18.69
C MET F 471 9.40 -25.88 -19.92
N ALA F 472 10.64 -25.72 -20.38
CA ALA F 472 10.87 -24.83 -21.52
C ALA F 472 10.32 -25.42 -22.80
N VAL F 473 10.49 -26.72 -22.99
CA VAL F 473 10.23 -27.37 -24.27
C VAL F 473 8.77 -27.74 -24.44
N GLN F 474 7.92 -27.49 -23.46
CA GLN F 474 6.54 -27.92 -23.55
C GLN F 474 5.80 -27.18 -24.64
N GLY F 475 4.68 -27.77 -25.08
CA GLY F 475 3.84 -27.11 -26.05
C GLY F 475 2.86 -26.17 -25.36
N ARG F 476 2.53 -25.08 -26.04
CA ARG F 476 1.66 -24.07 -25.46
C ARG F 476 0.63 -23.60 -26.47
N ASN F 477 -0.50 -23.16 -25.94
CA ASN F 477 -1.57 -22.65 -26.77
C ASN F 477 -1.37 -21.21 -27.21
N TYR F 478 -0.63 -20.39 -26.46
CA TYR F 478 -0.52 -18.99 -26.83
C TYR F 478 0.90 -18.48 -26.58
N ILE F 479 1.24 -17.41 -27.29
CA ILE F 479 2.62 -16.90 -27.37
C ILE F 479 2.57 -15.38 -27.22
N PRO F 480 3.63 -14.78 -26.68
CA PRO F 480 3.53 -13.39 -26.23
C PRO F 480 3.33 -12.40 -27.36
N GLY F 481 3.16 -11.14 -26.98
CA GLY F 481 2.83 -10.08 -27.91
C GLY F 481 3.91 -9.80 -28.93
N PRO F 482 3.61 -8.90 -29.86
CA PRO F 482 4.60 -8.52 -30.88
C PRO F 482 5.67 -7.60 -30.32
N SER F 483 6.77 -7.50 -31.06
CA SER F 483 7.87 -6.63 -30.64
C SER F 483 8.48 -5.92 -31.83
N TYR F 484 8.94 -4.71 -31.58
CA TYR F 484 9.75 -3.91 -32.50
C TYR F 484 10.90 -3.36 -31.67
N ARG F 485 12.12 -3.83 -31.89
CA ARG F 485 13.12 -3.69 -30.86
C ARG F 485 13.54 -2.23 -30.68
N GLN F 486 14.10 -1.92 -29.51
CA GLN F 486 14.63 -0.61 -29.16
C GLN F 486 16.11 -0.76 -28.80
N GLN F 487 16.80 0.36 -28.75
CA GLN F 487 18.12 0.37 -28.14
C GLN F 487 17.98 0.49 -26.63
N ARG F 488 18.99 0.01 -25.90
CA ARG F 488 18.96 -0.01 -24.45
C ARG F 488 19.87 1.08 -23.91
N VAL F 489 19.38 1.86 -22.96
CA VAL F 489 20.13 2.97 -22.38
C VAL F 489 20.14 2.81 -20.87
N SER F 490 21.32 2.91 -20.27
CA SER F 490 21.49 2.69 -18.84
C SER F 490 21.44 3.99 -18.06
N THR F 491 20.87 3.93 -16.86
CA THR F 491 20.85 5.13 -16.02
C THR F 491 22.21 5.43 -15.41
N THR F 492 23.16 4.51 -15.49
CA THR F 492 24.50 4.72 -14.96
C THR F 492 25.40 5.10 -16.12
N VAL F 493 25.79 6.37 -16.18
CA VAL F 493 26.30 6.92 -17.43
C VAL F 493 27.59 6.23 -17.83
N THR F 494 28.34 5.71 -16.87
CA THR F 494 29.64 5.13 -17.21
C THR F 494 29.50 3.84 -17.98
N GLN F 495 28.33 3.21 -17.92
CA GLN F 495 28.12 1.96 -18.65
C GLN F 495 27.76 2.20 -20.11
N ASN F 496 27.11 3.32 -20.41
CA ASN F 496 26.71 3.62 -21.77
C ASN F 496 27.93 3.88 -22.64
N ASN F 497 27.74 3.74 -23.96
CA ASN F 497 28.84 3.97 -24.88
C ASN F 497 29.16 5.45 -24.95
N ASN F 498 30.41 5.82 -25.22
CA ASN F 498 30.85 7.21 -25.32
C ASN F 498 30.30 7.92 -26.54
N SER F 499 29.79 7.17 -27.52
CA SER F 499 29.27 7.78 -28.74
C SER F 499 27.90 8.43 -28.59
N GLU F 500 27.45 9.09 -29.65
CA GLU F 500 26.18 9.78 -29.66
C GLU F 500 25.13 8.97 -30.41
N PHE F 501 24.38 8.17 -29.67
CA PHE F 501 23.36 7.31 -30.25
C PHE F 501 21.94 7.81 -30.06
N ALA F 502 21.76 9.04 -29.64
CA ALA F 502 20.40 9.52 -29.40
C ALA F 502 19.55 9.48 -30.66
N TRP F 503 20.09 9.89 -31.80
CA TRP F 503 19.32 9.85 -33.04
C TRP F 503 19.73 8.68 -33.93
N PRO F 504 21.03 8.41 -34.02
CA PRO F 504 21.48 7.28 -34.83
C PRO F 504 20.98 5.94 -34.28
N GLY F 505 21.07 5.79 -32.97
CA GLY F 505 20.63 4.59 -32.29
C GLY F 505 19.15 4.29 -32.31
N ALA F 506 18.35 5.35 -32.23
CA ALA F 506 16.91 5.20 -32.17
C ALA F 506 16.29 4.49 -33.37
N SER F 507 15.31 3.66 -33.06
CA SER F 507 14.58 2.91 -34.07
C SER F 507 13.45 3.79 -34.54
N SER F 508 13.32 3.93 -35.86
CA SER F 508 12.26 4.75 -36.41
C SER F 508 11.54 4.09 -37.56
N TRP F 509 10.62 4.85 -38.15
CA TRP F 509 9.85 4.40 -39.29
C TRP F 509 9.79 5.49 -40.34
N ALA F 510 10.16 5.13 -41.57
CA ALA F 510 10.27 6.09 -42.65
C ALA F 510 8.98 6.18 -43.44
N LEU F 511 8.44 7.38 -43.52
CA LEU F 511 7.25 7.66 -44.32
C LEU F 511 7.61 8.71 -45.36
N ASN F 512 7.64 8.28 -46.62
CA ASN F 512 7.85 9.18 -47.74
C ASN F 512 9.10 10.03 -47.54
N GLY F 513 10.23 9.36 -47.32
CA GLY F 513 11.50 10.03 -47.17
C GLY F 513 11.73 10.70 -45.84
N ARG F 514 10.70 10.85 -45.01
CA ARG F 514 10.84 11.42 -43.69
C ARG F 514 10.82 10.32 -42.64
N ASN F 515 11.93 10.18 -41.93
CA ASN F 515 12.05 9.28 -40.80
C ASN F 515 11.21 9.81 -39.65
N SER F 516 10.77 8.92 -38.77
CA SER F 516 10.03 9.30 -37.58
C SER F 516 10.52 8.47 -36.41
N LEU F 517 10.98 9.14 -35.35
CA LEU F 517 11.33 8.44 -34.13
C LEU F 517 10.19 7.55 -33.69
N MET F 518 10.50 6.34 -33.27
CA MET F 518 9.45 5.41 -32.85
C MET F 518 9.25 5.64 -31.36
N ASN F 519 8.15 6.30 -31.05
CA ASN F 519 7.88 6.76 -29.71
C ASN F 519 6.39 6.71 -29.45
N PRO F 520 5.98 6.21 -28.29
CA PRO F 520 6.78 5.38 -27.40
C PRO F 520 7.03 4.03 -28.03
N GLY F 521 6.22 3.69 -29.01
CA GLY F 521 6.37 2.45 -29.73
C GLY F 521 5.34 1.42 -29.33
N PRO F 522 5.50 0.18 -29.79
CA PRO F 522 4.55 -0.87 -29.42
C PRO F 522 4.68 -1.18 -27.95
N ALA F 523 3.61 -1.73 -27.38
CA ALA F 523 3.61 -2.07 -25.96
C ALA F 523 4.56 -3.24 -25.73
N MET F 524 5.53 -3.04 -24.85
CA MET F 524 6.52 -4.04 -24.52
C MET F 524 6.99 -3.78 -23.11
N ALA F 525 7.62 -4.79 -22.50
CA ALA F 525 8.19 -4.57 -21.19
C ALA F 525 9.39 -3.65 -21.29
N SER F 526 9.69 -2.96 -20.19
CA SER F 526 10.76 -1.97 -20.21
C SER F 526 12.12 -2.60 -20.07
N HIS F 527 12.25 -3.61 -19.22
CA HIS F 527 13.53 -4.21 -18.92
C HIS F 527 13.31 -5.63 -18.42
N LYS F 528 14.37 -6.43 -18.45
CA LYS F 528 14.31 -7.80 -17.97
C LYS F 528 14.35 -7.87 -16.44
N GLU F 529 14.17 -9.06 -15.91
CA GLU F 529 14.17 -9.20 -14.46
C GLU F 529 15.52 -8.84 -13.87
N GLY F 530 15.51 -8.19 -12.72
CA GLY F 530 16.73 -7.80 -12.04
C GLY F 530 17.66 -6.89 -12.82
N GLU F 531 17.07 -5.97 -13.59
CA GLU F 531 17.84 -5.03 -14.38
C GLU F 531 17.09 -3.71 -14.45
N ASP F 532 17.09 -2.97 -13.35
CA ASP F 532 16.36 -1.71 -13.33
C ASP F 532 17.08 -0.64 -14.13
N ARG F 533 18.41 -0.60 -14.03
CA ARG F 533 19.14 0.59 -14.43
C ARG F 533 19.00 0.85 -15.93
N PHE F 534 18.32 -0.04 -16.64
CA PHE F 534 18.14 0.13 -18.08
C PHE F 534 16.72 0.53 -18.46
N PHE F 535 16.61 1.32 -19.52
CA PHE F 535 15.32 1.73 -20.06
C PHE F 535 15.43 1.77 -21.57
N PRO F 536 14.33 1.50 -22.29
CA PRO F 536 14.42 1.56 -23.75
C PRO F 536 14.64 3.02 -24.13
N LEU F 537 15.46 3.27 -25.12
CA LEU F 537 15.77 4.65 -25.48
C LEU F 537 14.53 5.43 -25.88
N SER F 538 13.65 4.82 -26.68
CA SER F 538 12.41 5.49 -27.07
C SER F 538 11.18 4.65 -26.76
N GLY F 539 11.33 3.64 -25.92
CA GLY F 539 10.22 2.77 -25.59
C GLY F 539 9.25 3.12 -24.48
N SER F 540 9.55 4.15 -23.71
CA SER F 540 8.69 4.51 -22.60
C SER F 540 8.42 5.99 -22.50
N LEU F 541 7.31 6.34 -21.87
CA LEU F 541 6.96 7.74 -21.70
C LEU F 541 7.87 8.37 -20.64
N ILE F 542 8.24 9.62 -20.87
CA ILE F 542 9.12 10.37 -19.98
C ILE F 542 8.46 11.70 -19.65
N PHE F 543 8.12 11.91 -18.40
CA PHE F 543 7.61 13.17 -17.93
C PHE F 543 8.75 14.01 -17.39
N GLY F 544 8.42 15.07 -16.67
CA GLY F 544 9.43 15.87 -16.01
C GLY F 544 8.91 16.49 -14.74
N LYS F 545 9.82 16.73 -13.81
CA LYS F 545 9.46 17.24 -12.49
C LYS F 545 9.19 18.73 -12.57
N GLN F 546 8.44 19.24 -11.60
CA GLN F 546 8.08 20.64 -11.61
C GLN F 546 9.32 21.52 -11.59
N GLY F 547 9.31 22.58 -12.39
CA GLY F 547 10.45 23.44 -12.53
C GLY F 547 11.46 22.98 -13.56
N THR F 548 11.25 21.84 -14.20
CA THR F 548 12.20 21.33 -15.16
C THR F 548 12.21 22.18 -16.43
N GLY F 549 13.40 22.59 -16.84
CA GLY F 549 13.52 23.44 -18.00
C GLY F 549 13.10 22.73 -19.28
N ARG F 550 13.15 23.47 -20.39
CA ARG F 550 12.63 22.95 -21.63
C ARG F 550 13.65 22.08 -22.37
N ASP F 551 14.92 22.44 -22.32
CA ASP F 551 15.90 21.85 -23.23
C ASP F 551 17.12 21.38 -22.47
N ASN F 552 17.51 20.13 -22.72
CA ASN F 552 18.74 19.54 -22.19
C ASN F 552 18.81 19.61 -20.67
N VAL F 553 17.75 19.15 -20.03
CA VAL F 553 17.71 19.10 -18.59
C VAL F 553 18.44 17.84 -18.15
N ASP F 554 18.87 17.80 -16.89
CA ASP F 554 19.59 16.66 -16.35
C ASP F 554 18.70 15.45 -16.21
N ALA F 555 19.31 14.27 -16.16
CA ALA F 555 18.59 13.00 -16.04
C ALA F 555 17.75 12.92 -14.78
N ASP F 556 18.26 13.47 -13.68
CA ASP F 556 17.56 13.50 -12.40
C ASP F 556 16.24 14.28 -12.48
N LYS F 557 16.22 15.35 -13.25
CA LYS F 557 15.02 16.18 -13.41
C LYS F 557 13.81 15.45 -14.00
N VAL F 558 14.03 14.64 -15.03
CA VAL F 558 12.92 13.90 -15.66
C VAL F 558 12.51 12.62 -14.93
N MET F 559 11.24 12.25 -15.07
CA MET F 559 10.72 11.03 -14.46
C MET F 559 10.45 10.04 -15.57
N ILE F 560 11.07 8.86 -15.49
CA ILE F 560 10.89 7.85 -16.52
C ILE F 560 10.00 6.70 -16.07
N THR F 561 8.89 6.53 -16.78
CA THR F 561 7.95 5.45 -16.49
C THR F 561 8.49 4.13 -16.99
N ASN F 562 8.04 3.04 -16.38
CA ASN F 562 8.46 1.71 -16.80
C ASN F 562 7.30 0.73 -16.81
N GLU F 563 7.39 -0.22 -17.72
CA GLU F 563 6.31 -1.14 -18.10
C GLU F 563 6.36 -2.46 -17.33
N GLU F 564 7.12 -2.50 -16.24
CA GLU F 564 7.49 -3.74 -15.60
C GLU F 564 6.32 -4.70 -15.41
N GLU F 565 5.09 -4.20 -15.31
CA GLU F 565 3.97 -5.09 -15.00
C GLU F 565 3.64 -6.03 -16.15
N ILE F 566 3.87 -5.61 -17.39
CA ILE F 566 3.34 -6.34 -18.53
C ILE F 566 4.33 -7.39 -19.00
N LYS F 567 5.40 -7.59 -18.25
CA LYS F 567 6.46 -8.50 -18.67
C LYS F 567 5.96 -9.94 -18.72
N THR F 568 4.75 -10.20 -18.24
CA THR F 568 4.21 -11.56 -18.30
C THR F 568 3.83 -11.95 -19.72
N THR F 569 2.97 -11.16 -20.35
CA THR F 569 2.55 -11.47 -21.72
C THR F 569 3.24 -10.65 -22.79
N ASN F 570 4.12 -9.72 -22.45
CA ASN F 570 4.70 -8.90 -23.50
C ASN F 570 6.21 -9.08 -23.56
N PRO F 571 6.80 -9.05 -24.75
CA PRO F 571 8.25 -9.21 -24.85
C PRO F 571 8.99 -8.00 -24.32
N VAL F 572 10.28 -8.17 -24.06
CA VAL F 572 11.08 -7.11 -23.48
C VAL F 572 11.62 -6.21 -24.57
N ALA F 573 11.46 -4.90 -24.39
CA ALA F 573 11.73 -3.94 -25.46
C ALA F 573 13.17 -4.01 -25.97
N THR F 574 14.14 -4.12 -25.09
CA THR F 574 15.53 -4.11 -25.48
C THR F 574 16.03 -5.48 -25.93
N GLU F 575 15.17 -6.48 -25.96
CA GLU F 575 15.53 -7.87 -26.22
C GLU F 575 14.85 -8.34 -27.49
N SER F 576 15.41 -9.40 -28.06
CA SER F 576 14.82 -10.00 -29.25
C SER F 576 13.46 -10.57 -28.91
N TYR F 577 12.65 -10.80 -29.95
CA TYR F 577 11.46 -11.59 -29.74
C TYR F 577 11.81 -13.06 -29.53
N GLY F 578 12.72 -13.57 -30.36
CA GLY F 578 13.07 -14.98 -30.30
C GLY F 578 14.01 -15.34 -31.43
N GLN F 579 14.04 -16.63 -31.77
CA GLN F 579 14.86 -17.12 -32.86
C GLN F 579 14.02 -17.89 -33.87
N VAL F 580 14.55 -18.04 -35.07
CA VAL F 580 14.06 -18.96 -36.09
C VAL F 580 15.24 -19.61 -36.77
N ALA F 581 14.96 -20.65 -37.55
CA ALA F 581 16.02 -21.32 -38.30
C ALA F 581 16.10 -20.74 -39.71
N THR F 582 17.32 -20.55 -40.20
CA THR F 582 17.53 -19.89 -41.48
C THR F 582 17.83 -20.83 -42.64
N ASN F 583 17.81 -22.15 -42.44
CA ASN F 583 18.26 -23.04 -43.51
C ASN F 583 17.55 -24.37 -43.39
N HIS F 584 18.00 -25.33 -44.21
CA HIS F 584 17.71 -26.75 -44.02
C HIS F 584 18.98 -27.45 -43.60
N GLN F 585 18.91 -28.23 -42.53
CA GLN F 585 20.06 -29.05 -42.19
C GLN F 585 20.13 -30.27 -43.09
N SER F 586 21.34 -30.77 -43.22
CA SER F 586 21.61 -31.99 -43.98
C SER F 586 22.89 -32.58 -43.40
N ALA F 587 23.44 -33.57 -44.08
CA ALA F 587 24.67 -34.19 -43.59
C ALA F 587 25.76 -33.16 -43.32
N GLN F 588 25.98 -32.24 -44.27
CA GLN F 588 27.12 -31.33 -44.21
C GLN F 588 26.77 -29.94 -43.66
N ALA F 589 25.50 -29.65 -43.38
CA ALA F 589 25.09 -28.29 -43.09
C ALA F 589 24.52 -28.19 -41.70
N GLN F 590 25.24 -27.49 -40.81
CA GLN F 590 24.79 -27.29 -39.45
C GLN F 590 23.55 -26.40 -39.41
N ALA F 591 22.89 -26.42 -38.26
CA ALA F 591 21.71 -25.57 -38.11
C ALA F 591 22.13 -24.13 -37.86
N GLN F 592 21.73 -23.26 -38.76
CA GLN F 592 21.89 -21.82 -38.56
C GLN F 592 20.58 -21.23 -38.08
N THR F 593 20.62 -20.62 -36.90
CA THR F 593 19.53 -19.84 -36.37
C THR F 593 19.96 -18.39 -36.29
N GLY F 594 18.99 -17.50 -36.31
CA GLY F 594 19.28 -16.08 -36.24
C GLY F 594 18.17 -15.39 -35.47
N TRP F 595 18.46 -14.18 -35.03
CA TRP F 595 17.60 -13.49 -34.10
C TRP F 595 16.46 -12.81 -34.84
N VAL F 596 15.32 -12.74 -34.18
CA VAL F 596 14.16 -12.01 -34.70
C VAL F 596 14.10 -10.67 -33.99
N GLN F 597 14.37 -9.59 -34.72
CA GLN F 597 14.40 -8.27 -34.11
C GLN F 597 13.01 -7.65 -33.99
N ASN F 598 12.20 -7.76 -35.04
CA ASN F 598 10.83 -7.28 -34.99
C ASN F 598 9.91 -8.39 -35.46
N GLN F 599 8.79 -8.56 -34.78
CA GLN F 599 7.84 -9.59 -35.15
C GLN F 599 6.44 -8.99 -35.13
N GLY F 600 5.78 -9.01 -36.28
CA GLY F 600 4.40 -8.57 -36.37
C GLY F 600 3.48 -9.56 -35.73
N ILE F 601 2.18 -9.36 -35.96
CA ILE F 601 1.20 -10.22 -35.33
C ILE F 601 1.22 -11.60 -35.96
N LEU F 602 1.17 -12.63 -35.12
CA LEU F 602 0.87 -13.98 -35.58
C LEU F 602 -0.40 -14.45 -34.93
N PRO F 603 -1.14 -15.39 -35.53
CA PRO F 603 -2.33 -15.92 -34.87
C PRO F 603 -1.96 -16.59 -33.55
N GLY F 604 -2.75 -16.32 -32.53
CA GLY F 604 -2.43 -16.77 -31.19
C GLY F 604 -1.40 -15.95 -30.45
N MET F 605 -1.38 -14.63 -30.62
CA MET F 605 -0.60 -13.76 -29.74
C MET F 605 -1.52 -13.04 -28.78
N VAL F 606 -1.00 -12.79 -27.58
CA VAL F 606 -1.71 -12.06 -26.55
C VAL F 606 -0.77 -11.00 -26.00
N TRP F 607 -1.29 -9.79 -25.83
CA TRP F 607 -0.43 -8.68 -25.46
C TRP F 607 -1.23 -7.69 -24.63
N GLN F 608 -0.56 -7.08 -23.67
CA GLN F 608 -1.13 -6.04 -22.84
C GLN F 608 -0.85 -4.67 -23.45
N ASP F 609 -1.85 -3.82 -23.46
CA ASP F 609 -1.66 -2.47 -23.95
C ASP F 609 -0.83 -1.68 -22.94
N ARG F 610 -0.52 -0.43 -23.28
CA ARG F 610 0.28 0.38 -22.39
C ARG F 610 -0.57 0.91 -21.26
N ASP F 611 0.07 1.17 -20.12
CA ASP F 611 -0.61 1.63 -18.94
C ASP F 611 -0.78 3.14 -18.97
N VAL F 612 -1.94 3.60 -18.55
CA VAL F 612 -2.21 5.02 -18.43
C VAL F 612 -1.65 5.50 -17.10
N TYR F 613 -1.19 6.74 -17.08
CA TYR F 613 -0.61 7.34 -15.89
C TYR F 613 -1.45 8.53 -15.49
N LEU F 614 -1.32 8.94 -14.23
CA LEU F 614 -2.07 10.10 -13.75
C LEU F 614 -1.84 11.30 -14.65
N GLN F 615 -0.68 11.38 -15.28
CA GLN F 615 -0.31 12.50 -16.11
C GLN F 615 -0.52 12.26 -17.59
N GLY F 616 -1.08 11.12 -17.99
CA GLY F 616 -1.05 10.73 -19.38
C GLY F 616 -2.26 11.13 -20.19
N PRO F 617 -2.21 10.84 -21.49
CA PRO F 617 -3.35 11.12 -22.37
C PRO F 617 -4.46 10.12 -22.16
N ILE F 618 -5.70 10.61 -22.28
CA ILE F 618 -6.85 9.75 -22.11
C ILE F 618 -7.24 9.12 -23.44
N TRP F 619 -7.59 9.94 -24.42
CA TRP F 619 -8.03 9.42 -25.72
C TRP F 619 -7.19 9.97 -26.86
N ALA F 620 -7.32 9.29 -27.99
CA ALA F 620 -6.86 9.79 -29.28
C ALA F 620 -7.95 9.52 -30.31
N LYS F 621 -7.82 10.12 -31.49
CA LYS F 621 -8.76 9.90 -32.56
C LYS F 621 -8.16 8.98 -33.61
N ILE F 622 -8.87 7.91 -33.94
CA ILE F 622 -8.32 6.88 -34.82
C ILE F 622 -8.32 7.40 -36.25
N PRO F 623 -7.16 7.55 -36.88
CA PRO F 623 -7.11 8.22 -38.18
C PRO F 623 -8.01 7.52 -39.20
N HIS F 624 -8.89 8.29 -39.82
CA HIS F 624 -9.89 7.72 -40.73
C HIS F 624 -9.15 7.06 -41.88
N THR F 625 -9.41 5.78 -42.07
CA THR F 625 -8.66 4.94 -42.99
C THR F 625 -9.52 3.76 -43.40
N ASP F 626 -9.08 3.06 -44.44
CA ASP F 626 -9.71 1.80 -44.82
C ASP F 626 -9.52 0.76 -43.74
N GLY F 627 -8.35 0.71 -43.12
CA GLY F 627 -8.06 -0.36 -42.20
C GLY F 627 -7.10 0.02 -41.10
N ASN F 628 -7.17 -0.73 -40.01
CA ASN F 628 -6.33 -0.59 -38.85
C ASN F 628 -6.34 -1.92 -38.11
N PHE F 629 -5.39 -2.10 -37.19
CA PHE F 629 -5.47 -3.24 -36.29
C PHE F 629 -5.26 -2.81 -34.85
N HIS F 630 -6.23 -3.14 -34.02
CA HIS F 630 -6.27 -2.79 -32.61
C HIS F 630 -6.03 -1.29 -32.50
N PRO F 631 -7.03 -0.48 -32.81
CA PRO F 631 -6.85 0.97 -32.87
C PRO F 631 -6.39 1.64 -31.58
N SER F 632 -6.38 0.92 -30.47
CA SER F 632 -5.96 1.48 -29.20
C SER F 632 -4.59 2.17 -29.35
N PRO F 633 -4.47 3.44 -28.98
CA PRO F 633 -3.30 4.22 -29.37
C PRO F 633 -2.06 3.84 -28.60
N LEU F 634 -0.91 4.26 -29.11
CA LEU F 634 0.35 3.76 -28.59
C LEU F 634 0.76 4.44 -27.29
N MET F 635 0.34 5.67 -27.03
CA MET F 635 0.72 6.31 -25.78
C MET F 635 -0.24 6.00 -24.65
N GLY F 636 -1.19 5.10 -24.84
CA GLY F 636 -2.11 4.73 -23.80
C GLY F 636 -3.50 5.29 -24.06
N GLY F 637 -4.42 4.90 -23.20
CA GLY F 637 -5.77 5.39 -23.27
C GLY F 637 -6.57 4.77 -24.40
N PHE F 638 -7.69 5.43 -24.70
CA PHE F 638 -8.78 4.83 -25.46
C PHE F 638 -8.83 5.44 -26.85
N GLY F 639 -8.75 4.59 -27.87
CA GLY F 639 -8.95 5.05 -29.23
C GLY F 639 -10.43 5.15 -29.56
N MET F 640 -10.76 6.10 -30.42
CA MET F 640 -12.14 6.40 -30.75
C MET F 640 -12.22 6.95 -32.16
N LYS F 641 -13.34 6.71 -32.86
CA LYS F 641 -13.56 7.39 -34.12
C LYS F 641 -14.30 8.70 -33.97
N HIS F 642 -14.87 8.97 -32.80
CA HIS F 642 -15.55 10.24 -32.52
C HIS F 642 -15.23 10.60 -31.08
N PRO F 643 -14.03 11.11 -30.83
CA PRO F 643 -13.64 11.46 -29.46
C PRO F 643 -14.47 12.62 -28.95
N PRO F 644 -14.22 13.10 -27.75
CA PRO F 644 -14.76 14.38 -27.37
C PRO F 644 -14.35 15.44 -28.37
N PRO F 645 -15.30 16.19 -28.91
CA PRO F 645 -15.01 17.09 -30.01
C PRO F 645 -14.20 18.29 -29.53
N GLN F 646 -13.40 18.83 -30.44
CA GLN F 646 -12.59 19.98 -30.11
C GLN F 646 -13.47 21.17 -29.78
N ILE F 647 -12.96 22.06 -28.95
CA ILE F 647 -13.69 23.21 -28.47
C ILE F 647 -12.81 24.43 -28.73
N LEU F 648 -13.23 25.27 -29.68
CA LEU F 648 -12.42 26.37 -30.18
C LEU F 648 -13.00 27.68 -29.71
N ILE F 649 -12.14 28.66 -29.43
CA ILE F 649 -12.58 29.88 -28.79
C ILE F 649 -11.66 31.01 -29.22
N LYS F 650 -12.18 32.24 -29.17
CA LYS F 650 -11.43 33.41 -29.61
C LYS F 650 -11.98 34.66 -28.93
N ASN F 651 -11.19 35.73 -29.00
CA ASN F 651 -11.69 37.06 -28.71
C ASN F 651 -12.28 37.65 -29.99
N THR F 652 -13.51 38.13 -29.92
CA THR F 652 -14.14 38.72 -31.10
C THR F 652 -13.41 40.01 -31.45
N PRO F 653 -12.87 40.15 -32.67
CA PRO F 653 -12.00 41.28 -33.01
C PRO F 653 -12.76 42.58 -33.12
N THR F 672 -6.53 46.34 -27.97
CA THR F 672 -5.87 45.54 -26.95
C THR F 672 -6.89 44.90 -26.02
N GLN F 673 -7.26 43.66 -26.34
CA GLN F 673 -8.41 43.02 -25.74
C GLN F 673 -8.06 41.60 -25.32
N TYR F 674 -8.40 41.24 -24.08
CA TYR F 674 -8.33 39.85 -23.66
C TYR F 674 -9.62 39.49 -22.95
N SER F 675 -9.72 38.24 -22.52
CA SER F 675 -10.93 37.73 -21.88
C SER F 675 -10.58 36.60 -20.91
N THR F 676 -11.34 36.54 -19.81
CA THR F 676 -11.17 35.47 -18.82
C THR F 676 -12.48 34.71 -18.70
N GLY F 677 -12.50 33.75 -17.77
CA GLY F 677 -13.72 32.98 -17.54
C GLY F 677 -13.53 31.80 -16.62
N GLN F 678 -14.43 30.81 -16.77
CA GLN F 678 -14.42 29.58 -15.99
C GLN F 678 -14.78 28.41 -16.91
N VAL F 679 -14.20 27.24 -16.62
CA VAL F 679 -14.48 26.02 -17.39
C VAL F 679 -14.62 24.87 -16.44
N SER F 680 -15.79 24.23 -16.42
CA SER F 680 -16.02 23.04 -15.61
C SER F 680 -16.27 21.84 -16.50
N VAL F 681 -15.30 20.94 -16.57
CA VAL F 681 -15.42 19.75 -17.39
C VAL F 681 -15.77 18.60 -16.47
N GLU F 682 -16.59 17.67 -16.96
CA GLU F 682 -17.03 16.51 -16.22
C GLU F 682 -16.89 15.29 -17.10
N ILE F 683 -16.45 14.17 -16.52
CA ILE F 683 -16.37 12.90 -17.22
C ILE F 683 -16.93 11.83 -16.30
N GLU F 684 -17.54 10.80 -16.88
CA GLU F 684 -18.09 9.70 -16.11
C GLU F 684 -17.41 8.41 -16.52
N TRP F 685 -17.03 7.61 -15.52
CA TRP F 685 -16.18 6.46 -15.69
C TRP F 685 -16.89 5.22 -15.17
N GLU F 686 -17.07 4.22 -16.03
CA GLU F 686 -17.66 2.95 -15.63
C GLU F 686 -16.54 2.03 -15.15
N LEU F 687 -16.80 1.31 -14.05
CA LEU F 687 -15.78 0.57 -13.33
C LEU F 687 -15.99 -0.93 -13.46
N GLN F 688 -14.91 -1.67 -13.26
CA GLN F 688 -14.92 -3.13 -13.26
C GLN F 688 -14.32 -3.61 -11.94
N LYS F 689 -15.14 -4.22 -11.09
CA LYS F 689 -14.72 -4.53 -9.72
C LYS F 689 -13.94 -5.83 -9.60
N GLU F 690 -13.16 -5.90 -8.53
CA GLU F 690 -12.29 -7.03 -8.23
C GLU F 690 -13.07 -8.25 -7.76
N ASN F 691 -12.97 -9.34 -8.51
CA ASN F 691 -13.60 -10.60 -8.17
C ASN F 691 -12.63 -11.62 -7.58
N SER F 692 -11.38 -11.24 -7.36
CA SER F 692 -10.30 -12.20 -7.13
C SER F 692 -10.41 -12.90 -5.78
N LYS F 693 -10.03 -14.19 -5.77
CA LYS F 693 -10.06 -15.06 -4.59
C LYS F 693 -8.73 -15.13 -3.86
N ARG F 694 -7.75 -14.35 -4.28
CA ARG F 694 -6.39 -14.46 -3.76
C ARG F 694 -6.38 -14.47 -2.24
N TRP F 695 -5.57 -15.36 -1.67
CA TRP F 695 -5.57 -15.51 -0.22
C TRP F 695 -4.76 -14.42 0.46
N ASN F 696 -3.54 -14.17 0.00
CA ASN F 696 -2.63 -13.27 0.69
C ASN F 696 -2.86 -11.82 0.26
N PRO F 697 -2.36 -10.87 1.02
CA PRO F 697 -2.54 -9.46 0.66
C PRO F 697 -1.95 -9.10 -0.69
N GLU F 698 -2.41 -7.98 -1.23
CA GLU F 698 -2.04 -7.50 -2.56
C GLU F 698 -0.80 -6.62 -2.51
N ILE F 699 -0.55 -5.96 -3.64
CA ILE F 699 0.34 -4.80 -3.68
C ILE F 699 -0.46 -3.55 -3.99
N GLN F 700 -0.37 -2.55 -3.12
CA GLN F 700 -1.15 -1.34 -3.23
C GLN F 700 -0.23 -0.17 -3.52
N TYR F 701 -0.78 0.88 -4.12
CA TYR F 701 -0.05 2.13 -4.16
C TYR F 701 -0.23 2.78 -2.81
N THR F 702 0.86 2.99 -2.11
CA THR F 702 0.80 3.48 -0.75
C THR F 702 1.80 4.61 -0.59
N SER F 703 1.37 5.67 0.07
CA SER F 703 2.31 6.68 0.51
C SER F 703 3.20 6.09 1.59
N ASN F 704 4.49 6.33 1.48
CA ASN F 704 5.40 5.85 2.51
C ASN F 704 5.15 6.59 3.82
N TYR F 705 5.68 6.04 4.91
CA TYR F 705 5.55 6.62 6.23
C TYR F 705 6.64 7.67 6.50
N TYR F 706 7.23 8.14 5.41
CA TYR F 706 8.30 9.12 5.41
C TYR F 706 8.02 10.39 6.18
N LYS F 707 9.04 10.96 6.81
CA LYS F 707 8.89 12.25 7.48
C LYS F 707 9.89 13.14 6.78
N SER F 708 9.40 14.16 6.09
CA SER F 708 10.29 15.01 5.29
C SER F 708 10.05 16.51 5.47
N ASN F 709 10.73 17.30 4.64
CA ASN F 709 10.60 18.76 4.67
C ASN F 709 9.20 19.21 4.30
N ASN F 710 8.63 18.59 3.27
CA ASN F 710 7.28 18.93 2.85
C ASN F 710 6.52 17.71 2.34
N VAL F 711 5.21 17.73 2.54
CA VAL F 711 4.33 16.64 2.14
C VAL F 711 4.28 16.46 0.64
N GLU F 712 4.20 15.20 0.20
CA GLU F 712 4.11 14.88 -1.22
C GLU F 712 2.75 15.25 -1.79
N PHE F 713 2.71 15.46 -3.09
CA PHE F 713 1.48 15.85 -3.79
C PHE F 713 0.83 17.05 -3.13
N ALA F 714 1.64 17.94 -2.56
CA ALA F 714 1.12 19.14 -1.93
C ALA F 714 2.04 20.30 -2.25
N VAL F 715 1.57 21.51 -2.00
CA VAL F 715 2.32 22.72 -2.29
C VAL F 715 3.48 22.87 -1.33
N ASN F 716 4.58 23.45 -1.80
CA ASN F 716 5.69 23.71 -0.90
C ASN F 716 5.52 25.13 -0.36
N THR F 717 6.54 25.68 0.31
CA THR F 717 6.40 26.99 0.91
C THR F 717 6.00 28.05 -0.10
N GLU F 718 6.73 28.16 -1.21
CA GLU F 718 6.44 29.20 -2.18
C GLU F 718 5.07 29.06 -2.82
N GLY F 719 4.34 27.99 -2.56
CA GLY F 719 3.07 27.81 -3.20
C GLY F 719 3.11 26.97 -4.43
N VAL F 720 4.27 26.41 -4.77
CA VAL F 720 4.38 25.55 -5.93
C VAL F 720 3.80 24.19 -5.60
N TYR F 721 2.86 23.73 -6.40
CA TYR F 721 2.31 22.39 -6.30
C TYR F 721 3.02 21.47 -7.27
N SER F 722 3.61 20.40 -6.77
CA SER F 722 4.42 19.53 -7.61
C SER F 722 4.04 18.06 -7.39
N GLU F 723 4.11 17.29 -8.47
CA GLU F 723 3.89 15.85 -8.47
C GLU F 723 5.23 15.15 -8.41
N PRO F 724 5.49 14.32 -7.40
CA PRO F 724 6.80 13.71 -7.30
C PRO F 724 7.03 12.43 -8.10
N ARG F 725 5.99 11.71 -8.47
CA ARG F 725 6.16 10.46 -9.20
C ARG F 725 5.10 10.17 -10.25
N PRO F 726 5.42 9.28 -11.20
CA PRO F 726 4.44 8.84 -12.18
C PRO F 726 3.69 7.71 -11.48
N ILE F 727 2.37 7.65 -11.59
CA ILE F 727 1.63 6.62 -10.90
C ILE F 727 0.90 5.80 -11.93
N GLY F 728 1.29 4.54 -12.09
CA GLY F 728 0.65 3.65 -13.01
C GLY F 728 -0.60 3.02 -12.43
N THR F 729 -1.42 2.50 -13.32
CA THR F 729 -2.75 2.03 -12.94
C THR F 729 -2.77 0.56 -12.53
N ARG F 730 -1.69 -0.17 -12.75
CA ARG F 730 -1.70 -1.63 -12.64
C ARG F 730 -1.01 -2.06 -11.36
N TYR F 731 -1.80 -2.48 -10.37
CA TYR F 731 -1.33 -2.98 -9.07
C TYR F 731 -1.96 -4.31 -8.72
N LEU F 732 -3.28 -4.35 -8.65
CA LEU F 732 -3.96 -5.61 -8.36
C LEU F 732 -3.63 -6.66 -9.41
N THR F 733 -3.84 -7.92 -9.05
CA THR F 733 -3.51 -8.99 -9.95
C THR F 733 -4.72 -9.83 -10.31
N ARG F 734 -4.66 -10.43 -11.49
CA ARG F 734 -5.58 -11.46 -11.91
C ARG F 734 -4.77 -12.69 -12.30
N ASN F 735 -5.45 -13.82 -12.41
CA ASN F 735 -4.84 -14.94 -13.10
C ASN F 735 -4.75 -14.64 -14.59
N LEU F 736 -3.85 -15.34 -15.26
CA LEU F 736 -3.71 -15.21 -16.70
C LEU F 736 -4.66 -16.18 -17.39
N GLU G 1 17.91 7.38 -9.03
CA GLU G 1 18.06 8.81 -8.80
C GLU G 1 18.39 9.08 -7.34
N VAL G 2 18.69 8.00 -6.61
CA VAL G 2 19.05 8.10 -5.20
C VAL G 2 20.55 8.31 -5.08
N GLN G 3 20.95 9.41 -4.47
CA GLN G 3 22.31 9.90 -4.57
C GLN G 3 22.82 10.27 -3.19
N LEU G 4 23.84 9.55 -2.73
CA LEU G 4 24.58 9.91 -1.53
C LEU G 4 25.98 10.30 -1.95
N VAL G 5 26.34 11.55 -1.70
CA VAL G 5 27.62 12.09 -2.12
C VAL G 5 28.19 12.92 -0.99
N GLU G 6 29.39 12.56 -0.55
CA GLU G 6 30.03 13.17 0.61
C GLU G 6 31.28 13.92 0.18
N SER G 7 31.46 15.11 0.75
CA SER G 7 32.63 15.92 0.44
C SER G 7 33.78 15.45 1.32
N GLY G 8 33.62 15.62 2.63
CA GLY G 8 34.66 15.18 3.54
C GLY G 8 35.97 15.89 3.30
N GLY G 9 37.07 15.18 3.58
CA GLY G 9 38.38 15.77 3.57
C GLY G 9 39.48 14.81 3.18
N GLY G 10 40.63 15.40 2.87
CA GLY G 10 41.82 14.68 2.46
C GLY G 10 42.86 14.54 3.55
N LEU G 11 44.12 14.61 3.11
CA LEU G 11 45.28 14.44 3.99
C LEU G 11 45.19 15.33 5.22
N VAL G 12 45.56 14.77 6.37
CA VAL G 12 45.57 15.51 7.63
C VAL G 12 46.61 14.90 8.55
N GLN G 13 47.02 15.68 9.55
CA GLN G 13 48.11 15.28 10.43
C GLN G 13 47.61 14.37 11.54
N PRO G 14 48.46 13.50 12.05
CA PRO G 14 48.10 12.72 13.24
C PRO G 14 47.83 13.64 14.42
N GLY G 15 46.97 13.19 15.32
CA GLY G 15 46.56 14.02 16.43
C GLY G 15 45.67 15.17 16.06
N GLY G 16 45.44 15.42 14.78
CA GLY G 16 44.61 16.52 14.32
C GLY G 16 43.15 16.17 14.33
N SER G 17 42.40 16.85 13.48
CA SER G 17 40.95 16.73 13.45
C SER G 17 40.46 16.85 12.01
N LEU G 18 39.25 16.37 11.77
CA LEU G 18 38.67 16.35 10.44
C LEU G 18 37.15 16.35 10.57
N ARG G 19 36.46 16.89 9.57
CA ARG G 19 35.02 16.90 9.52
C ARG G 19 34.52 16.39 8.19
N LEU G 20 33.82 15.26 8.21
CA LEU G 20 33.23 14.67 7.01
C LEU G 20 31.75 15.02 6.99
N SER G 21 31.25 15.39 5.81
CA SER G 21 29.84 15.69 5.63
C SER G 21 29.32 14.97 4.40
N CYS G 22 28.03 14.67 4.41
CA CYS G 22 27.37 13.89 3.36
C CYS G 22 26.13 14.64 2.88
N SER G 23 25.65 14.30 1.69
CA SER G 23 24.50 14.98 1.12
C SER G 23 23.54 13.98 0.51
N ALA G 24 22.33 13.91 1.03
CA ALA G 24 21.33 12.96 0.59
C ALA G 24 20.35 13.64 -0.34
N SER G 25 20.23 13.13 -1.56
CA SER G 25 19.40 13.75 -2.59
C SER G 25 18.65 12.69 -3.36
N GLY G 26 17.36 12.90 -3.54
CA GLY G 26 16.52 11.95 -4.25
C GLY G 26 15.65 11.08 -3.39
N PHE G 27 15.99 10.88 -2.12
CA PHE G 27 15.17 10.09 -1.22
C PHE G 27 14.92 10.88 0.04
N HIS G 28 13.88 10.51 0.78
CA HIS G 28 13.56 11.19 2.03
C HIS G 28 14.67 10.83 3.01
N PHE G 29 15.39 11.83 3.48
CA PHE G 29 16.56 11.53 4.30
C PHE G 29 16.21 11.39 5.77
N SER G 30 15.05 11.89 6.18
CA SER G 30 14.80 12.03 7.60
C SER G 30 14.32 10.72 8.20
N SER G 31 13.88 9.80 7.35
CA SER G 31 13.34 8.55 7.85
C SER G 31 14.44 7.54 8.16
N TYR G 32 15.43 7.43 7.28
CA TYR G 32 16.41 6.37 7.35
C TYR G 32 17.37 6.59 8.50
N GLU G 33 18.04 5.52 8.89
CA GLU G 33 19.30 5.66 9.61
C GLU G 33 20.36 6.07 8.60
N MET G 34 21.54 6.31 9.10
CA MET G 34 22.70 6.50 8.25
C MET G 34 23.89 5.85 8.94
N ASN G 35 24.83 5.37 8.16
CA ASN G 35 25.98 4.69 8.70
C ASN G 35 27.24 5.37 8.19
N TRP G 36 28.28 5.36 9.00
CA TRP G 36 29.64 5.61 8.53
C TRP G 36 30.38 4.29 8.60
N VAL G 37 30.86 3.81 7.46
CA VAL G 37 31.74 2.66 7.43
C VAL G 37 33.01 3.09 6.72
N ARG G 38 34.10 2.37 6.97
CA ARG G 38 35.39 2.73 6.40
C ARG G 38 36.08 1.48 5.88
N GLN G 39 36.80 1.63 4.78
CA GLN G 39 37.56 0.53 4.21
C GLN G 39 39.01 0.96 4.15
N ALA G 40 39.84 0.39 5.02
CA ALA G 40 41.25 0.67 4.95
C ALA G 40 41.78 0.16 3.61
N PRO G 41 42.86 0.76 3.10
CA PRO G 41 43.20 0.52 1.68
C PRO G 41 43.37 -0.93 1.29
N GLY G 42 43.94 -1.77 2.15
CA GLY G 42 44.13 -3.16 1.84
C GLY G 42 43.19 -4.11 2.52
N LYS G 43 42.24 -3.62 3.33
CA LYS G 43 41.45 -4.44 4.21
C LYS G 43 39.97 -4.20 3.97
N GLY G 44 39.15 -5.07 4.54
CA GLY G 44 37.72 -5.03 4.29
C GLY G 44 37.00 -3.98 5.09
N LEU G 45 35.68 -3.93 4.89
CA LEU G 45 34.87 -2.88 5.47
C LEU G 45 34.80 -3.02 6.99
N GLU G 46 34.69 -1.88 7.66
CA GLU G 46 34.57 -1.80 9.10
C GLU G 46 33.53 -0.73 9.38
N TRP G 47 32.61 -0.99 10.30
CA TRP G 47 31.56 -0.03 10.58
C TRP G 47 31.92 0.88 11.73
N VAL G 48 32.17 2.15 11.43
CA VAL G 48 32.50 3.13 12.46
C VAL G 48 31.39 3.57 13.41
N SER G 49 30.24 3.96 12.86
CA SER G 49 29.08 4.41 13.65
C SER G 49 27.80 4.50 12.82
N TYR G 50 26.67 4.62 13.50
CA TYR G 50 25.37 4.78 12.83
C TYR G 50 24.56 5.83 13.57
N ILE G 51 23.63 6.47 12.89
CA ILE G 51 22.78 7.46 13.54
C ILE G 51 21.35 7.27 13.09
N SER G 52 20.43 7.28 14.04
CA SER G 52 19.01 7.08 13.77
C SER G 52 18.38 8.28 13.11
N SER G 53 17.21 8.08 12.50
CA SER G 53 16.56 9.18 11.81
C SER G 53 16.24 10.33 12.75
N SER G 54 15.77 10.03 13.94
CA SER G 54 15.45 11.07 14.90
C SER G 54 16.65 11.50 15.70
N GLY G 55 17.74 10.75 15.60
CA GLY G 55 18.96 11.05 16.32
C GLY G 55 18.98 10.56 17.76
N THR G 56 17.95 9.84 18.17
CA THR G 56 17.87 9.31 19.53
C THR G 56 18.96 8.30 19.84
N TYR G 57 19.24 7.43 18.88
CA TYR G 57 20.28 6.43 19.09
C TYR G 57 21.48 6.66 18.19
N ILE G 58 22.63 6.89 18.81
CA ILE G 58 23.90 7.09 18.13
C ILE G 58 24.83 6.14 18.85
N ASP G 59 25.35 5.17 18.12
CA ASP G 59 26.21 4.16 18.71
C ASP G 59 27.48 4.07 17.90
N TYR G 60 28.58 3.82 18.59
CA TYR G 60 29.90 3.74 17.99
C TYR G 60 30.48 2.36 18.25
N ALA G 61 30.97 1.70 17.21
CA ALA G 61 31.82 0.55 17.43
C ALA G 61 33.03 1.01 18.21
N ASP G 62 33.48 0.22 19.15
CA ASP G 62 34.56 0.72 19.98
C ASP G 62 35.88 0.37 19.32
N SER G 63 36.39 1.35 18.59
CA SER G 63 37.79 1.57 18.27
C SER G 63 37.93 3.05 18.47
N VAL G 64 37.17 3.78 17.65
CA VAL G 64 36.95 5.20 17.78
C VAL G 64 36.30 5.63 19.09
N LYS G 65 35.44 4.81 19.69
CA LYS G 65 34.41 5.34 20.57
C LYS G 65 34.98 6.34 21.56
N GLY G 66 34.38 7.52 21.58
CA GLY G 66 34.87 8.65 22.33
C GLY G 66 35.63 9.68 21.54
N ARG G 67 36.23 9.31 20.40
CA ARG G 67 36.96 10.27 19.58
C ARG G 67 36.18 10.86 18.41
N PHE G 68 35.04 10.32 18.03
CA PHE G 68 34.24 10.89 16.94
C PHE G 68 32.87 11.27 17.46
N THR G 69 32.18 12.12 16.71
CA THR G 69 30.76 12.37 16.92
C THR G 69 30.06 12.25 15.57
N ILE G 70 28.75 12.10 15.60
CA ILE G 70 27.96 11.96 14.39
C ILE G 70 26.73 12.84 14.55
N SER G 71 26.36 13.56 13.48
CA SER G 71 25.23 14.47 13.51
C SER G 71 24.56 14.49 12.15
N ARG G 72 23.28 14.78 12.13
CA ARG G 72 22.53 14.81 10.89
C ARG G 72 21.53 15.95 10.97
N ASP G 73 21.44 16.74 9.90
CA ASP G 73 20.50 17.84 9.82
C ASP G 73 19.42 17.45 8.83
N ASN G 74 18.24 17.13 9.35
CA ASN G 74 17.18 16.63 8.47
C ASN G 74 16.69 17.67 7.48
N PRO G 75 16.42 18.93 7.85
CA PRO G 75 16.07 19.90 6.82
C PRO G 75 17.16 20.15 5.79
N ALA G 76 18.42 19.91 6.16
CA ALA G 76 19.50 20.15 5.21
C ALA G 76 19.92 18.89 4.49
N ASN G 77 19.29 17.75 4.81
CA ASN G 77 19.60 16.47 4.18
C ASN G 77 21.09 16.17 4.19
N SER G 78 21.73 16.37 5.33
CA SER G 78 23.17 16.25 5.41
C SER G 78 23.57 15.55 6.68
N LEU G 79 24.38 14.50 6.52
CA LEU G 79 24.94 13.75 7.63
C LEU G 79 26.35 14.28 7.88
N TYR G 80 26.76 14.30 9.14
CA TYR G 80 28.07 14.81 9.52
C TYR G 80 28.78 13.80 10.39
N LEU G 81 30.07 13.61 10.16
CA LEU G 81 30.95 12.88 11.07
C LEU G 81 32.15 13.76 11.35
N GLN G 82 32.28 14.21 12.58
CA GLN G 82 33.44 15.00 12.98
C GLN G 82 34.30 14.15 13.89
N MET G 83 35.61 14.23 13.70
CA MET G 83 36.54 13.32 14.32
C MET G 83 37.71 14.09 14.91
N TYR G 84 38.13 13.68 16.10
CA TYR G 84 39.28 14.28 16.77
C TYR G 84 40.29 13.21 17.11
N SER G 85 41.50 13.66 17.44
CA SER G 85 42.57 12.79 17.90
C SER G 85 42.81 11.65 16.91
N LEU G 86 42.96 12.01 15.63
CA LEU G 86 43.14 11.01 14.61
C LEU G 86 44.43 10.24 14.81
N ARG G 87 44.40 8.98 14.41
CA ARG G 87 45.55 8.09 14.44
C ARG G 87 45.84 7.65 13.01
N ALA G 88 46.92 6.89 12.85
CA ALA G 88 47.14 6.23 11.57
C ALA G 88 46.24 5.02 11.44
N GLU G 89 45.80 4.48 12.59
CA GLU G 89 44.81 3.41 12.60
C GLU G 89 43.51 3.86 11.93
N ASP G 90 43.35 5.17 11.73
CA ASP G 90 42.23 5.66 10.92
C ASP G 90 42.79 6.30 9.65
N THR G 91 42.86 5.50 8.60
CA THR G 91 43.05 5.98 7.24
C THR G 91 42.24 5.06 6.35
N ALA G 92 41.23 5.60 5.70
CA ALA G 92 40.32 4.71 4.99
C ALA G 92 39.55 5.54 3.99
N VAL G 93 38.88 4.85 3.08
CA VAL G 93 37.79 5.45 2.35
C VAL G 93 36.56 5.34 3.22
N TYR G 94 35.96 6.47 3.56
CA TYR G 94 34.77 6.51 4.38
C TYR G 94 33.52 6.57 3.51
N TYR G 95 32.57 5.69 3.78
CA TYR G 95 31.33 5.65 3.01
C TYR G 95 30.18 6.19 3.83
N CYS G 96 29.30 6.88 3.13
CA CYS G 96 28.03 7.35 3.66
C CYS G 96 26.98 6.38 3.15
N ALA G 97 26.46 5.54 4.04
CA ALA G 97 25.50 4.52 3.64
C ALA G 97 24.30 4.55 4.58
N ARG G 98 23.18 4.04 4.09
CA ARG G 98 21.94 4.00 4.85
C ARG G 98 21.42 2.58 4.90
N ARG G 99 20.64 2.27 5.93
CA ARG G 99 20.14 0.90 6.06
C ARG G 99 18.76 0.71 5.46
N LEU G 100 18.39 -0.53 5.19
CA LEU G 100 17.14 -0.82 4.53
C LEU G 100 15.92 -0.33 5.28
N TRP G 101 15.01 0.25 4.51
CA TRP G 101 13.75 0.76 5.01
C TRP G 101 12.73 0.46 3.94
N PHE G 102 11.48 0.24 4.33
CA PHE G 102 10.46 -0.05 3.33
C PHE G 102 9.23 0.82 3.47
N GLY G 103 9.34 1.87 4.28
CA GLY G 103 8.25 2.80 4.42
C GLY G 103 7.01 2.22 5.06
N GLU G 104 7.14 1.61 6.22
CA GLU G 104 5.97 1.07 6.86
C GLU G 104 5.80 1.74 8.19
N LEU G 105 4.96 1.13 9.04
CA LEU G 105 4.72 1.62 10.38
C LEU G 105 5.84 1.17 11.30
N PRO G 106 5.88 1.72 12.52
CA PRO G 106 6.90 1.41 13.52
C PRO G 106 6.93 -0.05 13.99
N TYR G 107 8.09 -0.43 14.50
CA TYR G 107 8.52 -1.77 14.96
C TYR G 107 8.86 -2.67 13.78
N SER G 108 9.24 -2.06 12.66
CA SER G 108 9.63 -2.81 11.50
C SER G 108 11.10 -2.54 11.21
N TYR G 109 11.89 -3.59 11.17
CA TYR G 109 13.32 -3.44 10.92
C TYR G 109 13.84 -4.37 9.85
N TYR G 110 14.78 -3.86 9.06
CA TYR G 110 15.36 -4.62 7.97
C TYR G 110 16.86 -4.52 8.09
N TYR G 111 17.56 -5.61 7.85
CA TYR G 111 18.98 -5.67 8.15
C TYR G 111 19.77 -5.79 6.86
N GLY G 112 20.38 -4.66 6.52
CA GLY G 112 21.24 -4.54 5.36
C GLY G 112 21.22 -3.09 4.97
N MET G 113 22.14 -2.71 4.10
CA MET G 113 22.37 -1.30 3.81
C MET G 113 22.11 -1.05 2.34
N ASP G 114 21.11 -0.22 2.09
CA ASP G 114 20.44 -0.21 0.80
C ASP G 114 21.25 0.53 -0.25
N VAL G 115 21.73 1.73 0.08
CA VAL G 115 22.36 2.63 -0.88
C VAL G 115 23.67 3.08 -0.27
N TRP G 116 24.68 3.31 -1.10
CA TRP G 116 26.02 3.57 -0.60
C TRP G 116 26.60 4.85 -1.21
N GLY G 117 27.44 5.53 -0.44
CA GLY G 117 28.13 6.67 -0.97
C GLY G 117 29.36 6.27 -1.75
N GLN G 118 29.70 7.09 -2.75
CA GLN G 118 30.82 6.74 -3.61
C GLN G 118 32.15 6.84 -2.87
N GLY G 119 32.17 7.47 -1.71
CA GLY G 119 33.33 7.41 -0.85
C GLY G 119 34.13 8.70 -0.83
N THR G 120 34.87 8.88 0.26
CA THR G 120 35.91 9.89 0.38
C THR G 120 37.14 9.29 1.05
N THR G 121 38.30 9.60 0.49
CA THR G 121 39.56 9.08 0.97
C THR G 121 40.06 9.96 2.09
N VAL G 122 40.50 9.35 3.19
CA VAL G 122 41.06 10.07 4.31
C VAL G 122 42.45 9.52 4.59
N THR G 123 43.45 10.38 4.51
CA THR G 123 44.84 9.99 4.72
C THR G 123 45.36 10.71 5.96
N VAL G 124 45.60 9.95 7.02
CA VAL G 124 46.18 10.49 8.23
C VAL G 124 47.63 10.00 8.27
N SER G 125 48.56 10.92 8.05
CA SER G 125 49.96 10.57 7.91
C SER G 125 50.81 11.66 8.55
N SER G 126 51.90 11.23 9.21
CA SER G 126 52.75 12.22 9.87
C SER G 126 53.59 12.98 8.85
N ALA G 127 54.24 12.27 7.94
CA ALA G 127 55.05 12.93 6.93
C ALA G 127 54.15 13.66 5.94
N ALA H 1 35.04 -10.67 14.94
CA ALA H 1 34.27 -10.38 13.72
C ALA H 1 33.82 -11.67 13.05
N LEU H 2 33.47 -11.55 11.77
CA LEU H 2 33.03 -12.68 10.98
C LEU H 2 34.17 -13.19 10.12
N THR H 3 34.45 -14.49 10.24
CA THR H 3 35.55 -15.11 9.52
C THR H 3 35.03 -15.71 8.22
N GLN H 4 35.63 -15.29 7.11
CA GLN H 4 35.31 -15.83 5.79
C GLN H 4 36.61 -15.92 5.02
N PRO H 5 36.67 -16.78 4.00
CA PRO H 5 37.96 -17.08 3.37
C PRO H 5 38.59 -15.85 2.75
N ALA H 6 39.89 -15.96 2.47
CA ALA H 6 40.58 -14.86 1.81
C ALA H 6 40.13 -14.74 0.36
N SER H 7 40.00 -15.87 -0.33
CA SER H 7 39.61 -15.81 -1.73
C SER H 7 38.97 -17.13 -2.16
N VAL H 8 38.22 -17.05 -3.26
CA VAL H 8 37.51 -18.18 -3.85
C VAL H 8 37.60 -18.00 -5.36
N SER H 9 37.73 -19.11 -6.09
CA SER H 9 37.78 -19.07 -7.54
C SER H 9 36.85 -20.12 -8.12
N GLY H 10 36.33 -19.84 -9.31
CA GLY H 10 35.45 -20.78 -9.98
C GLY H 10 35.56 -20.63 -11.48
N SER H 11 35.17 -21.69 -12.19
CA SER H 11 35.15 -21.68 -13.63
C SER H 11 33.79 -21.21 -14.13
N PRO H 12 33.76 -20.52 -15.27
CA PRO H 12 32.49 -19.95 -15.74
C PRO H 12 31.46 -21.02 -15.98
N GLY H 13 30.22 -20.71 -15.60
CA GLY H 13 29.14 -21.65 -15.78
C GLY H 13 28.70 -22.39 -14.55
N GLN H 14 29.55 -22.50 -13.53
CA GLN H 14 29.27 -23.34 -12.38
C GLN H 14 29.07 -22.52 -11.12
N SER H 15 28.15 -22.97 -10.28
CA SER H 15 27.78 -22.27 -9.06
C SER H 15 28.76 -22.55 -7.93
N ILE H 16 29.19 -21.50 -7.24
CA ILE H 16 30.12 -21.63 -6.12
C ILE H 16 29.59 -20.87 -4.92
N THR H 17 30.15 -21.18 -3.75
CA THR H 17 29.58 -20.76 -2.48
C THR H 17 30.65 -20.24 -1.54
N ILE H 18 30.44 -19.06 -1.00
CA ILE H 18 31.30 -18.43 0.00
C ILE H 18 30.60 -18.54 1.34
N SER H 19 31.37 -18.71 2.40
CA SER H 19 30.82 -18.83 3.75
C SER H 19 31.47 -17.84 4.68
N CYS H 20 30.72 -17.40 5.69
CA CYS H 20 31.26 -16.57 6.75
C CYS H 20 30.73 -17.05 8.09
N THR H 21 31.64 -17.37 9.01
CA THR H 21 31.30 -17.98 10.27
C THR H 21 31.39 -16.96 11.40
N GLY H 22 30.45 -17.03 12.34
CA GLY H 22 30.41 -16.06 13.42
C GLY H 22 29.91 -16.67 14.72
N THR H 23 30.06 -15.90 15.79
CA THR H 23 29.65 -16.32 17.12
C THR H 23 28.13 -16.27 17.26
N SER H 24 27.63 -16.94 18.29
CA SER H 24 26.19 -17.09 18.44
C SER H 24 25.49 -15.76 18.70
N SER H 25 26.25 -14.72 19.05
CA SER H 25 25.63 -13.40 19.16
C SER H 25 25.52 -12.74 17.80
N ASP H 26 26.46 -13.00 16.91
CA ASP H 26 26.45 -12.33 15.61
C ASP H 26 25.45 -12.98 14.67
N ILE H 27 25.48 -14.31 14.57
CA ILE H 27 24.74 -15.06 13.57
C ILE H 27 23.93 -16.15 14.22
N GLY H 28 24.61 -17.06 14.93
CA GLY H 28 23.94 -18.21 15.49
C GLY H 28 22.64 -17.87 16.18
N GLY H 29 22.64 -16.84 17.02
CA GLY H 29 21.41 -16.45 17.69
C GLY H 29 20.48 -15.64 16.81
N TYR H 30 21.02 -14.61 16.14
CA TYR H 30 20.18 -13.64 15.48
C TYR H 30 20.18 -13.86 13.97
N ASN H 31 19.07 -13.55 13.31
CA ASN H 31 19.01 -13.73 11.87
C ASN H 31 19.15 -12.36 11.23
N TYR H 32 20.39 -11.89 11.09
CA TYR H 32 20.64 -10.53 10.61
C TYR H 32 21.50 -10.41 9.35
N VAL H 33 22.05 -11.50 8.80
CA VAL H 33 23.21 -11.37 7.91
C VAL H 33 22.84 -10.61 6.66
N SER H 34 23.85 -10.14 5.93
CA SER H 34 23.66 -9.58 4.60
C SER H 34 24.96 -9.61 3.82
N TRP H 35 24.85 -9.54 2.50
CA TRP H 35 25.94 -9.78 1.59
C TRP H 35 26.11 -8.65 0.59
N TYR H 36 27.35 -8.31 0.28
CA TYR H 36 27.67 -7.20 -0.60
C TYR H 36 28.74 -7.62 -1.59
N GLN H 37 28.54 -7.30 -2.86
CA GLN H 37 29.63 -7.37 -3.82
C GLN H 37 30.27 -6.01 -3.90
N GLN H 38 31.58 -5.98 -4.10
CA GLN H 38 32.26 -4.72 -4.31
C GLN H 38 33.28 -4.89 -5.42
N HIS H 39 33.42 -3.88 -6.24
CA HIS H 39 34.44 -3.81 -7.26
C HIS H 39 35.44 -2.74 -6.86
N PRO H 40 36.70 -2.87 -7.29
CA PRO H 40 37.72 -1.95 -6.79
C PRO H 40 37.35 -0.50 -7.08
N GLY H 41 37.37 0.31 -6.04
CA GLY H 41 37.05 1.71 -6.18
C GLY H 41 35.60 2.01 -6.48
N LYS H 42 34.69 1.08 -6.20
CA LYS H 42 33.28 1.35 -6.32
C LYS H 42 32.63 1.13 -4.97
N ALA H 43 31.60 1.90 -4.68
CA ALA H 43 30.87 1.69 -3.44
C ALA H 43 30.22 0.32 -3.47
N PRO H 44 30.16 -0.38 -2.35
CA PRO H 44 29.58 -1.72 -2.35
C PRO H 44 28.14 -1.66 -2.81
N GLU H 45 27.67 -2.76 -3.37
CA GLU H 45 26.29 -2.89 -3.79
C GLU H 45 25.68 -4.06 -3.04
N LEU H 46 24.51 -3.85 -2.46
CA LEU H 46 23.87 -4.89 -1.68
C LEU H 46 23.36 -6.00 -2.58
N LEU H 47 23.57 -7.25 -2.17
CA LEU H 47 23.02 -8.41 -2.85
C LEU H 47 21.86 -9.01 -2.08
N ILE H 48 22.13 -9.48 -0.88
CA ILE H 48 21.20 -10.24 -0.05
C ILE H 48 21.04 -9.54 1.28
N PHE H 49 19.80 -9.31 1.70
CA PHE H 49 19.55 -8.81 3.04
C PHE H 49 18.67 -9.80 3.76
N ASP H 50 18.65 -9.69 5.10
CA ASP H 50 18.24 -10.78 5.95
C ASP H 50 19.06 -11.98 5.52
N VAL H 51 18.50 -13.18 5.54
CA VAL H 51 19.28 -14.30 5.12
C VAL H 51 19.08 -14.53 3.63
N SER H 52 17.86 -14.92 3.27
CA SER H 52 17.53 -15.21 1.88
C SER H 52 16.88 -14.09 1.07
N ASN H 53 16.42 -13.03 1.72
CA ASN H 53 15.75 -11.93 1.03
C ASN H 53 16.69 -11.21 0.08
N ARG H 54 16.17 -10.77 -1.06
CA ARG H 54 16.98 -10.05 -2.02
C ARG H 54 16.29 -8.80 -2.59
N PRO H 55 17.05 -7.71 -2.77
CA PRO H 55 16.55 -6.44 -3.32
C PRO H 55 16.17 -6.54 -4.79
N SER H 56 15.35 -5.61 -5.27
CA SER H 56 14.89 -5.66 -6.66
C SER H 56 15.95 -5.49 -7.75
N GLY H 57 16.90 -4.59 -7.56
CA GLY H 57 17.93 -4.38 -8.57
C GLY H 57 18.83 -5.57 -8.86
N VAL H 58 19.20 -6.29 -7.80
CA VAL H 58 20.11 -7.43 -7.88
C VAL H 58 19.59 -8.63 -8.68
N SER H 59 20.49 -9.25 -9.45
CA SER H 59 20.18 -10.40 -10.30
C SER H 59 19.72 -11.68 -9.59
N ASN H 60 19.23 -12.60 -10.40
CA ASN H 60 18.72 -13.90 -10.00
C ASN H 60 19.82 -14.76 -9.37
N ARG H 61 21.00 -14.76 -9.97
CA ARG H 61 22.00 -15.80 -9.75
C ARG H 61 22.52 -15.79 -8.32
N PHE H 62 22.18 -14.77 -7.55
CA PHE H 62 22.69 -14.61 -6.19
C PHE H 62 21.62 -15.04 -5.21
N SER H 63 21.95 -16.00 -4.36
CA SER H 63 21.04 -16.45 -3.33
C SER H 63 21.78 -16.49 -2.02
N GLY H 64 21.10 -16.86 -0.96
CA GLY H 64 21.70 -16.86 0.37
C GLY H 64 21.12 -17.95 1.24
N SER H 65 21.88 -18.32 2.26
CA SER H 65 21.51 -19.43 3.11
C SER H 65 22.17 -19.27 4.48
N LYS H 66 21.56 -19.88 5.47
CA LYS H 66 22.10 -19.91 6.82
C LYS H 66 21.96 -21.35 7.31
N SER H 67 23.10 -22.02 7.48
CA SER H 67 23.07 -23.40 7.97
C SER H 67 23.21 -23.45 9.47
N GLY H 68 23.25 -22.29 10.10
CA GLY H 68 23.37 -22.14 11.53
C GLY H 68 24.81 -21.96 11.93
N ASN H 69 25.05 -21.01 12.82
CA ASN H 69 26.39 -20.59 13.21
C ASN H 69 27.25 -20.27 11.98
N THR H 70 26.62 -20.06 10.82
CA THR H 70 27.32 -19.86 9.55
C THR H 70 26.35 -19.24 8.54
N ALA H 71 26.86 -18.55 7.54
CA ALA H 71 26.05 -17.95 6.48
C ALA H 71 26.81 -18.04 5.17
N SER H 72 26.08 -18.26 4.08
CA SER H 72 26.69 -18.63 2.82
C SER H 72 25.99 -17.97 1.65
N LEU H 73 26.79 -17.51 0.69
CA LEU H 73 26.29 -16.91 -0.54
C LEU H 73 26.56 -17.88 -1.67
N THR H 74 25.52 -18.24 -2.40
CA THR H 74 25.65 -19.16 -3.51
C THR H 74 25.43 -18.41 -4.80
N ILE H 75 26.49 -18.24 -5.59
CA ILE H 75 26.42 -17.61 -6.90
C ILE H 75 26.25 -18.71 -7.94
N SER H 76 25.32 -18.51 -8.86
CA SER H 76 25.06 -19.48 -9.92
C SER H 76 25.47 -18.90 -11.27
N GLY H 77 25.88 -19.79 -12.17
CA GLY H 77 26.18 -19.41 -13.55
C GLY H 77 27.23 -18.33 -13.72
N LEU H 78 28.42 -18.55 -13.20
CA LEU H 78 29.45 -17.51 -13.16
C LEU H 78 29.71 -16.92 -14.53
N GLN H 79 29.96 -15.62 -14.54
CA GLN H 79 30.31 -14.85 -15.72
C GLN H 79 31.57 -14.05 -15.44
N ALA H 80 31.91 -13.17 -16.38
CA ALA H 80 33.02 -12.26 -16.14
C ALA H 80 32.60 -11.09 -15.26
N GLU H 81 31.33 -10.71 -15.30
CA GLU H 81 30.84 -9.63 -14.45
C GLU H 81 30.93 -10.01 -12.98
N ASP H 82 30.87 -11.29 -12.68
CA ASP H 82 30.68 -11.72 -11.30
C ASP H 82 31.96 -11.56 -10.49
N GLU H 83 33.04 -11.12 -11.12
CA GLU H 83 34.29 -10.96 -10.39
C GLU H 83 34.24 -9.72 -9.51
N ALA H 84 34.44 -9.91 -8.22
CA ALA H 84 34.23 -8.86 -7.23
C ALA H 84 34.60 -9.40 -5.86
N ASP H 85 34.57 -8.53 -4.87
CA ASP H 85 34.89 -8.92 -3.51
C ASP H 85 33.64 -8.95 -2.66
N TYR H 86 33.32 -10.10 -2.09
CA TYR H 86 32.05 -10.30 -1.43
C TYR H 86 32.21 -10.21 0.07
N HIS H 87 31.34 -9.42 0.70
CA HIS H 87 31.44 -9.05 2.10
C HIS H 87 30.25 -9.60 2.87
N CYS H 88 30.45 -9.84 4.15
CA CYS H 88 29.47 -10.46 5.02
C CYS H 88 29.17 -9.49 6.15
N CYS H 89 27.91 -9.16 6.35
CA CYS H 89 27.54 -8.16 7.34
C CYS H 89 26.42 -8.68 8.22
N SER H 90 26.59 -8.59 9.54
CA SER H 90 25.55 -9.04 10.45
C SER H 90 25.48 -8.20 11.70
N TYR H 91 24.32 -7.61 11.97
CA TYR H 91 24.16 -6.81 13.18
C TYR H 91 24.30 -7.76 14.36
N THR H 92 25.01 -7.32 15.39
CA THR H 92 25.26 -8.14 16.57
C THR H 92 24.18 -8.06 17.66
N ARG H 93 24.48 -8.71 18.77
CA ARG H 93 23.61 -8.76 19.95
C ARG H 93 23.36 -7.39 20.55
N THR H 94 24.39 -6.54 20.51
CA THR H 94 24.36 -5.18 21.02
C THR H 94 23.88 -4.15 19.99
N SER H 95 23.43 -4.64 18.83
CA SER H 95 22.91 -3.88 17.70
C SER H 95 23.94 -2.98 17.04
N THR H 96 25.20 -3.40 17.09
CA THR H 96 26.28 -2.69 16.45
C THR H 96 26.73 -3.69 15.41
N VAL H 97 26.84 -3.27 14.16
CA VAL H 97 27.20 -4.19 13.08
C VAL H 97 28.67 -4.53 12.94
N ILE H 98 28.95 -5.71 12.40
CA ILE H 98 30.30 -6.14 12.10
C ILE H 98 30.34 -6.78 10.72
N PHE H 99 31.50 -6.67 10.07
CA PHE H 99 31.79 -7.18 8.76
C PHE H 99 32.82 -8.31 8.85
N GLY H 100 33.33 -8.73 7.70
CA GLY H 100 34.38 -9.72 7.64
C GLY H 100 35.36 -9.36 6.55
N GLY H 101 36.47 -10.10 6.52
CA GLY H 101 37.65 -9.60 5.85
C GLY H 101 37.48 -9.38 4.37
N GLY H 102 36.34 -9.77 3.83
CA GLY H 102 36.14 -9.65 2.40
C GLY H 102 36.74 -10.87 1.75
N THR H 103 36.18 -11.30 0.63
CA THR H 103 36.70 -12.43 -0.10
C THR H 103 36.65 -12.10 -1.58
N LYS H 104 37.78 -12.25 -2.26
CA LYS H 104 37.81 -11.96 -3.67
C LYS H 104 37.39 -13.19 -4.45
N LEU H 105 36.59 -12.98 -5.48
CA LEU H 105 36.16 -14.04 -6.36
C LEU H 105 36.88 -13.88 -7.69
N THR H 106 37.62 -14.91 -8.10
CA THR H 106 38.36 -14.88 -9.35
C THR H 106 37.80 -15.89 -10.32
N VAL H 107 37.14 -15.41 -11.37
CA VAL H 107 36.61 -16.26 -12.42
C VAL H 107 37.75 -16.57 -13.37
N LEU H 108 38.03 -17.85 -13.54
CA LEU H 108 39.19 -18.30 -14.29
C LEU H 108 39.00 -18.13 -15.79
#